data_3Q24
#
_entry.id   3Q24
#
_cell.length_a   83.459
_cell.length_b   111.790
_cell.length_c   277.009
_cell.angle_alpha   90.00
_cell.angle_beta   90.00
_cell.angle_gamma   90.00
#
_symmetry.space_group_name_H-M   'P 21 21 21'
#
loop_
_entity.id
_entity.type
_entity.pdbx_description
1 polymer 'Virion RNA polymerase'
2 polymer "DNA (5'-D(*TP*GP*CP*CP*TP*CP*CP*CP*AP*GP*GP*CP*AP*TP*CP*CP*AP*AP*AP*AP*GP*AP*AP*GP*CP*GP*GP*AP*GP*CP*TP*TP*CP*TP*TP*C)-3')"
3 non-polymer "GUANOSINE-5'-TRIPHOSPHATE"
4 non-polymer "GUANOSINE-5'-MONOPHOSPHATE"
5 non-polymer 'DIHYDROGENPHOSPHATE ION'
6 non-polymer 'PYROPHOSPHATE 2-'
7 water water
#
loop_
_entity_poly.entity_id
_entity_poly.type
_entity_poly.pdbx_seq_one_letter_code
_entity_poly.pdbx_strand_id
1 'polypeptide(L)'
;MGGSHHHHHHRSESTVTEELKEGIDAVYPSLVGTADSKAEGIKNYFKLSFTLPEEQKSRTVGSEAPLKDVAQALSSRARY
ELFTEKETANPAFNGEVIKRYKELMEHGEGIADILRSRLAKFLNTKDVGKRFAQGTEANRWVGGKLLNIVEQDGDTFKYN
EQLLQTAVLAGLQWRLTATSNTAIKDAKDVAAITGIDQALLPEGLVEQFDTGMTLTEAVSSLAQKIESYWGLSRNPNAPL
GYTKGIPTAMAAEILAAFVESTDVVENIVDMSEIDPDNKKTIGLYTITELDSFDPINSFPTAIEEAVLVNPTEKMFFGDD
IPPVANTQLRNPAVRNTPEQKAALKAEQATEFYVHTPMVQFYETLGKDRILELMGAGTLNKELLNDNHAKSLEGKNRSVE
DSYNQLFSVIEQVRAQSEDISTVPIHYAYNMTRVGRMQMLGKYNPQSAKLVREAILPTKATLDLSNQNNEDFSAFQLGLA
QALDIKVHTMTREVMSDELTKLLEGNLKPAIDMMVEFNTTGSLPENAVDVLNTALGDRKSFVALMALMEYSRYLVAEDKS
AFVTPLYVEADGVTNGPINAMMLMTGGLFTPDWIRNIAKGGLFIGSPNKTMNEHRSTADNNDLYQASTNALMESLGKLRS
NYASNMPIQSQIDSLLSLMDLFLPDINLGENGALELKRGIAKNPLTITIYGSGARGIAGKLVSSVTDAIYERMSDVLKAR
AKDPNISAAMAMFGKQAASEAHAEELLARFLKDMETLTSTVPVKRKGVLELQSTGTGAKGKINPKTYTIKGEQLKALQEN
MLHFFVEPLRNGITQTVGESLVYSTEQLQKATQIQSVVLEDMFKQRVQEKLAEKAKDPTWKKGDFLTQKELNDIQASLNN
LAPMIETGSQTFYIAGSENAEVANQVLATNLDDRMRVPMSIYAPAQAGVAGIPFMTIGTGDGMMMQTLSTMKGAPKNTLK
IFDGMNIGLNDITDASRKANEAVYTSWQGNPIKNVYESYAKFMKNVDFSKLSPEALEAIGKSALEYDQRENATVDDIANA
ASLIERNLRNIALGVDIRHKVLDKVNLSIDQMAAVGAPYQNNGKIDLSNMTPEQQADELNKLFREELEARKQKVAKA
;
A,B
2 'polydeoxyribonucleotide'
;(DT)(DG)(DC)(DC)(DT)(DC)(DC)(DC)(DA)(DG)(DG)(DC)(DA)(DT)(DC)(DC)(DA)(DA)(DA)(DA)
(DG)(DA)(DA)(DG)(DC)(DG)(DG)(DA)(DG)(DC)(DT)(DT)(DC)(DT)(DT)(DC)
;
C,D
#
# COMPACT_ATOMS: atom_id res chain seq x y z
N GLU A 18 -28.17 -16.49 44.45
CA GLU A 18 -28.05 -16.76 42.99
C GLU A 18 -29.10 -15.98 42.20
N GLU A 19 -28.86 -14.68 42.09
CA GLU A 19 -29.72 -13.73 41.40
C GLU A 19 -29.08 -13.37 40.06
N LEU A 20 -28.33 -14.34 39.53
CA LEU A 20 -27.57 -14.19 38.28
C LEU A 20 -28.48 -14.27 37.05
N LYS A 21 -29.51 -15.11 37.15
CA LYS A 21 -30.52 -15.22 36.09
C LYS A 21 -31.23 -13.89 35.86
N GLU A 22 -31.68 -13.28 36.95
CA GLU A 22 -32.34 -11.97 36.94
C GLU A 22 -31.43 -10.88 36.33
N GLY A 23 -30.16 -10.91 36.74
CA GLY A 23 -29.18 -9.93 36.29
C GLY A 23 -29.00 -9.91 34.78
N ILE A 24 -28.74 -11.07 34.19
CA ILE A 24 -28.51 -11.16 32.76
C ILE A 24 -29.78 -10.98 31.93
N ASP A 25 -30.92 -11.40 32.47
CA ASP A 25 -32.21 -11.20 31.81
C ASP A 25 -32.51 -9.71 31.68
N ALA A 26 -32.12 -8.94 32.71
CA ALA A 26 -32.31 -7.50 32.74
C ALA A 26 -31.47 -6.76 31.69
N VAL A 27 -30.32 -7.32 31.35
CA VAL A 27 -29.45 -6.72 30.34
C VAL A 27 -29.91 -7.13 28.94
N TYR A 28 -30.42 -8.36 28.82
CA TYR A 28 -30.87 -8.91 27.53
C TYR A 28 -32.31 -9.43 27.58
N PRO A 29 -33.29 -8.53 27.82
CA PRO A 29 -34.67 -8.99 28.05
C PRO A 29 -35.41 -9.50 26.81
N SER A 30 -34.98 -9.07 25.63
CA SER A 30 -35.72 -9.31 24.39
C SER A 30 -35.19 -10.44 23.51
N LEU A 31 -34.11 -11.09 23.95
CA LEU A 31 -33.61 -12.26 23.25
C LEU A 31 -34.71 -13.31 23.19
N VAL A 32 -34.81 -13.96 22.04
CA VAL A 32 -35.85 -14.96 21.81
C VAL A 32 -35.70 -16.15 22.76
N GLY A 33 -36.83 -16.59 23.32
CA GLY A 33 -36.86 -17.83 24.07
C GLY A 33 -36.83 -17.65 25.57
N THR A 34 -36.84 -18.76 26.29
CA THR A 34 -36.85 -18.74 27.75
C THR A 34 -35.55 -19.30 28.32
N ALA A 35 -34.94 -18.53 29.22
CA ALA A 35 -33.73 -18.97 29.92
C ALA A 35 -34.05 -20.01 30.99
N ASP A 36 -34.53 -21.17 30.55
CA ASP A 36 -34.82 -22.30 31.41
C ASP A 36 -34.63 -23.56 30.58
N SER A 37 -33.62 -24.35 30.95
CA SER A 37 -33.24 -25.55 30.20
C SER A 37 -34.36 -26.60 30.18
N LYS A 38 -35.31 -26.46 31.10
CA LYS A 38 -36.41 -27.40 31.26
C LYS A 38 -37.69 -26.96 30.54
N ALA A 39 -37.75 -25.68 30.15
CA ALA A 39 -38.92 -25.11 29.47
C ALA A 39 -39.22 -25.83 28.15
N GLU A 40 -40.49 -25.83 27.76
CA GLU A 40 -40.94 -26.65 26.62
C GLU A 40 -40.67 -26.07 25.22
N GLY A 41 -40.76 -24.74 25.08
CA GLY A 41 -40.55 -24.10 23.78
C GLY A 41 -39.09 -23.87 23.44
N ILE A 42 -38.83 -22.80 22.71
CA ILE A 42 -37.47 -22.34 22.44
C ILE A 42 -36.82 -21.87 23.74
N LYS A 43 -35.62 -22.37 24.00
CA LYS A 43 -34.85 -21.99 25.18
C LYS A 43 -33.70 -21.09 24.74
N ASN A 44 -33.43 -20.04 25.52
CA ASN A 44 -32.34 -19.14 25.17
C ASN A 44 -31.01 -19.56 25.80
N TYR A 45 -30.14 -20.12 24.97
CA TYR A 45 -28.87 -20.66 25.46
C TYR A 45 -27.77 -19.63 25.67
N PHE A 46 -27.99 -18.38 25.25
CA PHE A 46 -27.07 -17.31 25.63
C PHE A 46 -27.23 -16.99 27.11
N LYS A 47 -28.48 -16.75 27.52
CA LYS A 47 -28.76 -16.39 28.92
C LYS A 47 -28.55 -17.57 29.87
N LEU A 48 -28.72 -18.78 29.34
CA LEU A 48 -28.43 -20.00 30.10
C LEU A 48 -26.94 -20.26 30.23
N SER A 49 -26.14 -19.68 29.33
CA SER A 49 -24.70 -19.95 29.27
C SER A 49 -23.79 -18.92 29.94
N PHE A 50 -24.23 -17.67 30.02
CA PHE A 50 -23.37 -16.61 30.56
C PHE A 50 -24.01 -15.86 31.72
N THR A 51 -23.16 -15.28 32.56
CA THR A 51 -23.60 -14.43 33.66
C THR A 51 -22.80 -13.14 33.65
N LEU A 52 -23.36 -12.09 34.25
CA LEU A 52 -22.63 -10.85 34.45
C LEU A 52 -21.50 -11.05 35.47
N PRO A 53 -20.32 -10.45 35.22
CA PRO A 53 -19.21 -10.66 36.14
C PRO A 53 -19.38 -9.80 37.39
N GLU A 54 -18.83 -10.26 38.51
CA GLU A 54 -18.89 -9.49 39.75
C GLU A 54 -18.30 -8.10 39.56
N GLU A 55 -17.19 -8.01 38.82
CA GLU A 55 -16.57 -6.73 38.47
C GLU A 55 -16.53 -6.54 36.94
N GLN A 56 -16.78 -5.31 36.49
CA GLN A 56 -16.79 -4.96 35.06
C GLN A 56 -15.53 -5.41 34.31
N LYS A 57 -15.73 -6.03 33.14
CA LYS A 57 -14.64 -6.47 32.27
C LYS A 57 -14.65 -5.68 30.96
N SER A 58 -15.86 -5.38 30.48
CA SER A 58 -16.05 -4.65 29.23
C SER A 58 -16.95 -3.42 29.39
N ARG A 59 -16.49 -2.31 28.82
CA ARG A 59 -17.24 -1.05 28.87
C ARG A 59 -18.41 -0.99 27.91
N THR A 60 -18.59 -2.06 27.12
CA THR A 60 -19.72 -2.11 26.19
C THR A 60 -20.94 -2.83 26.76
N VAL A 61 -20.80 -3.47 27.92
CA VAL A 61 -21.93 -4.14 28.57
C VAL A 61 -22.91 -3.07 29.01
N GLY A 62 -24.16 -3.20 28.54
CA GLY A 62 -25.21 -2.23 28.83
C GLY A 62 -25.40 -1.16 27.77
N SER A 63 -24.53 -1.14 26.77
CA SER A 63 -24.59 -0.13 25.70
C SER A 63 -25.62 -0.52 24.63
N GLU A 64 -26.52 0.40 24.31
CA GLU A 64 -27.54 0.19 23.29
C GLU A 64 -26.95 0.13 21.88
N ALA A 65 -25.83 0.82 21.68
CA ALA A 65 -25.16 0.89 20.39
C ALA A 65 -23.63 0.99 20.56
N PRO A 66 -22.97 -0.15 20.83
CA PRO A 66 -21.52 -0.22 21.03
C PRO A 66 -20.69 0.51 19.97
N LEU A 67 -20.98 0.29 18.69
CA LEU A 67 -20.22 0.93 17.61
C LEU A 67 -20.31 2.46 17.65
N LYS A 68 -21.52 2.99 17.84
CA LYS A 68 -21.70 4.43 17.99
C LYS A 68 -20.96 4.93 19.23
N ASP A 69 -21.10 4.23 20.34
CA ASP A 69 -20.51 4.65 21.62
C ASP A 69 -18.98 4.66 21.59
N VAL A 70 -18.39 3.61 21.03
CA VAL A 70 -16.94 3.51 20.92
C VAL A 70 -16.37 4.49 19.88
N ALA A 71 -17.09 4.67 18.78
CA ALA A 71 -16.71 5.66 17.77
C ALA A 71 -16.68 7.08 18.36
N GLN A 72 -17.65 7.41 19.20
CA GLN A 72 -17.66 8.70 19.89
C GLN A 72 -16.45 8.81 20.84
N ALA A 73 -16.17 7.73 21.57
CA ALA A 73 -15.00 7.66 22.44
C ALA A 73 -13.68 7.89 21.68
N LEU A 74 -13.57 7.30 20.50
CA LEU A 74 -12.39 7.43 19.66
C LEU A 74 -12.29 8.76 18.92
N SER A 75 -13.37 9.55 18.96
CA SER A 75 -13.44 10.78 18.16
C SER A 75 -12.54 11.92 18.64
N SER A 76 -12.13 11.89 19.91
CA SER A 76 -11.19 12.88 20.43
C SER A 76 -10.47 12.38 21.68
N ARG A 77 -9.32 12.99 21.97
CA ARG A 77 -8.55 12.64 23.18
C ARG A 77 -9.40 12.82 24.44
N ALA A 78 -10.10 13.95 24.53
CA ALA A 78 -10.96 14.25 25.67
C ALA A 78 -12.04 13.19 25.88
N ARG A 79 -12.72 12.82 24.79
CA ARG A 79 -13.77 11.81 24.85
C ARG A 79 -13.23 10.42 25.17
N TYR A 80 -12.05 10.09 24.63
CA TYR A 80 -11.39 8.81 24.92
C TYR A 80 -11.09 8.67 26.41
N GLU A 81 -10.50 9.72 26.99
CA GLU A 81 -10.13 9.74 28.41
C GLU A 81 -11.35 9.59 29.32
N LEU A 82 -12.46 10.21 28.91
CA LEU A 82 -13.71 10.18 29.66
C LEU A 82 -14.37 8.80 29.59
N PHE A 83 -14.34 8.18 28.41
CA PHE A 83 -14.89 6.84 28.23
C PHE A 83 -14.13 5.80 29.05
N THR A 84 -12.80 5.90 29.01
CA THR A 84 -11.93 4.96 29.70
C THR A 84 -11.75 5.35 31.18
N GLU A 85 -12.33 6.49 31.55
CA GLU A 85 -12.26 7.03 32.93
C GLU A 85 -10.83 7.27 33.38
N LYS A 86 -9.98 7.67 32.45
CA LYS A 86 -8.58 7.94 32.76
C LYS A 86 -8.30 9.43 32.58
N GLU A 87 -7.23 9.88 33.24
CA GLU A 87 -6.80 11.27 33.20
C GLU A 87 -6.17 11.61 31.84
N THR A 88 -5.28 10.74 31.35
CA THR A 88 -4.63 10.95 30.05
C THR A 88 -4.57 9.70 29.18
N ALA A 89 -4.66 9.90 27.87
CA ALA A 89 -4.59 8.81 26.90
C ALA A 89 -3.16 8.66 26.37
N ASN A 90 -2.87 7.49 25.81
CA ASN A 90 -1.61 7.27 25.10
C ASN A 90 -1.35 8.43 24.14
N PRO A 91 -0.20 9.14 24.30
CA PRO A 91 0.11 10.26 23.40
C PRO A 91 0.19 9.92 21.90
N ALA A 92 0.28 8.64 21.56
CA ALA A 92 0.26 8.19 20.16
C ALA A 92 -1.12 8.39 19.52
N PHE A 93 -2.14 8.46 20.36
CA PHE A 93 -3.50 8.73 19.92
C PHE A 93 -3.66 10.22 19.63
N ASN A 94 -3.15 10.64 18.48
CA ASN A 94 -3.20 12.03 18.04
C ASN A 94 -4.21 12.21 16.91
N GLY A 95 -4.13 13.36 16.24
CA GLY A 95 -5.04 13.71 15.15
C GLY A 95 -5.05 12.75 13.98
N GLU A 96 -3.87 12.41 13.47
CA GLU A 96 -3.76 11.49 12.33
C GLU A 96 -4.32 10.10 12.65
N VAL A 97 -4.05 9.61 13.86
CA VAL A 97 -4.54 8.31 14.31
C VAL A 97 -6.05 8.35 14.54
N ILE A 98 -6.53 9.44 15.14
CA ILE A 98 -7.96 9.64 15.35
C ILE A 98 -8.74 9.61 14.03
N LYS A 99 -8.20 10.29 13.01
CA LYS A 99 -8.78 10.29 11.68
C LYS A 99 -8.85 8.88 11.08
N ARG A 100 -7.82 8.07 11.32
CA ARG A 100 -7.84 6.69 10.82
C ARG A 100 -8.86 5.84 11.57
N TYR A 101 -8.97 6.00 12.88
CA TYR A 101 -9.99 5.26 13.64
C TYR A 101 -11.42 5.63 13.25
N LYS A 102 -11.63 6.90 12.89
CA LYS A 102 -12.93 7.37 12.38
C LYS A 102 -13.33 6.59 11.13
N GLU A 103 -12.35 6.40 10.24
CA GLU A 103 -12.56 5.66 9.01
C GLU A 103 -12.77 4.17 9.28
N LEU A 104 -12.01 3.61 10.22
CA LEU A 104 -12.18 2.21 10.62
C LEU A 104 -13.55 1.95 11.25
N MET A 105 -14.01 2.88 12.09
CA MET A 105 -15.34 2.77 12.69
C MET A 105 -16.46 2.74 11.64
N GLU A 106 -16.34 3.57 10.61
CA GLU A 106 -17.26 3.54 9.47
C GLU A 106 -17.23 2.18 8.76
N HIS A 107 -16.04 1.58 8.66
CA HIS A 107 -15.92 0.22 8.14
C HIS A 107 -16.59 -0.82 9.04
N GLY A 108 -16.50 -0.62 10.35
CA GLY A 108 -17.24 -1.44 11.31
C GLY A 108 -18.73 -1.47 10.98
N GLU A 109 -19.26 -0.34 10.56
CA GLU A 109 -20.67 -0.25 10.14
C GLU A 109 -20.94 -1.11 8.90
N GLY A 110 -19.98 -1.15 7.98
CA GLY A 110 -20.07 -2.01 6.80
C GLY A 110 -20.07 -3.49 7.17
N ILE A 111 -19.21 -3.87 8.12
CA ILE A 111 -19.17 -5.26 8.59
C ILE A 111 -20.48 -5.64 9.27
N ALA A 112 -20.98 -4.74 10.12
CA ALA A 112 -22.28 -4.93 10.78
C ALA A 112 -23.41 -5.14 9.76
N ASP A 113 -23.43 -4.29 8.73
CA ASP A 113 -24.42 -4.40 7.65
C ASP A 113 -24.36 -5.72 6.88
N ILE A 114 -23.15 -6.19 6.55
CA ILE A 114 -22.98 -7.49 5.90
C ILE A 114 -23.56 -8.60 6.77
N LEU A 115 -23.23 -8.57 8.07
CA LEU A 115 -23.71 -9.57 9.02
C LEU A 115 -25.25 -9.65 9.08
N ARG A 116 -25.89 -8.49 9.18
CA ARG A 116 -27.35 -8.40 9.21
C ARG A 116 -27.97 -9.03 7.97
N SER A 117 -27.38 -8.75 6.81
CA SER A 117 -27.88 -9.29 5.54
C SER A 117 -27.70 -10.80 5.46
N ARG A 118 -26.57 -11.29 5.96
CA ARG A 118 -26.30 -12.73 6.02
C ARG A 118 -27.31 -13.46 6.91
N LEU A 119 -27.66 -12.86 8.05
CA LEU A 119 -28.72 -13.40 8.90
C LEU A 119 -30.06 -13.47 8.16
N ALA A 120 -30.42 -12.38 7.48
CA ALA A 120 -31.67 -12.30 6.74
C ALA A 120 -31.76 -13.45 5.72
N LYS A 121 -30.66 -13.71 5.04
CA LYS A 121 -30.60 -14.79 4.06
C LYS A 121 -30.80 -16.15 4.70
N PHE A 122 -30.15 -16.36 5.85
CA PHE A 122 -30.25 -17.62 6.60
C PHE A 122 -31.68 -17.88 7.06
N LEU A 123 -32.33 -16.83 7.54
CA LEU A 123 -33.71 -16.94 8.02
C LEU A 123 -34.67 -17.27 6.88
N ASN A 124 -34.42 -16.72 5.69
CA ASN A 124 -35.29 -16.94 4.54
C ASN A 124 -35.13 -18.34 3.92
N THR A 125 -33.88 -18.79 3.78
CA THR A 125 -33.56 -20.04 3.11
C THR A 125 -34.12 -21.24 3.87
N LYS A 126 -34.80 -22.13 3.14
CA LYS A 126 -35.44 -23.34 3.68
C LYS A 126 -36.44 -23.04 4.81
N ASP A 127 -36.99 -21.83 4.79
CA ASP A 127 -37.98 -21.36 5.77
C ASP A 127 -37.51 -21.44 7.23
N VAL A 128 -36.20 -21.34 7.46
CA VAL A 128 -35.64 -21.54 8.80
C VAL A 128 -36.26 -20.59 9.83
N GLY A 129 -36.37 -19.31 9.49
CA GLY A 129 -36.99 -18.30 10.35
C GLY A 129 -38.43 -18.62 10.73
N LYS A 130 -39.23 -18.98 9.74
CA LYS A 130 -40.62 -19.38 9.96
C LYS A 130 -40.76 -20.61 10.86
N ARG A 131 -39.95 -21.64 10.59
CA ARG A 131 -39.93 -22.87 11.39
C ARG A 131 -39.50 -22.59 12.84
N PHE A 132 -38.46 -21.77 12.98
CA PHE A 132 -37.97 -21.33 14.29
C PHE A 132 -39.07 -20.66 15.11
N ALA A 133 -39.80 -19.76 14.46
CA ALA A 133 -40.94 -19.07 15.07
C ALA A 133 -42.03 -20.05 15.48
N GLN A 134 -42.13 -21.17 14.75
CA GLN A 134 -43.13 -22.21 15.04
C GLN A 134 -42.66 -23.24 16.08
N GLY A 135 -41.42 -23.10 16.55
CA GLY A 135 -40.92 -23.95 17.64
C GLY A 135 -39.82 -24.93 17.31
N THR A 136 -39.41 -24.99 16.04
CA THR A 136 -38.27 -25.81 15.65
C THR A 136 -37.04 -25.23 16.34
N GLU A 137 -36.34 -26.07 17.10
CA GLU A 137 -35.19 -25.61 17.90
C GLU A 137 -33.93 -25.43 17.04
N ALA A 138 -34.05 -24.55 16.05
CA ALA A 138 -32.95 -24.26 15.12
C ALA A 138 -31.78 -23.59 15.82
N ASN A 139 -32.04 -23.00 16.98
CA ASN A 139 -31.01 -22.35 17.80
C ASN A 139 -30.01 -23.34 18.42
N ARG A 140 -30.28 -24.63 18.26
CA ARG A 140 -29.43 -25.70 18.80
C ARG A 140 -28.71 -26.47 17.71
N TRP A 141 -28.97 -26.13 16.44
CA TRP A 141 -28.25 -26.70 15.31
C TRP A 141 -26.83 -26.13 15.25
N VAL A 142 -25.92 -26.87 14.62
CA VAL A 142 -24.52 -26.40 14.50
C VAL A 142 -24.37 -25.09 13.73
N GLY A 143 -25.34 -24.81 12.85
CA GLY A 143 -25.36 -23.54 12.10
C GLY A 143 -26.33 -22.49 12.61
N GLY A 144 -27.06 -22.79 13.67
CA GLY A 144 -28.10 -21.89 14.15
C GLY A 144 -27.90 -21.31 15.54
N LYS A 145 -26.71 -21.49 16.11
CA LYS A 145 -26.48 -21.06 17.51
C LYS A 145 -26.56 -19.54 17.69
N LEU A 146 -26.38 -18.80 16.60
CA LEU A 146 -26.55 -17.36 16.62
C LEU A 146 -28.01 -16.91 16.80
N LEU A 147 -28.95 -17.83 16.59
CA LEU A 147 -30.36 -17.55 16.87
C LEU A 147 -30.59 -17.33 18.37
N ASN A 148 -29.61 -17.71 19.18
CA ASN A 148 -29.66 -17.40 20.61
C ASN A 148 -29.38 -15.93 20.92
N ILE A 149 -28.91 -15.17 19.93
CA ILE A 149 -28.67 -13.74 20.14
C ILE A 149 -29.53 -12.84 19.24
N VAL A 150 -30.65 -13.38 18.77
CA VAL A 150 -31.63 -12.61 17.98
C VAL A 150 -32.88 -12.25 18.79
N GLU A 151 -33.65 -11.31 18.24
CA GLU A 151 -34.86 -10.78 18.88
C GLU A 151 -35.98 -10.82 17.86
N GLN A 152 -37.21 -11.05 18.32
CA GLN A 152 -38.33 -11.06 17.41
C GLN A 152 -38.50 -9.68 16.79
N ASP A 153 -38.73 -9.66 15.49
CA ASP A 153 -38.91 -8.43 14.72
C ASP A 153 -40.06 -8.64 13.74
N GLY A 154 -41.28 -8.37 14.20
CA GLY A 154 -42.47 -8.64 13.39
C GLY A 154 -42.54 -10.08 12.94
N ASP A 155 -42.60 -10.29 11.62
CA ASP A 155 -42.68 -11.63 11.04
C ASP A 155 -41.30 -12.27 10.85
N THR A 156 -40.27 -11.67 11.45
CA THR A 156 -38.90 -12.18 11.33
C THR A 156 -38.09 -12.02 12.62
N PHE A 157 -36.76 -12.06 12.50
CA PHE A 157 -35.85 -11.90 13.63
C PHE A 157 -34.68 -11.00 13.22
N LYS A 158 -34.08 -10.35 14.21
CA LYS A 158 -32.96 -9.42 14.01
C LYS A 158 -31.94 -9.62 15.11
N TYR A 159 -30.67 -9.33 14.83
CA TYR A 159 -29.63 -9.37 15.86
C TYR A 159 -29.95 -8.42 17.00
N ASN A 160 -29.67 -8.87 18.23
CA ASN A 160 -29.46 -7.96 19.35
C ASN A 160 -28.28 -7.04 18.99
N GLU A 161 -28.53 -5.74 18.94
CA GLU A 161 -27.53 -4.79 18.44
C GLU A 161 -26.31 -4.66 19.36
N GLN A 162 -26.53 -4.72 20.67
CA GLN A 162 -25.43 -4.66 21.62
C GLN A 162 -24.43 -5.79 21.40
N LEU A 163 -24.94 -7.02 21.27
CA LEU A 163 -24.09 -8.20 21.11
C LEU A 163 -23.43 -8.21 19.72
N LEU A 164 -24.20 -7.90 18.69
CA LEU A 164 -23.67 -7.78 17.33
C LEU A 164 -22.54 -6.75 17.23
N GLN A 165 -22.82 -5.52 17.65
CA GLN A 165 -21.86 -4.42 17.53
C GLN A 165 -20.59 -4.63 18.37
N THR A 166 -20.73 -5.18 19.57
CA THR A 166 -19.57 -5.52 20.39
C THR A 166 -18.69 -6.57 19.71
N ALA A 167 -19.33 -7.57 19.11
CA ALA A 167 -18.61 -8.60 18.36
C ALA A 167 -17.87 -8.00 17.16
N VAL A 168 -18.48 -7.01 16.50
CA VAL A 168 -17.83 -6.32 15.38
C VAL A 168 -16.60 -5.56 15.86
N LEU A 169 -16.68 -4.92 17.03
CA LEU A 169 -15.53 -4.23 17.61
C LEU A 169 -14.37 -5.21 17.81
N ALA A 170 -14.69 -6.40 18.33
CA ALA A 170 -13.72 -7.48 18.48
C ALA A 170 -13.11 -7.86 17.13
N GLY A 171 -13.98 -7.98 16.13
CA GLY A 171 -13.57 -8.26 14.75
C GLY A 171 -12.59 -7.24 14.21
N LEU A 172 -12.84 -5.96 14.48
CA LEU A 172 -11.94 -4.89 14.03
C LEU A 172 -10.57 -4.97 14.71
N GLN A 173 -10.55 -5.19 16.02
CA GLN A 173 -9.28 -5.33 16.72
C GLN A 173 -8.48 -6.52 16.21
N TRP A 174 -9.15 -7.66 16.03
CA TRP A 174 -8.56 -8.87 15.48
C TRP A 174 -7.96 -8.59 14.11
N ARG A 175 -8.69 -7.86 13.28
CA ARG A 175 -8.26 -7.50 11.94
C ARG A 175 -6.95 -6.69 11.95
N LEU A 176 -6.82 -5.84 12.96
CA LEU A 176 -5.66 -4.95 13.09
C LEU A 176 -4.40 -5.66 13.55
N THR A 177 -4.53 -6.58 14.51
CA THR A 177 -3.35 -7.13 15.19
C THR A 177 -3.22 -8.66 15.21
N ALA A 178 -4.21 -9.38 14.65
CA ALA A 178 -4.16 -10.85 14.69
C ALA A 178 -2.92 -11.44 14.02
N THR A 179 -2.63 -11.00 12.80
CA THR A 179 -1.48 -11.52 12.02
C THR A 179 -0.20 -11.46 12.85
N SER A 180 0.05 -10.30 13.45
CA SER A 180 1.24 -10.08 14.26
C SER A 180 1.31 -11.05 15.45
N ASN A 181 0.15 -11.56 15.88
CA ASN A 181 0.04 -12.41 17.07
C ASN A 181 0.00 -13.92 16.82
N THR A 182 0.03 -14.34 15.56
CA THR A 182 -0.06 -15.76 15.21
C THR A 182 1.23 -16.55 15.55
N ALA A 183 1.09 -17.86 15.74
CA ALA A 183 2.24 -18.74 15.92
C ALA A 183 2.99 -18.95 14.60
N ILE A 184 4.27 -19.28 14.71
CA ILE A 184 5.10 -19.63 13.56
C ILE A 184 4.86 -21.09 13.21
N LYS A 185 4.57 -21.37 11.93
CA LYS A 185 4.48 -22.74 11.44
C LYS A 185 5.81 -23.20 10.86
N ASP A 186 6.29 -24.34 11.34
CA ASP A 186 7.47 -25.01 10.77
C ASP A 186 7.04 -26.24 9.96
N ALA A 187 8.00 -27.11 9.62
CA ALA A 187 7.72 -28.28 8.78
C ALA A 187 6.79 -29.30 9.44
N LYS A 188 6.96 -29.51 10.75
CA LYS A 188 6.15 -30.47 11.50
C LYS A 188 4.69 -30.04 11.59
N ASP A 189 4.48 -28.74 11.83
CA ASP A 189 3.15 -28.13 11.85
C ASP A 189 2.44 -28.32 10.51
N VAL A 190 3.13 -27.93 9.44
CA VAL A 190 2.59 -28.05 8.08
C VAL A 190 2.33 -29.51 7.70
N ALA A 191 3.20 -30.42 8.14
CA ALA A 191 2.97 -31.86 7.96
C ALA A 191 1.71 -32.36 8.68
N ALA A 192 1.49 -31.91 9.91
CA ALA A 192 0.29 -32.29 10.67
C ALA A 192 -0.98 -31.74 10.02
N ILE A 193 -0.91 -30.48 9.59
CA ILE A 193 -2.02 -29.80 8.94
C ILE A 193 -2.41 -30.49 7.62
N THR A 194 -1.39 -30.76 6.80
CA THR A 194 -1.60 -31.24 5.44
C THR A 194 -1.76 -32.76 5.34
N GLY A 195 -1.23 -33.48 6.32
CA GLY A 195 -1.16 -34.93 6.24
C GLY A 195 -0.10 -35.44 5.28
N ILE A 196 0.76 -34.53 4.81
CA ILE A 196 1.88 -34.90 3.96
C ILE A 196 3.10 -35.18 4.82
N ASP A 197 3.81 -36.27 4.50
CA ASP A 197 5.04 -36.64 5.19
C ASP A 197 6.02 -35.45 5.20
N GLN A 198 6.50 -35.12 6.39
CA GLN A 198 7.37 -33.96 6.60
C GLN A 198 8.57 -33.94 5.65
N ALA A 199 9.19 -35.10 5.46
CA ALA A 199 10.35 -35.23 4.59
C ALA A 199 10.02 -35.01 3.11
N LEU A 200 8.73 -35.03 2.77
CA LEU A 200 8.29 -34.93 1.38
C LEU A 200 7.50 -33.64 1.06
N LEU A 201 7.47 -32.70 2.00
CA LEU A 201 6.73 -31.46 1.80
C LEU A 201 7.30 -30.66 0.62
N PRO A 202 6.45 -30.37 -0.39
CA PRO A 202 6.93 -29.60 -1.53
C PRO A 202 7.59 -28.28 -1.12
N GLU A 203 8.52 -27.83 -1.95
CA GLU A 203 9.23 -26.58 -1.74
C GLU A 203 8.25 -25.42 -1.73
N GLY A 204 8.30 -24.61 -0.67
CA GLY A 204 7.46 -23.41 -0.59
C GLY A 204 6.10 -23.62 0.05
N LEU A 205 5.77 -24.88 0.36
CA LEU A 205 4.50 -25.19 1.00
C LEU A 205 4.46 -24.69 2.45
N VAL A 206 5.54 -24.90 3.18
CA VAL A 206 5.65 -24.40 4.56
C VAL A 206 5.45 -22.89 4.61
N GLU A 207 6.06 -22.16 3.67
CA GLU A 207 5.90 -20.70 3.61
C GLU A 207 4.44 -20.32 3.34
N GLN A 208 3.80 -21.01 2.41
CA GLN A 208 2.38 -20.80 2.09
C GLN A 208 1.51 -20.94 3.33
N PHE A 209 1.71 -22.02 4.08
CA PHE A 209 0.92 -22.27 5.28
C PHE A 209 1.29 -21.40 6.49
N ASP A 210 2.55 -20.97 6.58
CA ASP A 210 2.96 -20.06 7.66
C ASP A 210 2.45 -18.63 7.43
N THR A 211 2.20 -18.25 6.18
CA THR A 211 1.69 -16.91 5.90
C THR A 211 0.18 -16.79 6.17
N GLY A 212 -0.54 -17.90 6.10
CA GLY A 212 -1.98 -17.91 6.34
C GLY A 212 -2.37 -18.53 7.66
N MET A 213 -3.63 -18.35 8.04
CA MET A 213 -4.21 -19.00 9.22
C MET A 213 -5.12 -20.13 8.75
N THR A 214 -5.06 -21.27 9.41
CA THR A 214 -6.06 -22.32 9.18
C THR A 214 -7.40 -21.80 9.71
N LEU A 215 -8.48 -22.49 9.38
CA LEU A 215 -9.80 -22.15 9.88
C LEU A 215 -9.83 -22.11 11.41
N THR A 216 -9.37 -23.17 12.05
CA THR A 216 -9.32 -23.25 13.51
C THR A 216 -8.49 -22.12 14.11
N GLU A 217 -7.36 -21.81 13.48
CA GLU A 217 -6.49 -20.73 13.94
C GLU A 217 -7.20 -19.37 13.92
N ALA A 218 -7.84 -19.04 12.80
CA ALA A 218 -8.52 -17.75 12.62
C ALA A 218 -9.76 -17.62 13.50
N VAL A 219 -10.60 -18.64 13.50
CA VAL A 219 -11.87 -18.61 14.23
C VAL A 219 -11.64 -18.60 15.74
N SER A 220 -10.69 -19.42 16.22
CA SER A 220 -10.43 -19.50 17.65
C SER A 220 -9.89 -18.18 18.22
N SER A 221 -8.98 -17.52 17.51
CA SER A 221 -8.45 -16.23 17.94
C SER A 221 -9.55 -15.15 17.91
N LEU A 222 -10.37 -15.16 16.86
CA LEU A 222 -11.53 -14.29 16.77
C LEU A 222 -12.55 -14.50 17.89
N ALA A 223 -12.90 -15.77 18.12
CA ALA A 223 -13.87 -16.16 19.15
C ALA A 223 -13.42 -15.72 20.54
N GLN A 224 -12.11 -15.83 20.82
CA GLN A 224 -11.52 -15.39 22.09
C GLN A 224 -11.77 -13.91 22.31
N LYS A 225 -11.48 -13.12 21.28
CA LYS A 225 -11.68 -11.67 21.31
C LYS A 225 -13.14 -11.29 21.51
N ILE A 226 -14.03 -11.94 20.76
CA ILE A 226 -15.47 -11.69 20.87
C ILE A 226 -15.97 -11.96 22.29
N GLU A 227 -15.64 -13.13 22.84
CA GLU A 227 -16.08 -13.48 24.18
C GLU A 227 -15.49 -12.54 25.24
N SER A 228 -14.23 -12.15 25.04
CA SER A 228 -13.60 -11.15 25.88
C SER A 228 -14.37 -9.82 25.87
N TYR A 229 -14.73 -9.35 24.67
CA TYR A 229 -15.42 -8.06 24.52
C TYR A 229 -16.86 -8.09 25.03
N TRP A 230 -17.54 -9.22 24.85
CA TRP A 230 -18.89 -9.40 25.42
C TRP A 230 -18.87 -9.25 26.94
N GLY A 231 -17.75 -9.60 27.55
CA GLY A 231 -17.45 -9.21 28.92
C GLY A 231 -18.23 -9.94 30.00
N LEU A 232 -18.73 -11.14 29.67
CA LEU A 232 -19.50 -11.94 30.60
C LEU A 232 -18.66 -13.10 31.15
N SER A 233 -19.20 -13.85 32.11
CA SER A 233 -18.54 -15.06 32.60
C SER A 233 -19.34 -16.30 32.21
N ARG A 234 -18.63 -17.37 31.87
CA ARG A 234 -19.24 -18.64 31.52
C ARG A 234 -19.89 -19.30 32.74
N ASN A 235 -21.12 -19.76 32.58
CA ASN A 235 -21.80 -20.56 33.60
C ASN A 235 -21.19 -21.96 33.63
N PRO A 236 -20.62 -22.37 34.79
CA PRO A 236 -19.94 -23.67 34.89
C PRO A 236 -20.87 -24.86 34.67
N ASN A 237 -22.18 -24.63 34.75
CA ASN A 237 -23.16 -25.69 34.54
C ASN A 237 -23.91 -25.63 33.20
N ALA A 238 -23.38 -24.85 32.25
CA ALA A 238 -23.92 -24.80 30.89
C ALA A 238 -23.09 -25.67 29.93
N PRO A 239 -23.76 -26.29 28.93
CA PRO A 239 -23.02 -27.18 28.03
C PRO A 239 -22.02 -26.40 27.17
N LEU A 240 -20.84 -26.96 26.97
CA LEU A 240 -19.79 -26.30 26.17
C LEU A 240 -20.23 -26.03 24.74
N GLY A 241 -21.18 -26.81 24.25
CA GLY A 241 -21.77 -26.60 22.93
C GLY A 241 -22.32 -25.19 22.75
N TYR A 242 -22.66 -24.53 23.85
CA TYR A 242 -23.14 -23.14 23.81
C TYR A 242 -22.15 -22.11 24.35
N THR A 243 -21.49 -22.42 25.48
CA THR A 243 -20.53 -21.46 26.05
C THR A 243 -19.36 -21.20 25.09
N LYS A 244 -18.86 -22.26 24.45
CA LYS A 244 -17.88 -22.14 23.38
C LYS A 244 -18.56 -21.90 22.03
N GLY A 245 -19.73 -22.52 21.84
CA GLY A 245 -20.43 -22.53 20.55
C GLY A 245 -20.91 -21.17 20.07
N ILE A 246 -21.52 -20.39 20.95
CA ILE A 246 -22.07 -19.09 20.55
C ILE A 246 -21.00 -18.08 20.09
N PRO A 247 -19.93 -17.86 20.90
CA PRO A 247 -18.87 -16.97 20.41
C PRO A 247 -18.18 -17.52 19.15
N THR A 248 -18.05 -18.84 19.04
CA THR A 248 -17.44 -19.45 17.87
C THR A 248 -18.34 -19.25 16.62
N ALA A 249 -19.65 -19.41 16.80
CA ALA A 249 -20.60 -19.16 15.71
C ALA A 249 -20.51 -17.71 15.23
N MET A 250 -20.41 -16.79 16.19
CA MET A 250 -20.24 -15.36 15.88
C MET A 250 -18.93 -15.12 15.12
N ALA A 251 -17.84 -15.74 15.60
CA ALA A 251 -16.54 -15.64 14.95
C ALA A 251 -16.57 -16.12 13.49
N ALA A 252 -17.21 -17.26 13.28
CA ALA A 252 -17.35 -17.82 11.92
C ALA A 252 -18.08 -16.84 11.00
N GLU A 253 -19.15 -16.23 11.50
CA GLU A 253 -19.90 -15.26 10.70
C GLU A 253 -19.06 -14.02 10.38
N ILE A 254 -18.32 -13.54 11.37
CA ILE A 254 -17.44 -12.39 11.16
C ILE A 254 -16.30 -12.71 10.17
N LEU A 255 -15.74 -13.92 10.25
CA LEU A 255 -14.73 -14.34 9.27
C LEU A 255 -15.34 -14.33 7.85
N ALA A 256 -16.52 -14.91 7.71
CA ALA A 256 -17.24 -14.89 6.44
C ALA A 256 -17.51 -13.46 5.95
N ALA A 257 -17.93 -12.57 6.85
CA ALA A 257 -18.13 -11.16 6.51
C ALA A 257 -16.83 -10.48 6.03
N PHE A 258 -15.71 -10.80 6.69
CA PHE A 258 -14.40 -10.26 6.29
C PHE A 258 -13.94 -10.77 4.91
N VAL A 259 -14.35 -11.99 4.58
CA VAL A 259 -14.10 -12.55 3.24
C VAL A 259 -14.92 -11.76 2.20
N GLU A 260 -16.18 -11.48 2.51
CA GLU A 260 -17.01 -10.63 1.64
C GLU A 260 -16.43 -9.23 1.46
N SER A 261 -15.89 -8.66 2.53
CA SER A 261 -15.38 -7.29 2.52
C SER A 261 -13.97 -7.20 1.94
N THR A 262 -13.37 -8.37 1.69
CA THR A 262 -11.98 -8.48 1.23
C THR A 262 -10.93 -8.01 2.27
N ASP A 263 -11.32 -7.98 3.55
CA ASP A 263 -10.37 -7.77 4.66
C ASP A 263 -9.58 -9.04 4.91
N VAL A 264 -10.14 -10.16 4.47
CA VAL A 264 -9.52 -11.47 4.59
C VAL A 264 -9.67 -12.17 3.25
N VAL A 265 -8.59 -12.80 2.78
CA VAL A 265 -8.65 -13.64 1.59
C VAL A 265 -8.70 -15.10 2.02
N GLU A 266 -9.68 -15.84 1.48
CA GLU A 266 -9.79 -17.28 1.68
C GLU A 266 -9.22 -18.01 0.47
N ASN A 267 -8.30 -18.94 0.75
CA ASN A 267 -7.69 -19.80 -0.25
C ASN A 267 -7.87 -21.25 0.16
N ILE A 268 -8.64 -22.01 -0.62
CA ILE A 268 -8.83 -23.42 -0.32
C ILE A 268 -7.77 -24.24 -1.06
N VAL A 269 -6.83 -24.78 -0.31
CA VAL A 269 -5.69 -25.48 -0.90
C VAL A 269 -6.00 -26.97 -1.11
N ASP A 270 -5.90 -27.39 -2.37
CA ASP A 270 -6.21 -28.75 -2.80
C ASP A 270 -4.95 -29.62 -2.69
N MET A 271 -4.92 -30.51 -1.70
CA MET A 271 -3.75 -31.37 -1.45
C MET A 271 -3.53 -32.38 -2.58
N SER A 272 -4.58 -32.67 -3.34
CA SER A 272 -4.52 -33.67 -4.41
C SER A 272 -3.63 -33.25 -5.60
N GLU A 273 -3.42 -31.95 -5.76
CA GLU A 273 -2.49 -31.45 -6.78
C GLU A 273 -1.04 -31.74 -6.35
N ILE A 274 -0.84 -31.95 -5.05
CA ILE A 274 0.48 -32.27 -4.50
C ILE A 274 0.63 -33.79 -4.37
N ASP A 275 -0.14 -34.38 -3.47
CA ASP A 275 -0.20 -35.83 -3.34
C ASP A 275 -1.58 -36.29 -3.82
N PRO A 276 -1.63 -36.93 -5.01
CA PRO A 276 -2.90 -37.25 -5.67
C PRO A 276 -3.83 -38.17 -4.88
N ASP A 277 -3.31 -38.88 -3.88
CA ASP A 277 -4.16 -39.66 -2.98
C ASP A 277 -4.39 -38.99 -1.63
N ASN A 278 -4.06 -37.70 -1.55
CA ASN A 278 -4.48 -36.86 -0.43
C ASN A 278 -5.76 -36.13 -0.83
N LYS A 279 -6.83 -36.41 -0.10
CA LYS A 279 -8.16 -35.91 -0.44
C LYS A 279 -8.44 -34.57 0.25
N LYS A 280 -7.61 -34.21 1.22
CA LYS A 280 -7.82 -33.00 2.01
C LYS A 280 -7.85 -31.74 1.15
N THR A 281 -8.83 -30.88 1.40
CA THR A 281 -8.84 -29.53 0.86
C THR A 281 -8.86 -28.60 2.08
N ILE A 282 -7.86 -27.72 2.17
CA ILE A 282 -7.59 -27.00 3.42
C ILE A 282 -7.64 -25.48 3.24
N GLY A 283 -8.51 -24.84 4.02
CA GLY A 283 -8.68 -23.39 3.95
C GLY A 283 -7.54 -22.65 4.61
N LEU A 284 -7.05 -21.63 3.91
CA LEU A 284 -6.08 -20.68 4.45
C LEU A 284 -6.65 -19.27 4.40
N TYR A 285 -6.53 -18.56 5.52
CA TYR A 285 -7.08 -17.21 5.66
C TYR A 285 -5.96 -16.21 5.90
N THR A 286 -5.87 -15.21 5.03
CA THR A 286 -4.84 -14.20 5.17
C THR A 286 -5.48 -12.83 5.29
N ILE A 287 -5.15 -12.12 6.36
CA ILE A 287 -5.63 -10.77 6.55
C ILE A 287 -4.93 -9.82 5.57
N THR A 288 -5.73 -9.00 4.89
CA THR A 288 -5.21 -7.96 4.04
C THR A 288 -4.39 -6.97 4.87
N GLU A 289 -3.11 -6.86 4.53
CA GLU A 289 -2.17 -6.01 5.27
C GLU A 289 -2.49 -4.54 5.07
N LEU A 290 -2.43 -3.76 6.13
CA LEU A 290 -2.51 -2.31 5.99
C LEU A 290 -1.15 -1.80 5.52
N ASP A 291 -1.14 -0.64 4.87
CA ASP A 291 0.09 0.04 4.48
C ASP A 291 1.04 0.17 5.67
N SER A 292 2.34 -0.02 5.42
CA SER A 292 3.35 0.12 6.47
C SER A 292 3.32 1.50 7.13
N PHE A 293 2.92 2.51 6.36
CA PHE A 293 2.87 3.90 6.82
C PHE A 293 1.47 4.36 7.27
N ASP A 294 0.55 3.41 7.44
CA ASP A 294 -0.76 3.69 8.00
C ASP A 294 -0.60 4.20 9.43
N PRO A 295 -1.10 5.43 9.73
CA PRO A 295 -1.02 5.97 11.09
C PRO A 295 -1.55 5.02 12.17
N ILE A 296 -2.54 4.20 11.83
CA ILE A 296 -3.13 3.26 12.77
C ILE A 296 -2.08 2.27 13.33
N ASN A 297 -1.04 2.01 12.54
CA ASN A 297 0.09 1.16 12.96
C ASN A 297 0.82 1.68 14.20
N SER A 298 0.82 3.00 14.36
CA SER A 298 1.49 3.66 15.48
C SER A 298 0.75 3.49 16.81
N PHE A 299 -0.53 3.14 16.75
CA PHE A 299 -1.32 2.83 17.95
C PHE A 299 -2.48 1.90 17.54
N PRO A 300 -2.17 0.62 17.32
CA PRO A 300 -3.16 -0.33 16.77
C PRO A 300 -4.14 -0.95 17.79
N THR A 301 -4.10 -0.49 19.03
CA THR A 301 -4.88 -1.11 20.11
C THR A 301 -5.85 -0.15 20.80
N ALA A 302 -6.20 0.94 20.13
CA ALA A 302 -7.13 1.92 20.72
C ALA A 302 -8.48 1.29 21.08
N ILE A 303 -8.98 0.40 20.22
CA ILE A 303 -10.24 -0.29 20.49
C ILE A 303 -10.11 -1.17 21.74
N GLU A 304 -9.10 -2.03 21.76
CA GLU A 304 -8.84 -2.94 22.87
C GLU A 304 -8.81 -2.18 24.20
N GLU A 305 -8.01 -1.12 24.22
CA GLU A 305 -7.76 -0.36 25.44
C GLU A 305 -8.96 0.53 25.83
N ALA A 306 -9.91 0.69 24.93
CA ALA A 306 -11.17 1.40 25.21
C ALA A 306 -12.26 0.46 25.73
N VAL A 307 -12.35 -0.73 25.13
CA VAL A 307 -13.39 -1.70 25.48
C VAL A 307 -13.08 -2.43 26.79
N LEU A 308 -11.86 -2.94 26.92
CA LEU A 308 -11.49 -3.77 28.06
C LEU A 308 -10.94 -2.96 29.22
N VAL A 309 -11.43 -3.24 30.41
CA VAL A 309 -10.91 -2.66 31.65
C VAL A 309 -9.48 -3.13 31.88
N ASN A 310 -9.21 -4.38 31.52
CA ASN A 310 -7.86 -4.97 31.59
C ASN A 310 -7.40 -5.51 30.23
N PRO A 311 -6.91 -4.61 29.35
CA PRO A 311 -6.49 -5.00 28.00
C PRO A 311 -5.30 -5.96 27.98
N THR A 312 -5.34 -6.95 27.09
CA THR A 312 -4.19 -7.81 26.80
C THR A 312 -3.23 -7.07 25.88
N GLU A 313 -3.77 -6.59 24.77
CA GLU A 313 -2.98 -6.04 23.68
C GLU A 313 -2.63 -4.59 23.95
N LYS A 314 -1.34 -4.36 24.16
CA LYS A 314 -0.81 -3.05 24.51
C LYS A 314 0.69 -3.11 24.64
N MET A 315 1.32 -1.93 24.58
CA MET A 315 2.71 -1.78 24.96
C MET A 315 2.78 -1.29 26.40
N PHE A 316 3.85 -1.66 27.09
CA PHE A 316 4.04 -1.28 28.48
C PHE A 316 5.16 -0.26 28.58
N PHE A 317 4.79 1.01 28.76
CA PHE A 317 5.76 2.10 28.81
C PHE A 317 5.99 2.62 30.22
N GLY A 318 7.21 3.09 30.48
CA GLY A 318 7.56 3.72 31.75
C GLY A 318 7.37 2.76 32.90
N ASP A 319 6.55 3.16 33.87
CA ASP A 319 6.27 2.29 35.02
C ASP A 319 4.99 1.46 34.89
N ASP A 320 4.43 1.42 33.68
CA ASP A 320 3.29 0.54 33.40
C ASP A 320 3.85 -0.87 33.22
N ILE A 321 3.77 -1.70 34.26
CA ILE A 321 4.40 -3.02 34.17
C ILE A 321 3.37 -4.15 33.99
N PRO A 322 3.75 -5.19 33.22
CA PRO A 322 2.79 -6.27 32.97
C PRO A 322 2.48 -7.03 34.27
N PRO A 323 1.24 -7.55 34.39
CA PRO A 323 0.93 -8.42 35.52
C PRO A 323 1.65 -9.76 35.36
N VAL A 324 1.73 -10.53 36.44
CA VAL A 324 2.38 -11.85 36.38
C VAL A 324 1.33 -12.92 36.11
N ALA A 325 1.55 -13.69 35.03
CA ALA A 325 0.62 -14.77 34.66
C ALA A 325 0.52 -15.86 35.73
N ASN A 326 -0.70 -16.31 36.01
CA ASN A 326 -0.94 -17.34 37.01
C ASN A 326 -0.73 -18.77 36.52
N THR A 327 -0.95 -18.99 35.23
CA THR A 327 -0.88 -20.34 34.66
C THR A 327 0.06 -20.45 33.46
N GLN A 328 0.56 -21.66 33.25
CA GLN A 328 1.43 -22.01 32.15
C GLN A 328 0.77 -21.70 30.80
N LEU A 329 1.58 -21.25 29.85
CA LEU A 329 1.09 -20.89 28.52
C LEU A 329 0.34 -22.08 27.90
N ARG A 330 -0.91 -21.83 27.52
CA ARG A 330 -1.82 -22.83 26.92
C ARG A 330 -2.05 -24.11 27.75
N ASN A 331 -1.73 -24.06 29.04
CA ASN A 331 -1.88 -25.22 29.92
C ASN A 331 -2.58 -24.78 31.22
N PRO A 332 -3.88 -24.41 31.13
CA PRO A 332 -4.61 -23.80 32.25
C PRO A 332 -4.73 -24.68 33.51
N ALA A 333 -4.49 -25.98 33.38
CA ALA A 333 -4.46 -26.86 34.55
C ALA A 333 -3.18 -26.74 35.38
N VAL A 334 -2.15 -26.10 34.82
CA VAL A 334 -0.84 -25.97 35.48
C VAL A 334 -0.60 -24.53 35.92
N ARG A 335 -0.62 -24.31 37.23
CA ARG A 335 -0.28 -23.00 37.77
C ARG A 335 1.23 -22.84 37.72
N ASN A 336 1.69 -21.63 37.36
CA ASN A 336 3.10 -21.27 37.51
C ASN A 336 3.43 -21.33 39.01
N THR A 337 4.53 -21.99 39.35
CA THR A 337 4.95 -22.14 40.75
C THR A 337 5.35 -20.78 41.31
N PRO A 338 5.41 -20.64 42.66
CA PRO A 338 5.93 -19.39 43.21
C PRO A 338 7.31 -18.98 42.67
N GLU A 339 8.23 -19.93 42.50
CA GLU A 339 9.57 -19.61 42.00
C GLU A 339 9.50 -19.13 40.54
N GLN A 340 8.64 -19.77 39.75
CA GLN A 340 8.41 -19.36 38.36
C GLN A 340 7.82 -17.94 38.27
N LYS A 341 6.84 -17.66 39.13
CA LYS A 341 6.23 -16.34 39.18
C LYS A 341 7.22 -15.25 39.58
N ALA A 342 8.11 -15.57 40.52
CA ALA A 342 9.18 -14.65 40.92
C ALA A 342 10.13 -14.34 39.75
N ALA A 343 10.46 -15.38 38.98
CA ALA A 343 11.29 -15.22 37.78
C ALA A 343 10.61 -14.34 36.74
N LEU A 344 9.32 -14.57 36.51
CA LEU A 344 8.54 -13.76 35.57
C LEU A 344 8.49 -12.29 36.00
N LYS A 345 8.27 -12.04 37.30
CA LYS A 345 8.28 -10.68 37.83
C LYS A 345 9.63 -9.99 37.57
N ALA A 346 10.73 -10.70 37.81
CA ALA A 346 12.07 -10.16 37.61
C ALA A 346 12.33 -9.77 36.15
N GLU A 347 11.91 -10.63 35.22
CA GLU A 347 12.13 -10.38 33.80
C GLU A 347 11.23 -9.26 33.27
N GLN A 348 10.00 -9.20 33.79
CA GLN A 348 9.07 -8.14 33.39
C GLN A 348 9.46 -6.78 33.95
N ALA A 349 10.21 -6.78 35.05
CA ALA A 349 10.68 -5.54 35.69
C ALA A 349 11.81 -4.84 34.91
N THR A 350 12.54 -5.60 34.10
CA THR A 350 13.65 -5.08 33.30
C THR A 350 13.20 -3.98 32.32
N GLU A 351 13.94 -2.87 32.28
CA GLU A 351 13.64 -1.77 31.36
C GLU A 351 14.41 -1.93 30.06
N PHE A 352 13.68 -1.93 28.94
CA PHE A 352 14.30 -1.90 27.62
C PHE A 352 14.22 -0.48 27.05
N TYR A 353 15.24 -0.11 26.29
CA TYR A 353 15.34 1.22 25.65
C TYR A 353 15.80 1.15 24.21
N VAL A 354 15.26 2.05 23.41
CA VAL A 354 15.64 2.20 22.00
C VAL A 354 17.06 2.73 21.89
N HIS A 355 17.86 2.08 21.06
CA HIS A 355 19.17 2.58 20.68
C HIS A 355 19.03 3.36 19.38
N THR A 356 18.92 4.68 19.54
CA THR A 356 18.64 5.57 18.40
C THR A 356 19.59 5.41 17.21
N PRO A 357 20.90 5.27 17.45
CA PRO A 357 21.79 5.09 16.29
C PRO A 357 21.42 3.91 15.37
N MET A 358 21.04 2.77 15.94
CA MET A 358 20.64 1.62 15.12
C MET A 358 19.32 1.86 14.39
N VAL A 359 18.37 2.48 15.07
CA VAL A 359 17.11 2.87 14.43
C VAL A 359 17.38 3.79 13.23
N GLN A 360 18.22 4.81 13.45
CA GLN A 360 18.57 5.75 12.38
C GLN A 360 19.28 5.06 11.22
N PHE A 361 20.17 4.14 11.55
CA PHE A 361 20.89 3.34 10.56
C PHE A 361 19.92 2.52 9.70
N TYR A 362 19.03 1.78 10.37
CA TYR A 362 18.00 1.00 9.69
C TYR A 362 17.17 1.87 8.75
N GLU A 363 16.74 3.03 9.27
CA GLU A 363 15.89 4.00 8.54
C GLU A 363 16.59 4.54 7.31
N THR A 364 17.86 4.91 7.47
CA THR A 364 18.66 5.50 6.40
C THR A 364 18.98 4.48 5.31
N LEU A 365 19.31 3.25 5.69
CA LEU A 365 19.41 2.16 4.72
C LEU A 365 18.07 1.99 4.01
N GLY A 366 17.00 1.92 4.81
CA GLY A 366 15.64 1.78 4.30
C GLY A 366 15.28 0.32 4.09
N LYS A 367 13.99 0.05 3.97
CA LYS A 367 13.48 -1.32 3.86
C LYS A 367 14.05 -2.09 2.65
N ASP A 368 14.06 -1.45 1.48
CA ASP A 368 14.60 -2.09 0.28
C ASP A 368 16.04 -2.56 0.48
N ARG A 369 16.89 -1.69 1.03
CA ARG A 369 18.31 -2.02 1.19
C ARG A 369 18.59 -3.02 2.31
N ILE A 370 17.77 -3.01 3.36
CA ILE A 370 17.84 -4.06 4.40
C ILE A 370 17.47 -5.42 3.82
N LEU A 371 16.43 -5.46 2.97
CA LEU A 371 16.09 -6.70 2.27
C LEU A 371 17.23 -7.15 1.35
N GLU A 372 17.88 -6.20 0.68
CA GLU A 372 19.02 -6.53 -0.18
C GLU A 372 20.20 -7.06 0.63
N LEU A 373 20.45 -6.45 1.79
CA LEU A 373 21.58 -6.81 2.63
C LEU A 373 21.31 -8.07 3.43
N MET A 374 20.16 -8.11 4.09
CA MET A 374 19.86 -9.17 5.07
C MET A 374 18.85 -10.20 4.57
N GLY A 375 18.21 -9.92 3.44
CA GLY A 375 17.28 -10.89 2.84
C GLY A 375 17.79 -11.31 1.47
N ALA A 376 16.89 -11.28 0.49
CA ALA A 376 17.20 -11.73 -0.87
C ALA A 376 17.10 -10.63 -1.93
N GLY A 377 16.71 -9.42 -1.52
CA GLY A 377 16.60 -8.28 -2.43
C GLY A 377 15.45 -8.42 -3.41
N THR A 378 15.52 -7.68 -4.51
CA THR A 378 14.55 -7.78 -5.59
C THR A 378 14.79 -9.09 -6.35
N LEU A 379 13.73 -9.88 -6.53
CA LEU A 379 13.87 -11.18 -7.17
C LEU A 379 13.52 -11.10 -8.65
N ASN A 380 14.45 -11.53 -9.50
CA ASN A 380 14.21 -11.68 -10.94
C ASN A 380 13.74 -13.09 -11.17
N LYS A 381 12.42 -13.25 -11.27
CA LYS A 381 11.79 -14.56 -11.44
C LYS A 381 12.04 -15.14 -12.84
N GLU A 382 13.32 -15.19 -13.22
CA GLU A 382 13.79 -15.93 -14.40
C GLU A 382 15.31 -15.95 -14.52
N LEU A 383 15.97 -15.43 -13.48
CA LEU A 383 17.35 -15.79 -13.19
C LEU A 383 17.31 -16.72 -11.98
N LEU A 384 16.13 -17.22 -11.67
CA LEU A 384 15.87 -17.98 -10.45
C LEU A 384 15.20 -19.33 -10.72
N ASN A 385 15.78 -20.39 -10.19
CA ASN A 385 15.09 -21.68 -10.10
C ASN A 385 13.81 -21.50 -9.28
N ASP A 386 12.71 -22.06 -9.78
CA ASP A 386 11.39 -21.95 -9.15
C ASP A 386 11.35 -22.27 -7.66
N ASN A 387 12.03 -23.35 -7.27
CA ASN A 387 12.10 -23.77 -5.87
C ASN A 387 12.96 -22.84 -5.03
N HIS A 388 14.09 -22.41 -5.60
CA HIS A 388 14.97 -21.46 -4.95
C HIS A 388 14.25 -20.14 -4.72
N ALA A 389 13.45 -19.73 -5.70
CA ALA A 389 12.66 -18.50 -5.64
C ALA A 389 11.71 -18.46 -4.45
N LYS A 390 11.07 -19.61 -4.17
CA LYS A 390 10.13 -19.72 -3.06
C LYS A 390 10.84 -19.62 -1.70
N SER A 391 12.06 -20.14 -1.62
CA SER A 391 12.86 -20.06 -0.39
C SER A 391 13.28 -18.62 -0.14
N LEU A 392 13.66 -17.93 -1.21
CA LEU A 392 14.05 -16.52 -1.15
C LEU A 392 12.90 -15.58 -0.78
N GLU A 393 11.69 -15.91 -1.22
CA GLU A 393 10.48 -15.16 -0.84
C GLU A 393 10.23 -15.20 0.66
N GLY A 394 10.45 -16.38 1.25
CA GLY A 394 10.27 -16.58 2.69
C GLY A 394 11.31 -15.84 3.50
N LYS A 395 12.53 -15.76 2.96
CA LYS A 395 13.62 -15.02 3.58
C LYS A 395 13.27 -13.54 3.65
N ASN A 396 12.83 -12.98 2.51
CA ASN A 396 12.39 -11.59 2.47
C ASN A 396 11.24 -11.32 3.44
N ARG A 397 10.25 -12.21 3.47
CA ARG A 397 9.05 -12.02 4.28
C ARG A 397 9.37 -11.81 5.77
N SER A 398 10.28 -12.63 6.30
CA SER A 398 10.65 -12.57 7.71
C SER A 398 11.33 -11.26 8.08
N VAL A 399 12.27 -10.83 7.23
CA VAL A 399 13.02 -9.60 7.46
C VAL A 399 12.09 -8.39 7.32
N GLU A 400 11.29 -8.38 6.25
CA GLU A 400 10.36 -7.29 5.99
C GLU A 400 9.33 -7.11 7.11
N ASP A 401 8.78 -8.21 7.59
CA ASP A 401 7.81 -8.17 8.69
C ASP A 401 8.46 -7.67 9.98
N SER A 402 9.71 -8.08 10.24
CA SER A 402 10.47 -7.58 11.39
C SER A 402 10.71 -6.09 11.29
N TYR A 403 11.13 -5.64 10.10
CA TYR A 403 11.39 -4.22 9.86
C TYR A 403 10.13 -3.38 10.08
N ASN A 404 9.03 -3.79 9.46
CA ASN A 404 7.76 -3.07 9.60
C ASN A 404 7.28 -3.02 11.03
N GLN A 405 7.40 -4.15 11.72
CA GLN A 405 6.98 -4.23 13.11
C GLN A 405 7.84 -3.35 14.02
N LEU A 406 9.15 -3.33 13.78
CA LEU A 406 10.01 -2.45 14.56
C LEU A 406 9.57 -1.00 14.39
N PHE A 407 9.30 -0.59 13.15
CA PHE A 407 9.03 0.83 12.95
C PHE A 407 7.67 1.29 13.44
N SER A 408 6.69 0.40 13.45
CA SER A 408 5.41 0.65 14.10
C SER A 408 5.59 0.85 15.60
N VAL A 409 6.44 0.01 16.21
CA VAL A 409 6.79 0.16 17.62
C VAL A 409 7.53 1.48 17.86
N ILE A 410 8.49 1.81 16.99
CA ILE A 410 9.24 3.06 17.11
C ILE A 410 8.32 4.28 17.05
N GLU A 411 7.35 4.25 16.14
CA GLU A 411 6.40 5.36 16.01
C GLU A 411 5.59 5.57 17.29
N GLN A 412 5.24 4.47 17.97
CA GLN A 412 4.53 4.56 19.23
C GLN A 412 5.43 5.09 20.34
N VAL A 413 6.68 4.61 20.40
CA VAL A 413 7.67 5.10 21.38
C VAL A 413 7.92 6.60 21.20
N ARG A 414 8.08 7.00 19.94
CA ARG A 414 8.38 8.40 19.58
C ARG A 414 7.33 9.40 20.08
N ALA A 415 6.09 8.93 20.26
CA ALA A 415 5.02 9.78 20.77
C ALA A 415 5.09 9.98 22.29
N GLN A 416 5.81 9.09 22.97
CA GLN A 416 5.82 9.06 24.43
C GLN A 416 6.68 10.17 25.05
N SER A 417 7.68 10.63 24.31
CA SER A 417 8.59 11.68 24.78
C SER A 417 9.39 12.25 23.62
N GLU A 418 10.12 13.34 23.89
CA GLU A 418 10.93 13.97 22.85
C GLU A 418 12.23 13.20 22.58
N ASP A 419 12.76 12.54 23.61
CA ASP A 419 13.94 11.70 23.44
C ASP A 419 13.55 10.22 23.53
N ILE A 420 13.50 9.55 22.38
CA ILE A 420 13.03 8.15 22.31
C ILE A 420 13.92 7.18 23.11
N SER A 421 15.18 7.53 23.28
CA SER A 421 16.12 6.67 24.00
C SER A 421 15.91 6.67 25.52
N THR A 422 15.05 7.57 26.01
CA THR A 422 14.76 7.70 27.44
C THR A 422 13.46 7.00 27.87
N VAL A 423 12.73 6.44 26.90
CA VAL A 423 11.43 5.82 27.17
C VAL A 423 11.61 4.34 27.57
N PRO A 424 11.31 4.00 28.83
CA PRO A 424 11.42 2.61 29.27
C PRO A 424 10.32 1.76 28.66
N ILE A 425 10.68 0.54 28.25
CA ILE A 425 9.73 -0.42 27.70
C ILE A 425 9.84 -1.71 28.51
N HIS A 426 8.70 -2.24 28.94
CA HIS A 426 8.63 -3.55 29.56
C HIS A 426 7.93 -4.53 28.64
N TYR A 427 8.32 -5.80 28.74
CA TYR A 427 7.70 -6.87 27.99
C TYR A 427 7.07 -7.91 28.91
N ALA A 428 5.89 -8.39 28.54
CA ALA A 428 5.25 -9.52 29.20
C ALA A 428 5.94 -10.84 28.82
N TYR A 429 6.02 -11.75 29.79
CA TYR A 429 6.55 -13.09 29.58
C TYR A 429 5.59 -14.11 30.18
N ASN A 430 5.68 -15.35 29.74
CA ASN A 430 5.05 -16.46 30.46
C ASN A 430 5.91 -17.72 30.34
N MET A 431 5.69 -18.68 31.23
CA MET A 431 6.35 -19.98 31.16
C MET A 431 5.62 -20.85 30.15
N THR A 432 6.39 -21.44 29.24
CA THR A 432 5.87 -22.46 28.34
C THR A 432 5.80 -23.82 29.05
N ARG A 433 5.23 -24.81 28.37
CA ARG A 433 5.07 -26.16 28.91
C ARG A 433 6.38 -26.88 29.15
N VAL A 434 7.45 -26.38 28.55
CA VAL A 434 8.79 -26.92 28.81
C VAL A 434 9.63 -26.01 29.72
N GLY A 435 8.97 -25.09 30.42
CA GLY A 435 9.61 -24.30 31.47
C GLY A 435 10.48 -23.13 31.02
N ARG A 436 10.36 -22.76 29.75
CA ARG A 436 11.11 -21.61 29.22
C ARG A 436 10.32 -20.32 29.42
N MET A 437 11.03 -19.24 29.73
CA MET A 437 10.45 -17.91 29.89
C MET A 437 10.37 -17.19 28.57
N GLN A 438 9.21 -17.28 27.93
CA GLN A 438 9.03 -16.76 26.59
C GLN A 438 8.48 -15.35 26.65
N MET A 439 9.15 -14.45 25.94
CA MET A 439 8.69 -13.09 25.78
C MET A 439 7.51 -13.16 24.81
N LEU A 440 6.36 -12.67 25.24
CA LEU A 440 5.15 -12.77 24.42
C LEU A 440 5.29 -11.94 23.15
N GLY A 441 4.91 -12.52 22.02
CA GLY A 441 4.96 -11.83 20.74
C GLY A 441 6.02 -12.33 19.78
N LYS A 442 5.80 -12.08 18.50
CA LYS A 442 6.64 -12.58 17.43
C LYS A 442 7.85 -11.67 17.15
N TYR A 443 7.69 -10.38 17.42
CA TYR A 443 8.65 -9.38 16.96
C TYR A 443 9.31 -8.55 18.04
N ASN A 444 9.74 -9.22 19.10
CA ASN A 444 10.34 -8.55 20.24
C ASN A 444 11.85 -8.85 20.31
N PRO A 445 12.57 -8.23 21.25
CA PRO A 445 14.02 -8.49 21.33
C PRO A 445 14.42 -9.97 21.48
N GLN A 446 13.62 -10.76 22.19
CA GLN A 446 13.96 -12.18 22.39
C GLN A 446 13.82 -13.02 21.11
N SER A 447 12.83 -12.67 20.28
CA SER A 447 12.47 -13.50 19.14
C SER A 447 12.99 -13.02 17.79
N ALA A 448 13.25 -11.71 17.67
CA ALA A 448 13.58 -11.12 16.38
C ALA A 448 14.94 -10.43 16.42
N LYS A 449 15.90 -10.97 15.65
CA LYS A 449 17.25 -10.43 15.61
C LYS A 449 17.35 -8.96 15.19
N LEU A 450 16.52 -8.56 14.21
CA LEU A 450 16.46 -7.15 13.79
C LEU A 450 16.12 -6.23 14.97
N VAL A 451 15.08 -6.61 15.71
CA VAL A 451 14.59 -5.84 16.86
C VAL A 451 15.58 -5.89 18.04
N ARG A 452 16.21 -7.04 18.23
CA ARG A 452 17.19 -7.24 19.29
C ARG A 452 18.34 -6.22 19.29
N GLU A 453 18.67 -5.68 18.11
CA GLU A 453 19.73 -4.68 18.01
C GLU A 453 19.24 -3.24 18.09
N ALA A 454 17.92 -3.06 18.18
CA ALA A 454 17.32 -1.72 18.25
C ALA A 454 16.72 -1.41 19.63
N ILE A 455 16.32 -2.46 20.35
CA ILE A 455 15.65 -2.32 21.65
C ILE A 455 16.33 -3.26 22.64
N LEU A 456 17.00 -2.68 23.64
CA LEU A 456 17.92 -3.44 24.52
C LEU A 456 17.86 -3.01 25.99
N PRO A 457 18.09 -3.97 26.91
CA PRO A 457 18.14 -3.67 28.35
C PRO A 457 19.57 -3.44 28.85
N THR A 458 20.52 -3.64 27.94
CA THR A 458 21.92 -3.65 28.26
C THR A 458 22.41 -2.24 28.08
N LYS A 459 23.29 -1.81 28.97
CA LYS A 459 23.74 -0.43 29.00
C LYS A 459 24.90 -0.33 29.92
N ALA A 460 25.88 0.45 29.50
CA ALA A 460 27.07 0.63 30.29
C ALA A 460 27.66 1.95 29.89
N THR A 461 28.29 2.59 30.88
CA THR A 461 29.15 3.74 30.63
C THR A 461 30.58 3.26 30.84
N LEU A 462 31.37 3.32 29.77
CA LEU A 462 32.69 2.70 29.78
C LEU A 462 33.84 3.69 29.63
N ASP A 463 34.94 3.41 30.32
CA ASP A 463 36.17 4.16 30.12
C ASP A 463 37.02 3.50 29.04
N LEU A 464 36.86 4.01 27.82
CA LEU A 464 37.56 3.50 26.66
C LEU A 464 38.70 4.44 26.23
N SER A 465 39.17 5.26 27.18
CA SER A 465 40.28 6.18 26.91
C SER A 465 41.63 5.46 26.81
N ASN A 466 41.73 4.28 27.42
CA ASN A 466 42.93 3.47 27.40
C ASN A 466 42.60 2.06 26.90
N GLN A 467 43.16 1.69 25.75
CA GLN A 467 42.85 0.39 25.15
C GLN A 467 43.36 -0.79 26.00
N ASN A 468 44.10 -0.46 27.06
CA ASN A 468 44.54 -1.41 28.07
C ASN A 468 43.61 -1.53 29.30
N ASN A 469 42.56 -0.71 29.36
CA ASN A 469 41.53 -0.82 30.41
C ASN A 469 40.81 -2.16 30.36
N GLU A 470 40.31 -2.64 31.50
CA GLU A 470 39.40 -3.77 31.51
C GLU A 470 38.11 -3.44 30.76
N ASP A 471 37.66 -2.18 30.84
CA ASP A 471 36.48 -1.70 30.08
C ASP A 471 36.67 -1.88 28.58
N PHE A 472 37.86 -1.55 28.09
CA PHE A 472 38.13 -1.72 26.66
C PHE A 472 38.16 -3.19 26.27
N SER A 473 38.69 -4.04 27.16
CA SER A 473 38.67 -5.50 26.95
C SER A 473 37.24 -6.04 26.84
N ALA A 474 36.34 -5.56 27.70
CA ALA A 474 34.91 -5.92 27.63
C ALA A 474 34.31 -5.51 26.29
N PHE A 475 34.62 -4.28 25.87
CA PHE A 475 34.19 -3.71 24.60
C PHE A 475 34.65 -4.59 23.43
N GLN A 476 35.92 -4.98 23.47
CA GLN A 476 36.48 -5.86 22.44
C GLN A 476 35.77 -7.21 22.37
N LEU A 477 35.50 -7.78 23.54
CA LEU A 477 34.82 -9.07 23.61
C LEU A 477 33.44 -9.01 22.95
N GLY A 478 32.70 -7.93 23.22
CA GLY A 478 31.38 -7.72 22.61
C GLY A 478 31.46 -7.55 21.10
N LEU A 479 32.45 -6.78 20.66
CA LEU A 479 32.65 -6.58 19.22
C LEU A 479 33.00 -7.90 18.52
N ALA A 480 33.95 -8.64 19.08
CA ALA A 480 34.43 -9.89 18.49
C ALA A 480 33.32 -10.92 18.38
N GLN A 481 32.58 -11.11 19.47
CA GLN A 481 31.48 -12.07 19.49
C GLN A 481 30.43 -11.71 18.44
N ALA A 482 30.08 -10.43 18.37
CA ALA A 482 29.12 -9.93 17.39
C ALA A 482 29.61 -10.13 15.95
N LEU A 483 30.92 -10.10 15.77
CA LEU A 483 31.53 -10.26 14.45
C LEU A 483 31.88 -11.70 14.09
N ASP A 484 31.41 -12.64 14.92
CA ASP A 484 31.47 -14.07 14.63
C ASP A 484 32.87 -14.67 14.87
N ILE A 485 33.68 -13.97 15.65
CA ILE A 485 34.87 -14.56 16.24
C ILE A 485 34.34 -15.45 17.36
N LYS A 486 34.81 -16.70 17.42
CA LYS A 486 34.27 -17.63 18.40
C LYS A 486 34.98 -17.43 19.73
N VAL A 487 34.48 -16.45 20.48
CA VAL A 487 35.18 -15.93 21.67
C VAL A 487 35.38 -16.95 22.80
N HIS A 488 34.57 -18.00 22.83
CA HIS A 488 34.67 -19.01 23.88
C HIS A 488 35.82 -20.01 23.63
N THR A 489 36.37 -19.98 22.42
CA THR A 489 37.38 -20.95 21.98
C THR A 489 38.83 -20.46 22.16
N MET A 490 38.98 -19.22 22.61
CA MET A 490 40.29 -18.58 22.75
C MET A 490 40.28 -17.65 23.96
N THR A 491 41.47 -17.42 24.54
CA THR A 491 41.58 -16.52 25.68
C THR A 491 41.25 -15.09 25.27
N ARG A 492 40.97 -14.24 26.26
CA ARG A 492 40.67 -12.84 26.01
C ARG A 492 41.81 -12.16 25.25
N GLU A 493 43.04 -12.50 25.60
CA GLU A 493 44.23 -11.91 25.00
C GLU A 493 44.34 -12.23 23.50
N VAL A 494 44.14 -13.51 23.15
CA VAL A 494 44.16 -13.96 21.76
C VAL A 494 42.99 -13.37 20.97
N MET A 495 41.81 -13.32 21.60
CA MET A 495 40.63 -12.65 21.01
C MET A 495 40.95 -11.22 20.59
N SER A 496 41.56 -10.46 21.49
CA SER A 496 41.92 -9.06 21.23
C SER A 496 42.71 -8.91 19.93
N ASP A 497 43.67 -9.82 19.70
CA ASP A 497 44.49 -9.76 18.50
C ASP A 497 43.73 -10.12 17.23
N GLU A 498 42.87 -11.14 17.31
CA GLU A 498 42.01 -11.54 16.19
C GLU A 498 41.06 -10.39 15.79
N LEU A 499 40.51 -9.71 16.79
CA LEU A 499 39.61 -8.57 16.53
C LEU A 499 40.35 -7.41 15.86
N THR A 500 41.52 -7.08 16.39
CA THR A 500 42.35 -5.99 15.86
C THR A 500 42.67 -6.23 14.38
N LYS A 501 43.06 -7.47 14.05
CA LYS A 501 43.32 -7.89 12.68
C LYS A 501 42.12 -7.66 11.76
N LEU A 502 40.92 -7.92 12.28
CA LEU A 502 39.71 -7.80 11.50
C LEU A 502 39.30 -6.34 11.28
N LEU A 503 39.37 -5.54 12.33
CA LEU A 503 39.00 -4.13 12.29
C LEU A 503 39.92 -3.33 11.38
N GLU A 504 41.20 -3.65 11.42
CA GLU A 504 42.19 -2.94 10.62
C GLU A 504 42.28 -3.47 9.19
N GLY A 505 41.74 -4.67 8.97
CA GLY A 505 41.79 -5.35 7.68
C GLY A 505 40.50 -5.24 6.88
N ASN A 506 39.81 -6.38 6.72
CA ASN A 506 38.64 -6.50 5.84
C ASN A 506 37.45 -5.61 6.22
N LEU A 507 37.32 -5.29 7.51
CA LEU A 507 36.19 -4.48 7.99
C LEU A 507 36.43 -2.98 7.86
N LYS A 508 37.70 -2.59 7.65
CA LYS A 508 38.09 -1.19 7.63
C LYS A 508 37.21 -0.27 6.75
N PRO A 509 36.95 -0.67 5.48
CA PRO A 509 36.07 0.14 4.61
C PRO A 509 34.66 0.38 5.19
N ALA A 510 34.08 -0.64 5.82
CA ALA A 510 32.76 -0.52 6.43
C ALA A 510 32.81 0.38 7.66
N ILE A 511 33.85 0.23 8.49
CA ILE A 511 34.08 1.12 9.64
C ILE A 511 34.18 2.59 9.21
N ASP A 512 34.99 2.86 8.18
CA ASP A 512 35.13 4.21 7.62
C ASP A 512 33.78 4.77 7.19
N MET A 513 32.98 3.95 6.52
CA MET A 513 31.63 4.34 6.11
C MET A 513 30.75 4.67 7.32
N MET A 514 30.86 3.85 8.37
CA MET A 514 30.05 4.08 9.57
C MET A 514 30.53 5.29 10.37
N VAL A 515 31.83 5.56 10.35
CA VAL A 515 32.38 6.80 10.93
C VAL A 515 31.72 8.00 10.24
N GLU A 516 31.67 7.95 8.91
CA GLU A 516 31.01 9.01 8.14
C GLU A 516 29.52 9.12 8.46
N PHE A 517 28.85 7.99 8.62
CA PHE A 517 27.44 7.99 9.03
C PHE A 517 27.25 8.64 10.39
N ASN A 518 28.15 8.32 11.32
CA ASN A 518 28.08 8.83 12.70
C ASN A 518 28.64 10.24 12.82
N THR A 519 28.86 10.86 11.66
CA THR A 519 29.32 12.24 11.57
C THR A 519 28.24 13.09 10.89
N THR A 520 27.81 12.67 9.69
CA THR A 520 26.89 13.44 8.85
C THR A 520 25.47 12.88 8.77
N GLY A 521 25.31 11.60 9.11
CA GLY A 521 24.02 10.93 9.01
C GLY A 521 23.73 10.41 7.61
N SER A 522 24.73 10.50 6.74
CA SER A 522 24.59 10.03 5.38
C SER A 522 25.24 8.66 5.16
N LEU A 523 24.69 7.92 4.22
CA LEU A 523 25.26 6.68 3.73
C LEU A 523 25.48 6.81 2.21
N PRO A 524 26.52 6.15 1.68
CA PRO A 524 26.76 6.17 0.25
C PRO A 524 25.77 5.28 -0.50
N GLU A 525 25.64 5.51 -1.80
CA GLU A 525 24.77 4.71 -2.65
C GLU A 525 25.11 3.22 -2.65
N ASN A 526 26.39 2.89 -2.52
CA ASN A 526 26.86 1.50 -2.51
C ASN A 526 26.99 0.88 -1.11
N ALA A 527 26.26 1.44 -0.14
CA ALA A 527 26.31 1.01 1.27
C ALA A 527 26.15 -0.51 1.45
N VAL A 528 25.20 -1.12 0.74
CA VAL A 528 24.97 -2.56 0.82
C VAL A 528 26.19 -3.37 0.38
N ASP A 529 26.80 -2.98 -0.75
CA ASP A 529 28.00 -3.67 -1.26
C ASP A 529 29.17 -3.54 -0.28
N VAL A 530 29.37 -2.34 0.26
CA VAL A 530 30.43 -2.10 1.25
C VAL A 530 30.28 -3.02 2.47
N LEU A 531 29.07 -3.11 2.99
CA LEU A 531 28.77 -3.97 4.15
C LEU A 531 28.91 -5.45 3.81
N ASN A 532 28.33 -5.86 2.69
CA ASN A 532 28.45 -7.23 2.21
C ASN A 532 29.87 -7.70 2.04
N THR A 533 30.69 -6.87 1.40
CA THR A 533 32.05 -7.25 1.07
C THR A 533 32.94 -7.28 2.33
N ALA A 534 32.77 -6.29 3.21
CA ALA A 534 33.50 -6.27 4.48
C ALA A 534 33.17 -7.46 5.37
N LEU A 535 31.88 -7.73 5.54
CA LEU A 535 31.40 -8.75 6.48
C LEU A 535 31.51 -10.20 6.00
N GLY A 536 31.22 -10.44 4.72
CA GLY A 536 31.19 -11.81 4.20
C GLY A 536 30.23 -12.66 5.01
N ASP A 537 30.66 -13.86 5.40
CA ASP A 537 29.79 -14.74 6.19
C ASP A 537 29.63 -14.34 7.65
N ARG A 538 30.25 -13.23 8.04
CA ARG A 538 30.09 -12.66 9.39
C ARG A 538 28.82 -11.85 9.49
N LYS A 539 28.18 -11.59 8.35
CA LYS A 539 27.02 -10.71 8.29
C LYS A 539 25.84 -11.18 9.13
N SER A 540 25.36 -10.27 9.99
CA SER A 540 24.22 -10.51 10.88
C SER A 540 23.78 -9.14 11.42
N PHE A 541 22.59 -9.08 12.02
CA PHE A 541 22.17 -7.85 12.64
C PHE A 541 23.10 -7.43 13.78
N VAL A 542 23.52 -8.39 14.60
CA VAL A 542 24.43 -8.05 15.70
C VAL A 542 25.81 -7.58 15.18
N ALA A 543 26.23 -8.09 14.02
CA ALA A 543 27.44 -7.59 13.36
C ALA A 543 27.30 -6.13 12.97
N LEU A 544 26.10 -5.74 12.53
CA LEU A 544 25.81 -4.35 12.20
C LEU A 544 25.91 -3.46 13.43
N MET A 545 25.40 -3.95 14.56
CA MET A 545 25.56 -3.28 15.86
C MET A 545 27.04 -3.05 16.18
N ALA A 546 27.88 -4.07 15.99
CA ALA A 546 29.32 -3.96 16.26
C ALA A 546 29.99 -2.88 15.41
N LEU A 547 29.71 -2.88 14.11
CA LEU A 547 30.23 -1.83 13.23
C LEU A 547 29.76 -0.46 13.69
N MET A 548 28.47 -0.35 14.04
CA MET A 548 27.92 0.89 14.56
C MET A 548 28.65 1.34 15.82
N GLU A 549 28.76 0.45 16.80
CA GLU A 549 29.32 0.84 18.10
C GLU A 549 30.81 1.15 18.05
N TYR A 550 31.57 0.39 17.28
CA TYR A 550 32.99 0.70 17.14
C TYR A 550 33.20 2.07 16.46
N SER A 551 32.44 2.34 15.40
CA SER A 551 32.55 3.63 14.71
C SER A 551 32.11 4.80 15.60
N ARG A 552 31.09 4.58 16.42
CA ARG A 552 30.63 5.56 17.42
C ARG A 552 31.72 5.87 18.44
N TYR A 553 32.40 4.83 18.94
CA TYR A 553 33.55 5.00 19.84
C TYR A 553 34.62 5.85 19.17
N LEU A 554 34.91 5.55 17.90
CA LEU A 554 35.95 6.28 17.18
C LEU A 554 35.66 7.78 17.14
N VAL A 555 34.41 8.15 16.95
CA VAL A 555 34.03 9.56 16.85
C VAL A 555 33.69 10.24 18.19
N ALA A 556 33.57 9.44 19.25
CA ALA A 556 33.16 9.95 20.57
C ALA A 556 34.10 11.04 21.09
N GLU A 557 33.52 12.14 21.57
CA GLU A 557 34.31 13.26 22.12
C GLU A 557 34.90 12.91 23.49
N ASP A 558 34.11 12.24 24.32
CA ASP A 558 34.60 11.80 25.62
C ASP A 558 34.67 10.27 25.69
N LYS A 559 35.80 9.71 25.28
CA LYS A 559 36.01 8.27 25.28
C LYS A 559 36.06 7.67 26.70
N SER A 560 36.22 8.53 27.71
CA SER A 560 36.30 8.07 29.10
C SER A 560 34.93 7.78 29.72
N ALA A 561 33.87 8.15 29.01
CA ALA A 561 32.49 7.92 29.44
C ALA A 561 31.62 7.60 28.23
N PHE A 562 31.97 6.52 27.54
CA PHE A 562 31.25 6.07 26.35
C PHE A 562 30.05 5.19 26.73
N VAL A 563 28.85 5.62 26.32
CA VAL A 563 27.61 4.93 26.67
C VAL A 563 27.17 4.05 25.50
N THR A 564 27.02 2.75 25.77
CA THR A 564 26.72 1.77 24.73
C THR A 564 25.86 0.62 25.27
N PRO A 565 24.89 0.12 24.45
CA PRO A 565 24.13 -1.10 24.75
C PRO A 565 24.77 -2.40 24.23
N LEU A 566 25.94 -2.30 23.59
CA LEU A 566 26.63 -3.48 23.08
C LEU A 566 26.76 -4.49 24.21
N TYR A 567 26.53 -5.75 23.92
CA TYR A 567 26.50 -6.76 24.95
C TYR A 567 27.45 -7.92 24.65
N VAL A 568 27.68 -8.74 25.66
CA VAL A 568 28.29 -10.05 25.48
C VAL A 568 27.25 -11.06 25.90
N GLU A 569 27.07 -12.09 25.07
CA GLU A 569 26.19 -13.19 25.41
C GLU A 569 26.97 -14.30 26.10
N ALA A 570 26.67 -14.55 27.37
CA ALA A 570 27.13 -15.77 28.04
C ALA A 570 26.32 -16.88 27.41
N ASP A 571 26.97 -17.76 26.67
CA ASP A 571 26.25 -18.64 25.78
C ASP A 571 26.57 -20.10 26.01
N GLY A 572 25.52 -20.91 26.16
CA GLY A 572 25.68 -22.33 26.46
C GLY A 572 26.50 -23.05 25.40
N VAL A 573 27.36 -23.95 25.84
CA VAL A 573 28.18 -24.77 24.96
C VAL A 573 27.53 -26.15 24.80
N THR A 574 27.04 -26.45 23.59
CA THR A 574 26.26 -27.68 23.32
C THR A 574 25.31 -28.00 24.48
N ASN A 575 24.46 -27.02 24.79
CA ASN A 575 23.74 -26.95 26.06
C ASN A 575 22.80 -28.12 26.36
N GLY A 576 21.87 -28.41 25.44
CA GLY A 576 20.92 -29.51 25.64
C GLY A 576 21.58 -30.85 25.87
N PRO A 577 22.45 -31.28 24.94
CA PRO A 577 23.20 -32.53 25.12
C PRO A 577 23.97 -32.62 26.43
N ILE A 578 24.68 -31.56 26.80
CA ILE A 578 25.46 -31.55 28.04
C ILE A 578 24.55 -31.63 29.27
N ASN A 579 23.47 -30.85 29.28
CA ASN A 579 22.48 -30.95 30.35
C ASN A 579 21.92 -32.37 30.50
N ALA A 580 21.58 -32.99 29.38
CA ALA A 580 21.08 -34.38 29.38
C ALA A 580 22.10 -35.32 30.01
N MET A 581 23.35 -35.21 29.58
CA MET A 581 24.44 -36.04 30.11
C MET A 581 24.63 -35.84 31.61
N MET A 582 24.58 -34.59 32.07
CA MET A 582 24.72 -34.31 33.51
C MET A 582 23.49 -34.67 34.34
N LEU A 583 22.30 -34.47 33.77
CA LEU A 583 21.06 -34.72 34.51
C LEU A 583 20.60 -36.17 34.52
N MET A 584 20.96 -36.92 33.47
CA MET A 584 20.37 -38.25 33.27
C MET A 584 21.32 -39.42 32.98
N THR A 585 22.63 -39.21 33.07
CA THR A 585 23.56 -40.34 33.08
C THR A 585 23.46 -41.00 34.45
N GLY A 586 23.30 -42.33 34.49
CA GLY A 586 23.01 -43.01 35.76
C GLY A 586 23.99 -44.04 36.30
N GLY A 587 24.98 -44.44 35.51
CA GLY A 587 25.88 -45.52 35.94
C GLY A 587 27.04 -45.03 36.80
N LEU A 588 28.08 -45.85 36.91
CA LEU A 588 29.33 -45.43 37.51
C LEU A 588 30.01 -44.45 36.56
N PHE A 589 30.94 -43.67 37.09
CA PHE A 589 31.72 -42.72 36.29
C PHE A 589 32.68 -43.46 35.36
N THR A 590 32.76 -42.97 34.12
CA THR A 590 33.67 -43.49 33.11
C THR A 590 34.59 -42.36 32.62
N PRO A 591 35.83 -42.69 32.22
CA PRO A 591 36.74 -41.64 31.73
C PRO A 591 36.30 -40.96 30.43
N ASP A 592 35.64 -41.69 29.52
CA ASP A 592 35.12 -41.08 28.29
C ASP A 592 34.09 -40.01 28.64
N TRP A 593 33.27 -40.27 29.65
CA TRP A 593 32.25 -39.32 30.12
C TRP A 593 32.93 -38.08 30.70
N ILE A 594 33.98 -38.28 31.50
CA ILE A 594 34.75 -37.16 32.04
C ILE A 594 35.33 -36.26 30.93
N ARG A 595 35.95 -36.87 29.93
CA ARG A 595 36.48 -36.14 28.78
C ARG A 595 35.36 -35.42 27.99
N ASN A 596 34.25 -36.12 27.77
CA ASN A 596 33.19 -35.54 26.94
C ASN A 596 32.41 -34.43 27.65
N ILE A 597 32.20 -34.58 28.95
CA ILE A 597 31.48 -33.55 29.70
C ILE A 597 32.32 -32.28 29.87
N ALA A 598 33.65 -32.43 29.88
CA ALA A 598 34.54 -31.28 29.91
C ALA A 598 34.37 -30.43 28.64
N LYS A 599 33.96 -31.07 27.55
CA LYS A 599 33.71 -30.34 26.31
C LYS A 599 32.54 -29.35 26.47
N GLY A 600 31.71 -29.57 27.49
CA GLY A 600 30.62 -28.68 27.83
C GLY A 600 30.87 -27.84 29.07
N GLY A 601 32.11 -27.82 29.56
CA GLY A 601 32.49 -26.90 30.62
C GLY A 601 32.37 -27.39 32.07
N LEU A 602 32.22 -28.69 32.26
CA LEU A 602 32.35 -29.27 33.59
C LEU A 602 33.78 -29.76 33.75
N PHE A 603 34.59 -29.01 34.49
CA PHE A 603 36.00 -29.35 34.69
C PHE A 603 36.25 -29.92 36.09
N ILE A 604 36.87 -31.09 36.13
CA ILE A 604 37.17 -31.76 37.38
C ILE A 604 38.68 -31.66 37.65
N GLY A 605 39.01 -31.17 38.85
CA GLY A 605 40.40 -31.08 39.30
C GLY A 605 41.21 -30.02 38.59
N SER A 606 40.53 -28.94 38.17
CA SER A 606 41.19 -27.85 37.48
C SER A 606 40.65 -26.52 38.00
N PRO A 607 41.04 -26.13 39.24
CA PRO A 607 40.53 -24.88 39.82
C PRO A 607 40.66 -23.67 38.90
N ASN A 608 39.56 -22.95 38.74
CA ASN A 608 39.51 -21.70 37.97
C ASN A 608 39.68 -21.86 36.46
N LYS A 609 39.64 -23.10 35.98
CA LYS A 609 39.75 -23.37 34.54
C LYS A 609 38.54 -22.83 33.79
N THR A 610 38.81 -22.22 32.63
CA THR A 610 37.76 -21.64 31.79
C THR A 610 37.58 -22.45 30.52
N MET A 611 36.43 -22.25 29.87
CA MET A 611 36.19 -22.83 28.55
C MET A 611 37.24 -22.35 27.55
N ASN A 612 37.61 -21.07 27.64
CA ASN A 612 38.63 -20.49 26.75
C ASN A 612 39.95 -21.27 26.83
N GLU A 613 40.39 -21.55 28.06
CA GLU A 613 41.59 -22.34 28.30
C GLU A 613 41.44 -23.79 27.84
N HIS A 614 40.27 -24.38 28.08
CA HIS A 614 40.02 -25.77 27.67
C HIS A 614 40.21 -25.93 26.16
N ARG A 615 39.54 -25.08 25.40
CA ARG A 615 39.59 -25.13 23.94
C ARG A 615 40.98 -24.86 23.37
N SER A 616 41.72 -23.97 24.02
CA SER A 616 43.02 -23.54 23.51
C SER A 616 44.18 -24.47 23.87
N THR A 617 44.12 -25.11 25.04
CA THR A 617 45.24 -25.93 25.56
C THR A 617 44.97 -27.42 25.78
N ALA A 618 43.71 -27.83 25.88
CA ALA A 618 43.40 -29.21 26.26
C ALA A 618 42.68 -30.05 25.20
N ASP A 619 41.68 -29.47 24.55
CA ASP A 619 40.80 -30.21 23.64
C ASP A 619 40.04 -29.22 22.77
N ASN A 620 40.42 -29.15 21.50
CA ASN A 620 39.81 -28.21 20.56
C ASN A 620 38.50 -28.74 19.96
N ASN A 621 38.13 -29.96 20.34
CA ASN A 621 36.97 -30.63 19.77
C ASN A 621 35.75 -30.57 20.68
N ASP A 622 34.71 -29.87 20.23
CA ASP A 622 33.46 -29.81 20.99
C ASP A 622 32.64 -31.11 20.81
N LEU A 623 31.48 -31.17 21.44
CA LEU A 623 30.67 -32.39 21.42
C LEU A 623 30.18 -32.77 20.01
N TYR A 624 29.93 -31.75 19.19
CA TYR A 624 29.54 -31.94 17.79
C TYR A 624 30.68 -32.55 16.98
N GLN A 625 31.88 -31.99 17.13
CA GLN A 625 33.07 -32.55 16.47
C GLN A 625 33.36 -33.96 16.95
N ALA A 626 33.17 -34.21 18.24
CA ALA A 626 33.37 -35.54 18.80
C ALA A 626 32.43 -36.58 18.16
N SER A 627 31.17 -36.24 17.98
CA SER A 627 30.22 -37.15 17.32
C SER A 627 30.48 -37.29 15.82
N THR A 628 30.99 -36.21 15.20
CA THR A 628 31.38 -36.22 13.79
C THR A 628 32.57 -37.15 13.58
N ASN A 629 33.54 -37.08 14.49
CA ASN A 629 34.68 -38.00 14.50
C ASN A 629 34.25 -39.46 14.67
N ALA A 630 33.25 -39.69 15.53
CA ALA A 630 32.72 -41.02 15.76
C ALA A 630 31.94 -41.51 14.53
N LEU A 631 31.27 -40.58 13.85
CA LEU A 631 30.61 -40.87 12.57
C LEU A 631 31.62 -41.37 11.53
N MET A 632 32.76 -40.67 11.44
CA MET A 632 33.85 -41.03 10.51
C MET A 632 34.35 -42.46 10.75
N GLU A 633 34.42 -42.86 12.03
CA GLU A 633 34.79 -44.23 12.42
C GLU A 633 33.73 -45.25 12.04
N SER A 634 32.47 -44.94 12.36
CA SER A 634 31.35 -45.85 12.06
C SER A 634 31.17 -46.03 10.56
N LEU A 635 31.33 -44.92 9.81
CA LEU A 635 31.24 -44.93 8.36
C LEU A 635 32.34 -45.81 7.77
N GLY A 636 33.55 -45.69 8.33
CA GLY A 636 34.70 -46.48 7.93
C GLY A 636 34.44 -47.97 8.11
N LYS A 637 33.83 -48.32 9.24
CA LYS A 637 33.44 -49.70 9.52
C LYS A 637 32.38 -50.24 8.57
N LEU A 638 31.36 -49.42 8.28
CA LEU A 638 30.31 -49.80 7.33
C LEU A 638 30.88 -50.04 5.92
N ARG A 639 31.85 -49.22 5.53
CA ARG A 639 32.55 -49.37 4.26
C ARG A 639 33.36 -50.67 4.19
N SER A 640 33.85 -51.10 5.35
CA SER A 640 34.62 -52.34 5.46
C SER A 640 33.74 -53.59 5.38
N ASN A 641 32.58 -53.53 6.02
CA ASN A 641 31.64 -54.66 6.04
C ASN A 641 31.11 -55.01 4.64
N TYR A 642 31.35 -54.12 3.68
CA TYR A 642 30.93 -54.33 2.29
C TYR A 642 32.06 -54.07 1.30
N ALA A 643 33.29 -54.25 1.77
CA ALA A 643 34.51 -53.99 0.97
C ALA A 643 34.47 -54.64 -0.42
N SER A 644 34.03 -55.89 -0.48
CA SER A 644 34.00 -56.66 -1.72
C SER A 644 32.79 -56.32 -2.61
N ASN A 645 31.81 -55.63 -2.05
CA ASN A 645 30.60 -55.26 -2.78
C ASN A 645 30.75 -53.94 -3.54
N MET A 646 31.21 -54.02 -4.80
CA MET A 646 31.41 -52.83 -5.64
C MET A 646 30.17 -51.94 -5.83
N PRO A 647 28.99 -52.53 -6.13
CA PRO A 647 27.79 -51.70 -6.20
C PRO A 647 27.53 -50.87 -4.93
N ILE A 648 27.71 -51.49 -3.75
CA ILE A 648 27.50 -50.78 -2.48
C ILE A 648 28.56 -49.69 -2.24
N GLN A 649 29.83 -50.02 -2.44
CA GLN A 649 30.92 -49.05 -2.35
C GLN A 649 30.67 -47.85 -3.24
N SER A 650 30.24 -48.12 -4.48
CA SER A 650 29.94 -47.09 -5.45
C SER A 650 28.76 -46.23 -5.02
N GLN A 651 27.77 -46.85 -4.38
CA GLN A 651 26.59 -46.14 -3.92
C GLN A 651 26.93 -45.17 -2.79
N ILE A 652 27.76 -45.64 -1.85
CA ILE A 652 28.28 -44.79 -0.77
C ILE A 652 29.12 -43.62 -1.32
N ASP A 653 30.01 -43.93 -2.27
CA ASP A 653 30.86 -42.92 -2.92
C ASP A 653 30.02 -41.82 -3.53
N SER A 654 28.92 -42.21 -4.17
CA SER A 654 28.02 -41.27 -4.83
C SER A 654 27.29 -40.37 -3.86
N LEU A 655 26.82 -40.94 -2.75
CA LEU A 655 26.23 -40.13 -1.68
C LEU A 655 27.23 -39.10 -1.17
N LEU A 656 28.43 -39.56 -0.83
CA LEU A 656 29.47 -38.69 -0.29
C LEU A 656 29.93 -37.65 -1.31
N SER A 657 29.99 -38.05 -2.57
CA SER A 657 30.34 -37.15 -3.66
C SER A 657 29.31 -36.02 -3.79
N LEU A 658 28.02 -36.37 -3.77
CA LEU A 658 26.95 -35.39 -3.90
C LEU A 658 26.95 -34.38 -2.75
N MET A 659 27.19 -34.88 -1.54
CA MET A 659 27.27 -34.03 -0.36
C MET A 659 28.49 -33.09 -0.43
N ASP A 660 29.62 -33.61 -0.88
CA ASP A 660 30.85 -32.82 -1.06
C ASP A 660 30.67 -31.68 -2.07
N LEU A 661 29.90 -31.95 -3.11
CA LEU A 661 29.61 -30.96 -4.15
C LEU A 661 28.89 -29.75 -3.58
N PHE A 662 28.00 -29.98 -2.62
CA PHE A 662 27.05 -28.95 -2.21
C PHE A 662 27.12 -28.47 -0.75
N LEU A 663 27.72 -29.27 0.15
CA LEU A 663 27.75 -28.91 1.57
C LEU A 663 29.16 -28.57 2.06
N PRO A 664 29.30 -27.42 2.76
CA PRO A 664 30.61 -27.02 3.29
C PRO A 664 31.19 -27.96 4.37
N ASP A 665 30.34 -28.71 5.06
CA ASP A 665 30.78 -29.54 6.18
C ASP A 665 31.31 -30.93 5.79
N ILE A 666 31.24 -31.23 4.50
CA ILE A 666 31.77 -32.48 3.94
C ILE A 666 32.83 -32.15 2.90
N ASN A 667 34.06 -32.63 3.13
CA ASN A 667 35.13 -32.48 2.15
C ASN A 667 35.83 -33.79 1.81
N LEU A 668 35.86 -34.11 0.51
CA LEU A 668 36.64 -35.21 -0.02
C LEU A 668 37.93 -34.66 -0.62
N GLY A 669 39.08 -35.10 -0.09
CA GLY A 669 40.37 -34.71 -0.65
C GLY A 669 40.67 -35.41 -1.96
N GLU A 670 41.65 -34.89 -2.72
CA GLU A 670 42.06 -35.46 -4.00
C GLU A 670 42.38 -36.97 -3.92
N ASN A 671 42.98 -37.40 -2.81
CA ASN A 671 43.28 -38.82 -2.60
C ASN A 671 42.21 -39.61 -1.81
N GLY A 672 41.02 -39.04 -1.72
CA GLY A 672 39.88 -39.71 -1.08
C GLY A 672 39.74 -39.59 0.43
N ALA A 673 40.65 -38.85 1.07
CA ALA A 673 40.56 -38.59 2.50
C ALA A 673 39.31 -37.79 2.84
N LEU A 674 38.54 -38.30 3.80
CA LEU A 674 37.29 -37.69 4.23
C LEU A 674 37.50 -36.76 5.41
N GLU A 675 37.02 -35.53 5.27
CA GLU A 675 37.00 -34.55 6.35
C GLU A 675 35.56 -34.15 6.59
N LEU A 676 35.09 -34.34 7.81
CA LEU A 676 33.76 -33.88 8.19
C LEU A 676 33.88 -32.86 9.30
N LYS A 677 33.11 -31.78 9.19
CA LYS A 677 33.15 -30.70 10.17
C LYS A 677 31.93 -30.76 11.08
N ARG A 678 32.14 -30.36 12.34
CA ARG A 678 31.13 -30.43 13.41
C ARG A 678 29.73 -30.00 12.99
N GLY A 679 29.66 -29.10 12.00
CA GLY A 679 28.41 -28.54 11.52
C GLY A 679 27.35 -29.55 11.12
N ILE A 680 27.76 -30.69 10.55
CA ILE A 680 26.76 -31.70 10.13
C ILE A 680 26.12 -32.44 11.29
N ALA A 681 26.78 -32.45 12.45
CA ALA A 681 26.27 -33.18 13.60
C ALA A 681 25.45 -32.35 14.58
N LYS A 682 25.43 -31.04 14.38
CA LYS A 682 24.82 -30.07 15.31
C LYS A 682 23.33 -30.35 15.60
N ASN A 683 22.49 -30.30 14.57
CA ASN A 683 21.08 -30.63 14.78
C ASN A 683 20.79 -32.11 15.00
N PRO A 684 21.41 -33.01 14.20
CA PRO A 684 21.22 -34.44 14.47
C PRO A 684 21.48 -34.88 15.90
N LEU A 685 22.57 -34.40 16.52
CA LEU A 685 22.91 -34.77 17.90
C LEU A 685 21.78 -34.40 18.85
N THR A 686 21.41 -33.13 18.82
CA THR A 686 20.37 -32.57 19.68
C THR A 686 19.08 -33.36 19.57
N ILE A 687 18.56 -33.48 18.36
CA ILE A 687 17.22 -34.03 18.16
C ILE A 687 17.14 -35.54 18.44
N THR A 688 18.25 -36.25 18.28
CA THR A 688 18.32 -37.69 18.57
C THR A 688 18.07 -38.02 20.05
N ILE A 689 18.76 -37.29 20.94
CA ILE A 689 18.60 -37.45 22.38
C ILE A 689 17.13 -37.26 22.74
N TYR A 690 16.50 -36.29 22.07
CA TYR A 690 15.11 -35.90 22.29
C TYR A 690 14.08 -36.81 21.64
N GLY A 691 14.54 -37.92 21.06
CA GLY A 691 13.64 -38.96 20.61
C GLY A 691 13.31 -38.93 19.14
N SER A 692 14.01 -38.09 18.37
CA SER A 692 13.84 -38.06 16.92
C SER A 692 14.27 -39.38 16.31
N GLY A 693 13.51 -39.83 15.31
CA GLY A 693 13.89 -40.98 14.52
C GLY A 693 14.99 -40.62 13.54
N ALA A 694 15.62 -41.65 12.96
CA ALA A 694 16.67 -41.46 11.98
C ALA A 694 16.13 -40.94 10.64
N ARG A 695 14.93 -41.36 10.29
CA ARG A 695 14.29 -40.97 9.01
C ARG A 695 14.11 -39.45 8.90
N GLY A 696 13.72 -38.80 9.99
CA GLY A 696 13.55 -37.34 10.02
C GLY A 696 14.85 -36.59 9.82
N ILE A 697 15.93 -37.13 10.37
CA ILE A 697 17.27 -36.57 10.19
C ILE A 697 17.74 -36.71 8.75
N ALA A 698 17.47 -37.89 8.17
CA ALA A 698 17.79 -38.14 6.77
C ALA A 698 17.07 -37.14 5.87
N GLY A 699 15.79 -36.91 6.16
CA GLY A 699 15.00 -35.91 5.45
C GLY A 699 15.61 -34.51 5.48
N LYS A 700 16.08 -34.09 6.65
CA LYS A 700 16.68 -32.76 6.83
C LYS A 700 18.03 -32.59 6.13
N LEU A 701 18.87 -33.63 6.20
CA LEU A 701 20.15 -33.62 5.50
C LEU A 701 19.93 -33.54 3.99
N VAL A 702 18.96 -34.29 3.48
CA VAL A 702 18.61 -34.26 2.07
C VAL A 702 18.10 -32.87 1.65
N SER A 703 17.28 -32.26 2.50
CA SER A 703 16.79 -30.89 2.27
C SER A 703 17.92 -29.88 2.16
N SER A 704 18.94 -30.03 2.99
CA SER A 704 20.11 -29.15 2.93
C SER A 704 20.84 -29.30 1.59
N VAL A 705 20.94 -30.54 1.10
CA VAL A 705 21.55 -30.82 -0.21
C VAL A 705 20.73 -30.19 -1.34
N THR A 706 19.43 -30.48 -1.38
CA THR A 706 18.56 -29.98 -2.46
C THR A 706 18.46 -28.45 -2.47
N ASP A 707 18.43 -27.83 -1.28
CA ASP A 707 18.49 -26.36 -1.17
C ASP A 707 19.67 -25.82 -1.95
N ALA A 708 20.84 -26.44 -1.74
CA ALA A 708 22.07 -26.04 -2.39
C ALA A 708 22.05 -26.31 -3.89
N ILE A 709 21.42 -27.42 -4.29
CA ILE A 709 21.27 -27.75 -5.71
C ILE A 709 20.41 -26.70 -6.41
N TYR A 710 19.25 -26.39 -5.83
CA TYR A 710 18.35 -25.38 -6.37
C TYR A 710 19.01 -24.00 -6.44
N GLU A 711 19.77 -23.65 -5.40
CA GLU A 711 20.56 -22.41 -5.40
C GLU A 711 21.56 -22.39 -6.56
N ARG A 712 22.23 -23.52 -6.78
CA ARG A 712 23.23 -23.61 -7.87
C ARG A 712 22.58 -23.51 -9.25
N MET A 713 21.30 -23.89 -9.36
CA MET A 713 20.55 -23.79 -10.61
C MET A 713 20.23 -22.35 -10.99
N SER A 714 20.07 -21.49 -9.99
CA SER A 714 19.94 -20.05 -10.21
C SER A 714 21.29 -19.46 -10.62
N ASP A 715 22.38 -20.01 -10.05
CA ASP A 715 23.74 -19.63 -10.42
C ASP A 715 23.98 -19.92 -11.91
N VAL A 716 23.36 -20.99 -12.41
CA VAL A 716 23.46 -21.39 -13.81
C VAL A 716 22.72 -20.41 -14.71
N LEU A 717 21.49 -20.08 -14.33
CA LEU A 717 20.69 -19.08 -15.04
C LEU A 717 21.39 -17.72 -15.04
N LYS A 718 22.04 -17.39 -13.93
CA LYS A 718 22.81 -16.14 -13.82
C LYS A 718 24.03 -16.15 -14.74
N ALA A 719 24.72 -17.29 -14.81
CA ALA A 719 25.86 -17.48 -15.70
C ALA A 719 25.45 -17.36 -17.17
N ARG A 720 24.40 -18.07 -17.56
CA ARG A 720 23.89 -18.08 -18.94
C ARG A 720 23.50 -16.69 -19.47
N ALA A 721 22.83 -15.89 -18.64
CA ALA A 721 22.35 -14.58 -19.06
C ALA A 721 23.49 -13.60 -19.31
N LYS A 722 24.50 -13.67 -18.44
CA LYS A 722 25.72 -12.88 -18.56
C LYS A 722 26.57 -13.35 -19.75
N ASP A 723 26.50 -14.64 -20.05
CA ASP A 723 27.33 -15.26 -21.08
C ASP A 723 26.57 -16.39 -21.79
N PRO A 724 25.87 -16.07 -22.91
CA PRO A 724 25.16 -17.09 -23.70
C PRO A 724 26.01 -18.30 -24.09
N ASN A 725 27.28 -18.09 -24.40
CA ASN A 725 28.14 -19.19 -24.83
C ASN A 725 28.94 -19.86 -23.70
N ILE A 726 28.36 -19.85 -22.51
CA ILE A 726 28.90 -20.59 -21.37
C ILE A 726 28.50 -22.07 -21.48
N SER A 727 29.44 -22.96 -21.19
CA SER A 727 29.16 -24.38 -21.12
C SER A 727 28.39 -24.66 -19.84
N ALA A 728 27.53 -25.68 -19.89
CA ALA A 728 26.76 -26.12 -18.72
C ALA A 728 27.66 -26.40 -17.52
N ALA A 729 28.86 -26.92 -17.78
CA ALA A 729 29.84 -27.22 -16.74
C ALA A 729 30.43 -25.97 -16.09
N MET A 730 30.81 -24.99 -16.90
CA MET A 730 31.30 -23.71 -16.36
C MET A 730 30.18 -22.93 -15.68
N ALA A 731 28.96 -23.06 -16.19
CA ALA A 731 27.81 -22.38 -15.61
C ALA A 731 27.45 -22.89 -14.21
N MET A 732 27.65 -24.19 -13.98
CA MET A 732 27.27 -24.83 -12.73
C MET A 732 28.46 -24.97 -11.77
N PHE A 733 29.67 -25.09 -12.32
CA PHE A 733 30.85 -25.36 -11.48
C PHE A 733 32.04 -24.43 -11.73
N GLY A 734 31.79 -23.31 -12.40
CA GLY A 734 32.83 -22.32 -12.69
C GLY A 734 33.39 -21.61 -11.46
N LYS A 735 32.55 -21.45 -10.43
CA LYS A 735 32.97 -20.82 -9.17
C LYS A 735 33.70 -21.81 -8.26
N GLN A 736 33.80 -23.06 -8.70
CA GLN A 736 34.34 -24.14 -7.87
C GLN A 736 35.57 -24.80 -8.47
N ALA A 737 35.86 -24.48 -9.74
CA ALA A 737 36.93 -25.15 -10.50
C ALA A 737 38.05 -24.21 -10.94
N ALA A 738 39.15 -24.81 -11.40
CA ALA A 738 40.32 -24.08 -11.89
C ALA A 738 40.39 -24.03 -13.42
N SER A 739 39.99 -25.13 -14.07
CA SER A 739 39.93 -25.18 -15.54
C SER A 739 38.51 -25.49 -16.03
N GLU A 740 38.36 -25.58 -17.36
CA GLU A 740 37.06 -25.84 -17.98
C GLU A 740 36.72 -27.33 -17.96
N ALA A 741 37.72 -28.16 -18.22
CA ALA A 741 37.57 -29.62 -18.17
C ALA A 741 37.42 -30.12 -16.72
N HIS A 742 37.98 -29.36 -15.78
CA HIS A 742 37.87 -29.64 -14.35
C HIS A 742 36.44 -29.42 -13.86
N ALA A 743 35.78 -28.41 -14.42
CA ALA A 743 34.37 -28.14 -14.12
C ALA A 743 33.51 -29.24 -14.73
N GLU A 744 34.00 -29.80 -15.84
CA GLU A 744 33.34 -30.89 -16.55
C GLU A 744 33.32 -32.17 -15.72
N GLU A 745 34.35 -32.39 -14.91
CA GLU A 745 34.39 -33.57 -14.04
C GLU A 745 33.53 -33.41 -12.79
N LEU A 746 33.34 -32.17 -12.33
CA LEU A 746 32.40 -31.91 -11.23
C LEU A 746 30.97 -32.10 -11.72
N LEU A 747 30.71 -31.69 -12.96
CA LEU A 747 29.41 -31.92 -13.59
C LEU A 747 29.15 -33.40 -13.85
N ALA A 748 30.19 -34.14 -14.24
CA ALA A 748 30.09 -35.58 -14.44
C ALA A 748 29.76 -36.29 -13.13
N ARG A 749 30.42 -35.87 -12.05
CA ARG A 749 30.10 -36.34 -10.72
C ARG A 749 28.62 -36.11 -10.40
N PHE A 750 28.15 -34.88 -10.62
CA PHE A 750 26.75 -34.51 -10.32
C PHE A 750 25.72 -35.41 -10.99
N LEU A 751 25.81 -35.54 -12.32
CA LEU A 751 24.84 -36.33 -13.08
C LEU A 751 24.92 -37.84 -12.76
N LYS A 752 26.14 -38.33 -12.55
CA LYS A 752 26.37 -39.71 -12.12
C LYS A 752 25.73 -39.96 -10.75
N ASP A 753 25.95 -39.02 -9.82
CA ASP A 753 25.44 -39.14 -8.46
C ASP A 753 23.92 -39.12 -8.41
N MET A 754 23.31 -38.18 -9.12
CA MET A 754 21.85 -38.05 -9.15
C MET A 754 21.17 -39.27 -9.77
N GLU A 755 21.78 -39.82 -10.82
CA GLU A 755 21.21 -40.99 -11.48
C GLU A 755 21.23 -42.20 -10.53
N THR A 756 22.38 -42.49 -9.94
CA THR A 756 22.49 -43.69 -9.09
C THR A 756 21.76 -43.56 -7.74
N LEU A 757 21.69 -42.35 -7.19
CA LEU A 757 21.00 -42.16 -5.92
C LEU A 757 19.46 -42.11 -6.04
N THR A 758 18.96 -41.86 -7.25
CA THR A 758 17.52 -41.92 -7.49
C THR A 758 17.03 -43.23 -8.09
N SER A 759 17.88 -43.94 -8.82
CA SER A 759 17.44 -45.21 -9.42
C SER A 759 17.72 -46.43 -8.55
N THR A 760 18.59 -46.28 -7.55
CA THR A 760 18.96 -47.38 -6.68
C THR A 760 18.87 -46.97 -5.21
N VAL A 761 18.30 -47.85 -4.40
CA VAL A 761 18.20 -47.62 -2.95
C VAL A 761 18.67 -48.82 -2.12
N PRO A 762 19.27 -48.53 -0.94
CA PRO A 762 19.61 -49.58 0.01
C PRO A 762 18.39 -49.99 0.82
N VAL A 763 18.25 -51.29 1.04
CA VAL A 763 17.19 -51.85 1.87
C VAL A 763 17.82 -52.82 2.85
N LYS A 764 17.39 -52.76 4.11
CA LYS A 764 17.89 -53.65 5.15
C LYS A 764 17.05 -54.93 5.18
N ARG A 765 17.67 -56.05 4.82
CA ARG A 765 17.01 -57.36 4.83
C ARG A 765 17.83 -58.33 5.67
N LYS A 766 17.27 -58.76 6.79
CA LYS A 766 17.96 -59.62 7.78
C LYS A 766 19.30 -59.01 8.23
N GLY A 767 19.29 -57.70 8.50
CA GLY A 767 20.45 -57.00 9.03
C GLY A 767 21.47 -56.54 8.01
N VAL A 768 21.41 -57.09 6.80
CA VAL A 768 22.35 -56.76 5.73
C VAL A 768 21.72 -55.79 4.74
N LEU A 769 22.52 -54.83 4.26
CA LEU A 769 22.04 -53.89 3.26
C LEU A 769 22.10 -54.51 1.86
N GLU A 770 20.98 -54.41 1.14
CA GLU A 770 20.91 -54.84 -0.26
C GLU A 770 20.46 -53.67 -1.12
N LEU A 771 20.98 -53.60 -2.34
CA LEU A 771 20.57 -52.56 -3.28
C LEU A 771 19.37 -53.00 -4.12
N GLN A 772 18.41 -52.09 -4.30
CA GLN A 772 17.18 -52.35 -5.04
C GLN A 772 16.92 -51.25 -6.06
N SER A 773 16.52 -51.64 -7.28
CA SER A 773 16.11 -50.71 -8.32
C SER A 773 14.78 -50.09 -7.97
N THR A 774 14.65 -48.78 -8.16
CA THR A 774 13.42 -48.07 -7.85
C THR A 774 12.47 -48.11 -9.05
N GLY A 775 13.03 -48.13 -10.25
CA GLY A 775 12.25 -48.04 -11.48
C GLY A 775 11.90 -46.61 -11.82
N THR A 776 12.30 -45.68 -10.95
CA THR A 776 11.96 -44.26 -11.09
C THR A 776 13.18 -43.34 -11.03
N GLY A 777 14.28 -43.77 -11.66
CA GLY A 777 15.51 -42.98 -11.70
C GLY A 777 15.37 -41.66 -12.43
N ALA A 778 16.24 -40.73 -12.09
CA ALA A 778 16.25 -39.43 -12.77
C ALA A 778 17.16 -39.44 -13.98
N LYS A 779 16.63 -38.93 -15.10
CA LYS A 779 17.46 -38.41 -16.19
C LYS A 779 16.64 -37.66 -17.25
N GLY A 780 17.36 -37.14 -18.23
CA GLY A 780 16.83 -36.15 -19.16
C GLY A 780 17.58 -34.85 -18.97
N LYS A 781 17.46 -33.96 -19.95
CA LYS A 781 18.08 -32.64 -19.90
C LYS A 781 17.56 -31.88 -18.69
N ILE A 782 18.49 -31.33 -17.90
CA ILE A 782 18.10 -30.49 -16.77
C ILE A 782 17.71 -29.10 -17.27
N ASN A 783 16.49 -28.70 -16.91
CA ASN A 783 16.01 -27.34 -17.14
C ASN A 783 16.18 -26.55 -15.83
N PRO A 784 17.24 -25.72 -15.73
CA PRO A 784 17.63 -25.12 -14.45
C PRO A 784 16.56 -24.26 -13.77
N LYS A 785 15.58 -23.81 -14.56
CA LYS A 785 14.50 -22.96 -14.06
C LYS A 785 13.43 -23.76 -13.32
N THR A 786 12.99 -24.87 -13.92
CA THR A 786 11.93 -25.71 -13.35
C THR A 786 12.46 -26.90 -12.54
N TYR A 787 13.75 -27.16 -12.62
CA TYR A 787 14.38 -28.33 -11.98
C TYR A 787 13.88 -28.54 -10.56
N THR A 788 13.29 -29.72 -10.32
CA THR A 788 12.71 -30.06 -9.04
C THR A 788 12.93 -31.55 -8.74
N ILE A 789 13.52 -31.83 -7.58
CA ILE A 789 13.59 -33.19 -7.06
C ILE A 789 12.36 -33.40 -6.18
N LYS A 790 11.61 -34.46 -6.45
CA LYS A 790 10.26 -34.64 -5.92
C LYS A 790 9.92 -36.10 -5.67
N GLY A 791 8.83 -36.32 -4.92
CA GLY A 791 8.24 -37.63 -4.71
C GLY A 791 9.19 -38.80 -4.55
N GLU A 792 9.12 -39.73 -5.52
CA GLU A 792 9.91 -40.97 -5.50
C GLU A 792 11.42 -40.73 -5.58
N GLN A 793 11.82 -39.62 -6.22
CA GLN A 793 13.23 -39.27 -6.31
C GLN A 793 13.77 -38.75 -4.97
N LEU A 794 12.98 -37.93 -4.29
CA LEU A 794 13.30 -37.47 -2.93
C LEU A 794 13.35 -38.63 -1.94
N LYS A 795 12.36 -39.53 -2.03
CA LYS A 795 12.31 -40.74 -1.21
C LYS A 795 13.58 -41.56 -1.33
N ALA A 796 14.08 -41.66 -2.56
CA ALA A 796 15.26 -42.45 -2.88
C ALA A 796 16.53 -41.83 -2.30
N LEU A 797 16.69 -40.52 -2.47
CA LEU A 797 17.84 -39.81 -1.89
C LEU A 797 17.83 -40.00 -0.37
N GLN A 798 16.63 -39.93 0.21
CA GLN A 798 16.45 -40.12 1.65
C GLN A 798 16.85 -41.53 2.11
N GLU A 799 16.46 -42.55 1.35
CA GLU A 799 16.81 -43.93 1.72
C GLU A 799 18.32 -44.14 1.70
N ASN A 800 18.99 -43.54 0.71
CA ASN A 800 20.45 -43.59 0.63
C ASN A 800 21.09 -42.86 1.80
N MET A 801 20.63 -41.63 2.06
CA MET A 801 21.10 -40.84 3.20
C MET A 801 20.93 -41.59 4.52
N LEU A 802 19.77 -42.21 4.71
CA LEU A 802 19.45 -42.94 5.92
C LEU A 802 20.48 -44.03 6.21
N HIS A 803 20.66 -44.94 5.25
CA HIS A 803 21.48 -46.11 5.49
C HIS A 803 22.99 -45.91 5.39
N PHE A 804 23.41 -44.95 4.57
CA PHE A 804 24.84 -44.74 4.34
C PHE A 804 25.45 -43.57 5.10
N PHE A 805 24.61 -42.81 5.80
CA PHE A 805 25.11 -41.63 6.51
C PHE A 805 24.49 -41.44 7.90
N VAL A 806 23.16 -41.42 7.96
CA VAL A 806 22.46 -41.15 9.23
C VAL A 806 22.66 -42.26 10.25
N GLU A 807 22.56 -43.52 9.81
CA GLU A 807 22.79 -44.67 10.71
C GLU A 807 24.18 -44.65 11.36
N PRO A 808 25.27 -44.52 10.56
CA PRO A 808 26.59 -44.32 11.16
C PRO A 808 26.65 -43.13 12.14
N LEU A 809 26.02 -42.01 11.77
CA LEU A 809 25.98 -40.82 12.62
C LEU A 809 25.30 -41.09 13.97
N ARG A 810 24.21 -41.84 13.94
CA ARG A 810 23.48 -42.23 15.15
C ARG A 810 24.33 -43.10 16.06
N ASN A 811 25.08 -44.03 15.48
CA ASN A 811 26.02 -44.85 16.22
C ASN A 811 27.07 -43.99 16.90
N GLY A 812 27.59 -43.01 16.14
CA GLY A 812 28.56 -42.05 16.64
C GLY A 812 28.02 -41.20 17.78
N ILE A 813 26.79 -40.70 17.63
CA ILE A 813 26.11 -39.93 18.67
C ILE A 813 26.00 -40.69 19.99
N THR A 814 25.51 -41.93 19.93
CA THR A 814 25.37 -42.78 21.12
C THR A 814 26.72 -43.00 21.82
N GLN A 815 27.75 -43.26 21.02
CA GLN A 815 29.10 -43.45 21.56
C GLN A 815 29.57 -42.21 22.32
N THR A 816 29.21 -41.04 21.81
CA THR A 816 29.63 -39.75 22.33
C THR A 816 28.88 -39.34 23.61
N VAL A 817 27.55 -39.40 23.58
CA VAL A 817 26.76 -38.98 24.75
C VAL A 817 26.65 -40.10 25.80
N GLY A 818 26.89 -41.34 25.38
CA GLY A 818 26.91 -42.50 26.28
C GLY A 818 25.66 -43.35 26.20
N GLU A 819 25.84 -44.67 26.20
CA GLU A 819 24.71 -45.62 26.20
C GLU A 819 23.86 -45.48 27.46
N SER A 820 24.49 -45.12 28.58
CA SER A 820 23.79 -44.94 29.85
C SER A 820 22.70 -43.86 29.78
N LEU A 821 23.04 -42.72 29.16
CA LEU A 821 22.07 -41.65 28.94
C LEU A 821 20.96 -42.10 28.00
N VAL A 822 21.33 -42.80 26.92
CA VAL A 822 20.33 -43.31 25.98
C VAL A 822 19.32 -44.21 26.71
N TYR A 823 19.81 -45.07 27.61
CA TYR A 823 18.96 -45.93 28.43
C TYR A 823 18.01 -45.12 29.33
N SER A 824 18.56 -44.12 30.02
CA SER A 824 17.74 -43.22 30.85
C SER A 824 16.62 -42.54 30.06
N THR A 825 16.95 -42.00 28.90
CA THR A 825 15.95 -41.33 28.07
C THR A 825 14.89 -42.31 27.54
N GLU A 826 15.30 -43.55 27.25
CA GLU A 826 14.36 -44.59 26.83
C GLU A 826 13.36 -44.93 27.93
N GLN A 827 13.85 -45.11 29.16
CA GLN A 827 13.00 -45.40 30.31
C GLN A 827 12.06 -44.22 30.63
N LEU A 828 12.61 -43.01 30.53
CA LEU A 828 11.82 -41.78 30.65
C LEU A 828 10.70 -41.72 29.61
N GLN A 829 11.04 -41.97 28.34
CA GLN A 829 10.07 -41.94 27.25
C GLN A 829 8.96 -42.95 27.48
N LYS A 830 9.35 -44.18 27.83
CA LYS A 830 8.40 -45.29 28.03
C LYS A 830 7.43 -45.03 29.17
N ALA A 831 7.95 -44.61 30.32
CA ALA A 831 7.12 -44.31 31.49
C ALA A 831 6.11 -43.20 31.22
N THR A 832 6.57 -42.10 30.64
CA THR A 832 5.70 -40.96 30.37
C THR A 832 4.67 -41.26 29.27
N GLN A 833 5.07 -42.07 28.29
CA GLN A 833 4.14 -42.49 27.23
C GLN A 833 3.03 -43.37 27.80
N ILE A 834 3.42 -44.38 28.59
CA ILE A 834 2.47 -45.32 29.20
C ILE A 834 1.45 -44.58 30.05
N GLN A 835 1.94 -43.70 30.91
CA GLN A 835 1.10 -42.84 31.73
C GLN A 835 0.12 -42.00 30.88
N SER A 836 0.61 -41.37 29.82
CA SER A 836 -0.23 -40.52 28.96
C SER A 836 -1.32 -41.31 28.23
N VAL A 837 -0.98 -42.54 27.82
CA VAL A 837 -1.94 -43.46 27.18
C VAL A 837 -3.12 -43.74 28.11
N VAL A 838 -2.80 -44.09 29.35
CA VAL A 838 -3.81 -44.36 30.38
C VAL A 838 -4.65 -43.12 30.66
N LEU A 839 -3.99 -41.97 30.82
CA LEU A 839 -4.66 -40.70 31.08
C LEU A 839 -5.65 -40.36 29.96
N GLU A 840 -5.17 -40.44 28.72
CA GLU A 840 -5.98 -40.17 27.53
C GLU A 840 -7.22 -41.07 27.47
N ASP A 841 -6.99 -42.37 27.65
CA ASP A 841 -8.04 -43.38 27.53
C ASP A 841 -9.08 -43.29 28.64
N MET A 842 -8.64 -43.08 29.87
CA MET A 842 -9.54 -42.94 31.01
C MET A 842 -10.38 -41.67 30.91
N PHE A 843 -9.77 -40.57 30.47
CA PHE A 843 -10.50 -39.32 30.26
C PHE A 843 -11.61 -39.54 29.22
N LYS A 844 -11.25 -40.20 28.11
CA LYS A 844 -12.20 -40.49 27.04
C LYS A 844 -13.35 -41.39 27.49
N GLN A 845 -13.02 -42.40 28.31
CA GLN A 845 -14.03 -43.32 28.83
C GLN A 845 -15.02 -42.64 29.77
N ARG A 846 -14.51 -41.78 30.65
CA ARG A 846 -15.34 -41.04 31.60
C ARG A 846 -16.21 -40.02 30.88
N VAL A 847 -15.68 -39.45 29.80
CA VAL A 847 -16.48 -38.56 28.95
C VAL A 847 -17.62 -39.35 28.29
N GLN A 848 -17.29 -40.50 27.70
CA GLN A 848 -18.28 -41.35 27.03
C GLN A 848 -19.34 -41.89 27.97
N GLU A 849 -18.93 -42.23 29.19
CA GLU A 849 -19.86 -42.65 30.24
C GLU A 849 -20.81 -41.52 30.65
N LYS A 850 -20.29 -40.29 30.75
CA LYS A 850 -21.12 -39.12 31.02
C LYS A 850 -22.09 -38.78 29.89
N LEU A 851 -21.65 -38.94 28.65
CA LEU A 851 -22.53 -38.72 27.50
C LEU A 851 -23.69 -39.72 27.47
N ALA A 852 -23.42 -40.95 27.91
CA ALA A 852 -24.46 -41.99 28.03
C ALA A 852 -25.54 -41.62 29.04
N GLU A 853 -25.14 -40.92 30.10
CA GLU A 853 -26.08 -40.41 31.11
C GLU A 853 -26.89 -39.24 30.56
N LYS A 854 -26.21 -38.29 29.92
CA LYS A 854 -26.85 -37.08 29.38
C LYS A 854 -27.94 -37.40 28.35
N ALA A 855 -27.73 -38.48 27.62
CA ALA A 855 -28.67 -38.95 26.59
C ALA A 855 -30.04 -39.32 27.19
N LYS A 856 -30.07 -39.57 28.49
CA LYS A 856 -31.30 -39.87 29.22
C LYS A 856 -31.98 -38.61 29.72
N ASP A 857 -31.23 -37.51 29.76
CA ASP A 857 -31.73 -36.22 30.21
C ASP A 857 -32.51 -35.55 29.07
N PRO A 858 -33.82 -35.30 29.27
CA PRO A 858 -34.67 -34.69 28.24
C PRO A 858 -34.28 -33.26 27.86
N THR A 859 -33.56 -32.56 28.74
CA THR A 859 -33.09 -31.19 28.48
C THR A 859 -31.85 -31.15 27.57
N TRP A 860 -31.18 -32.29 27.43
CA TRP A 860 -29.92 -32.39 26.68
C TRP A 860 -30.15 -32.89 25.27
N LYS A 861 -29.37 -32.35 24.35
CA LYS A 861 -29.38 -32.76 22.96
C LYS A 861 -27.96 -33.08 22.52
N LYS A 862 -27.83 -34.06 21.63
CA LYS A 862 -26.53 -34.46 21.08
C LYS A 862 -25.91 -33.32 20.26
N GLY A 863 -24.72 -32.90 20.67
CA GLY A 863 -24.12 -31.68 20.13
C GLY A 863 -23.93 -30.65 21.21
N ASP A 864 -24.82 -30.66 22.21
CA ASP A 864 -24.55 -29.98 23.47
C ASP A 864 -23.44 -30.84 24.00
N PHE A 865 -22.42 -30.29 24.59
CA PHE A 865 -21.42 -31.25 25.03
C PHE A 865 -21.58 -31.47 26.53
N LEU A 866 -20.48 -31.52 27.26
CA LEU A 866 -20.52 -31.55 28.71
C LEU A 866 -20.31 -30.12 29.22
N THR A 867 -20.63 -29.91 30.49
CA THR A 867 -20.41 -28.62 31.13
C THR A 867 -18.96 -28.54 31.59
N GLN A 868 -18.48 -27.34 31.93
CA GLN A 868 -17.15 -27.18 32.49
C GLN A 868 -17.02 -27.91 33.82
N LYS A 869 -18.08 -27.89 34.63
CA LYS A 869 -18.06 -28.59 35.92
C LYS A 869 -17.87 -30.08 35.69
N GLU A 870 -18.65 -30.64 34.75
CA GLU A 870 -18.52 -32.05 34.37
C GLU A 870 -17.11 -32.39 33.89
N LEU A 871 -16.55 -31.53 33.05
CA LEU A 871 -15.18 -31.74 32.54
C LEU A 871 -14.11 -31.63 33.64
N ASN A 872 -14.27 -30.66 34.54
CA ASN A 872 -13.38 -30.49 35.69
C ASN A 872 -13.40 -31.68 36.64
N ASP A 873 -14.59 -32.26 36.84
CA ASP A 873 -14.75 -33.46 37.65
C ASP A 873 -14.04 -34.65 37.01
N ILE A 874 -14.09 -34.73 35.68
CA ILE A 874 -13.39 -35.77 34.94
C ILE A 874 -11.86 -35.56 35.02
N GLN A 875 -11.42 -34.30 34.95
CA GLN A 875 -10.00 -33.96 35.12
C GLN A 875 -9.52 -34.29 36.54
N ALA A 876 -10.28 -33.87 37.54
CA ALA A 876 -9.98 -34.17 38.95
C ALA A 876 -9.90 -35.67 39.23
N SER A 877 -10.76 -36.45 38.56
CA SER A 877 -10.82 -37.91 38.75
C SER A 877 -9.53 -38.64 38.35
N LEU A 878 -8.70 -38.00 37.52
CA LEU A 878 -7.45 -38.58 37.05
C LEU A 878 -6.30 -38.32 38.00
N ASN A 879 -6.54 -37.50 39.01
CA ASN A 879 -5.45 -37.00 39.84
C ASN A 879 -4.65 -38.07 40.58
N ASN A 880 -5.30 -39.18 40.94
CA ASN A 880 -4.59 -40.28 41.59
C ASN A 880 -3.63 -41.02 40.63
N LEU A 881 -3.69 -40.66 39.35
CA LEU A 881 -2.76 -41.17 38.34
C LEU A 881 -1.55 -40.24 38.11
N ALA A 882 -1.44 -39.21 38.96
CA ALA A 882 -0.32 -38.25 38.98
C ALA A 882 0.05 -37.66 37.61
N PRO A 883 -0.90 -36.98 36.95
CA PRO A 883 -0.68 -36.43 35.61
C PRO A 883 0.45 -35.38 35.56
N MET A 884 0.72 -34.75 36.70
CA MET A 884 1.73 -33.69 36.79
C MET A 884 3.03 -34.20 37.38
N ILE A 885 4.14 -33.69 36.84
CA ILE A 885 5.47 -33.94 37.40
C ILE A 885 5.91 -32.70 38.17
N GLU A 886 6.37 -32.93 39.40
CA GLU A 886 6.82 -31.86 40.29
C GLU A 886 8.31 -31.98 40.59
N THR A 887 9.01 -30.86 40.55
CA THR A 887 10.44 -30.84 40.86
C THR A 887 10.70 -30.10 42.16
N GLY A 888 9.67 -29.42 42.66
CA GLY A 888 9.81 -28.55 43.82
C GLY A 888 9.83 -27.07 43.45
N SER A 889 10.09 -26.77 42.18
CA SER A 889 10.17 -25.39 41.70
C SER A 889 9.60 -25.22 40.30
N GLN A 890 9.23 -26.35 39.68
CA GLN A 890 8.64 -26.38 38.35
C GLN A 890 7.58 -27.47 38.29
N THR A 891 6.58 -27.29 37.43
CA THR A 891 5.57 -28.30 37.21
C THR A 891 5.46 -28.61 35.71
N PHE A 892 5.44 -29.90 35.37
CA PHE A 892 5.32 -30.34 33.97
C PHE A 892 4.12 -31.23 33.79
N TYR A 893 3.35 -30.96 32.74
CA TYR A 893 2.18 -31.76 32.40
C TYR A 893 2.35 -32.25 30.97
N ILE A 894 3.02 -33.39 30.86
CA ILE A 894 3.47 -33.90 29.56
C ILE A 894 2.30 -34.26 28.64
N ALA A 895 1.23 -34.81 29.21
CA ALA A 895 0.09 -35.26 28.41
C ALA A 895 -0.87 -34.15 27.98
N GLY A 896 -0.80 -32.99 28.63
CA GLY A 896 -1.72 -31.89 28.38
C GLY A 896 -1.82 -31.51 26.92
N SER A 897 -3.04 -31.48 26.40
CA SER A 897 -3.28 -31.10 25.02
C SER A 897 -4.64 -30.44 24.87
N GLU A 898 -4.87 -29.87 23.69
CA GLU A 898 -6.20 -29.52 23.27
C GLU A 898 -6.40 -30.25 21.95
N ASN A 899 -7.46 -31.04 21.85
CA ASN A 899 -7.68 -31.77 20.60
C ASN A 899 -9.15 -31.96 20.26
N ALA A 900 -9.40 -32.30 19.00
CA ALA A 900 -10.75 -32.48 18.50
C ALA A 900 -11.27 -33.91 18.72
N GLU A 901 -10.40 -34.79 19.20
CA GLU A 901 -10.73 -36.21 19.29
C GLU A 901 -11.69 -36.59 20.40
N VAL A 902 -11.69 -35.83 21.50
CA VAL A 902 -12.54 -36.13 22.65
C VAL A 902 -14.04 -35.98 22.33
N ALA A 903 -14.41 -34.81 21.80
CA ALA A 903 -15.81 -34.50 21.46
C ALA A 903 -16.24 -35.01 20.08
N ASN A 904 -15.28 -35.17 19.16
CA ASN A 904 -15.54 -35.71 17.81
C ASN A 904 -16.81 -35.14 17.15
N GLN A 905 -16.90 -33.83 17.07
CA GLN A 905 -18.10 -33.16 16.55
C GLN A 905 -17.81 -31.72 16.12
N VAL A 906 -18.64 -31.20 15.23
CA VAL A 906 -18.57 -29.78 14.86
C VAL A 906 -19.08 -28.92 16.03
N LEU A 907 -18.37 -27.84 16.32
CA LEU A 907 -18.78 -26.90 17.35
C LEU A 907 -19.78 -25.88 16.79
N ALA A 908 -19.44 -25.29 15.66
CA ALA A 908 -20.27 -24.29 14.99
C ALA A 908 -19.89 -24.20 13.53
N THR A 909 -20.82 -23.74 12.69
CA THR A 909 -20.53 -23.39 11.30
C THR A 909 -20.92 -21.93 11.09
N ASN A 910 -20.57 -21.36 9.93
CA ASN A 910 -21.17 -20.08 9.55
C ASN A 910 -22.59 -20.30 8.99
N LEU A 911 -23.27 -19.21 8.65
CA LEU A 911 -24.66 -19.30 8.19
C LEU A 911 -24.80 -19.83 6.76
N ASP A 912 -23.68 -20.05 6.08
CA ASP A 912 -23.70 -20.70 4.77
C ASP A 912 -23.41 -22.21 4.85
N ASP A 913 -23.45 -22.76 6.07
CA ASP A 913 -23.14 -24.18 6.32
C ASP A 913 -21.68 -24.53 5.98
N ARG A 914 -20.81 -23.53 6.08
CA ARG A 914 -19.38 -23.70 5.83
C ARG A 914 -18.59 -23.23 7.06
N MET A 915 -17.26 -23.16 6.96
CA MET A 915 -16.38 -22.84 8.10
C MET A 915 -16.77 -23.65 9.34
N ARG A 916 -16.78 -24.97 9.18
CA ARG A 916 -17.20 -25.90 10.23
C ARG A 916 -16.02 -26.15 11.16
N VAL A 917 -16.10 -25.57 12.35
CA VAL A 917 -15.02 -25.58 13.33
C VAL A 917 -15.21 -26.80 14.24
N PRO A 918 -14.16 -27.64 14.39
CA PRO A 918 -14.29 -28.79 15.29
C PRO A 918 -14.33 -28.33 16.73
N MET A 919 -15.06 -29.07 17.56
CA MET A 919 -15.08 -28.81 18.98
C MET A 919 -13.80 -29.35 19.57
N SER A 920 -12.96 -28.45 20.06
CA SER A 920 -11.69 -28.83 20.69
C SER A 920 -11.82 -28.71 22.20
N ILE A 921 -11.19 -29.65 22.91
CA ILE A 921 -11.34 -29.82 24.34
C ILE A 921 -9.96 -29.97 24.98
N TYR A 922 -9.73 -29.33 26.12
CA TYR A 922 -8.50 -29.52 26.91
C TYR A 922 -8.55 -30.88 27.57
N ALA A 923 -7.61 -31.75 27.21
CA ALA A 923 -7.62 -33.15 27.67
C ALA A 923 -6.24 -33.79 27.54
N PRO A 924 -5.97 -34.87 28.30
CA PRO A 924 -4.71 -35.57 28.11
C PRO A 924 -4.68 -36.32 26.78
N ALA A 925 -3.52 -36.32 26.15
CA ALA A 925 -3.30 -37.06 24.91
C ALA A 925 -1.94 -37.72 25.03
N GLN A 926 -1.70 -38.75 24.21
CA GLN A 926 -0.43 -39.47 24.22
C GLN A 926 0.78 -38.53 24.11
N ALA A 927 1.82 -38.86 24.87
CA ALA A 927 3.05 -38.07 24.90
C ALA A 927 3.96 -38.32 23.68
N GLY A 928 4.03 -39.57 23.25
CA GLY A 928 5.02 -39.98 22.26
C GLY A 928 6.39 -39.95 22.91
N VAL A 929 7.28 -39.11 22.37
CA VAL A 929 8.63 -38.97 22.92
C VAL A 929 8.78 -37.65 23.67
N ALA A 930 7.70 -36.87 23.77
CA ALA A 930 7.71 -35.52 24.35
C ALA A 930 8.31 -35.45 25.76
N GLY A 931 8.21 -36.54 26.50
CA GLY A 931 8.74 -36.61 27.87
C GLY A 931 10.22 -36.25 27.92
N ILE A 932 10.97 -36.68 26.90
CA ILE A 932 12.41 -36.42 26.87
C ILE A 932 12.75 -34.91 26.75
N PRO A 933 12.31 -34.24 25.66
CA PRO A 933 12.55 -32.79 25.60
C PRO A 933 11.90 -31.99 26.74
N PHE A 934 10.69 -32.36 27.17
CA PHE A 934 10.04 -31.64 28.29
C PHE A 934 10.95 -31.58 29.51
N MET A 935 11.45 -32.75 29.92
CA MET A 935 12.26 -32.85 31.12
C MET A 935 13.68 -32.32 30.94
N THR A 936 14.25 -32.51 29.76
CA THR A 936 15.62 -32.06 29.49
C THR A 936 15.68 -30.55 29.36
N ILE A 937 14.83 -30.00 28.50
CA ILE A 937 14.73 -28.55 28.38
C ILE A 937 14.31 -27.93 29.70
N GLY A 938 13.27 -28.48 30.32
CA GLY A 938 12.72 -27.94 31.55
C GLY A 938 13.70 -27.89 32.71
N THR A 939 14.29 -29.02 33.06
CA THR A 939 15.17 -29.06 34.23
C THR A 939 16.62 -28.66 33.91
N GLY A 940 16.91 -28.51 32.62
CA GLY A 940 18.19 -27.99 32.16
C GLY A 940 18.12 -26.49 31.99
N ASP A 941 18.00 -26.02 30.74
CA ASP A 941 18.06 -24.59 30.49
C ASP A 941 16.91 -23.80 31.17
N GLY A 942 15.74 -24.41 31.28
CA GLY A 942 14.60 -23.76 31.94
C GLY A 942 14.86 -23.43 33.39
N MET A 943 15.33 -24.43 34.14
CA MET A 943 15.70 -24.24 35.55
C MET A 943 16.88 -23.28 35.70
N MET A 944 17.88 -23.40 34.82
CA MET A 944 19.01 -22.49 34.81
C MET A 944 18.54 -21.03 34.77
N MET A 945 17.73 -20.69 33.78
CA MET A 945 17.26 -19.31 33.59
C MET A 945 16.40 -18.82 34.74
N GLN A 946 15.46 -19.67 35.17
CA GLN A 946 14.62 -19.42 36.35
C GLN A 946 15.47 -19.06 37.58
N THR A 947 16.51 -19.86 37.82
CA THR A 947 17.45 -19.65 38.92
C THR A 947 18.20 -18.32 38.76
N LEU A 948 18.69 -18.07 37.55
CA LEU A 948 19.39 -16.82 37.23
C LEU A 948 18.53 -15.59 37.53
N SER A 949 17.22 -15.71 37.29
CA SER A 949 16.28 -14.60 37.51
C SER A 949 15.98 -14.35 38.99
N THR A 950 16.20 -15.37 39.83
CA THR A 950 15.69 -15.34 41.21
C THR A 950 16.74 -15.54 42.31
N MET A 951 17.93 -15.97 41.92
CA MET A 951 19.01 -16.22 42.87
C MET A 951 19.45 -14.95 43.60
N LYS A 952 20.18 -15.13 44.71
CA LYS A 952 20.78 -14.02 45.42
C LYS A 952 21.72 -13.27 44.48
N GLY A 953 21.55 -11.94 44.36
CA GLY A 953 22.38 -11.14 43.47
C GLY A 953 22.13 -11.42 41.99
N ALA A 954 20.90 -11.82 41.67
CA ALA A 954 20.45 -12.05 40.30
C ALA A 954 20.87 -10.90 39.40
N PRO A 955 21.59 -11.20 38.29
CA PRO A 955 21.99 -10.15 37.35
C PRO A 955 20.83 -9.30 36.85
N LYS A 956 21.07 -8.00 36.77
CA LYS A 956 20.07 -7.03 36.33
C LYS A 956 20.33 -6.66 34.88
N ASN A 957 19.30 -6.13 34.22
CA ASN A 957 19.46 -5.51 32.90
C ASN A 957 20.01 -6.48 31.85
N THR A 958 19.48 -7.70 31.85
CA THR A 958 19.88 -8.71 30.87
C THR A 958 18.74 -9.03 29.90
N LEU A 959 19.09 -9.70 28.80
CA LEU A 959 18.09 -10.36 27.96
C LEU A 959 18.41 -11.85 27.94
N LYS A 960 17.48 -12.67 28.43
CA LYS A 960 17.65 -14.14 28.46
C LYS A 960 16.99 -14.77 27.24
N ILE A 961 17.75 -15.61 26.53
CA ILE A 961 17.26 -16.26 25.31
C ILE A 961 17.47 -17.77 25.42
N PHE A 962 16.93 -18.31 26.51
CA PHE A 962 16.83 -19.75 26.74
C PHE A 962 18.15 -20.43 27.17
N ASP A 963 19.15 -20.48 26.29
CA ASP A 963 20.43 -21.07 26.69
C ASP A 963 21.60 -20.10 26.52
N GLY A 964 21.27 -18.82 26.36
CA GLY A 964 22.24 -17.72 26.35
C GLY A 964 21.62 -16.49 26.98
N MET A 965 22.45 -15.64 27.58
CA MET A 965 22.00 -14.39 28.21
C MET A 965 22.87 -13.21 27.80
N ASN A 966 22.24 -12.18 27.24
CA ASN A 966 22.94 -10.95 26.84
C ASN A 966 23.18 -10.09 28.08
N ILE A 967 24.43 -9.67 28.26
CA ILE A 967 24.87 -8.93 29.44
C ILE A 967 25.54 -7.63 29.01
N GLY A 968 25.20 -6.52 29.68
CA GLY A 968 25.85 -5.23 29.46
C GLY A 968 27.32 -5.27 29.83
N LEU A 969 28.13 -4.43 29.19
CA LEU A 969 29.60 -4.55 29.26
C LEU A 969 30.21 -4.32 30.64
N ASN A 970 29.47 -3.59 31.48
CA ASN A 970 29.89 -3.32 32.86
C ASN A 970 29.82 -4.55 33.77
N ASP A 971 29.00 -5.53 33.43
CA ASP A 971 28.69 -6.63 34.35
C ASP A 971 28.97 -8.03 33.79
N ILE A 972 29.74 -8.11 32.70
CA ILE A 972 30.01 -9.40 32.06
C ILE A 972 30.65 -10.45 32.99
N THR A 973 31.53 -10.02 33.88
CA THR A 973 32.24 -10.96 34.75
C THR A 973 31.32 -11.58 35.79
N ASP A 974 30.68 -10.73 36.60
CA ASP A 974 29.84 -11.24 37.66
C ASP A 974 28.61 -11.98 37.14
N ALA A 975 27.97 -11.44 36.09
CA ALA A 975 26.79 -12.07 35.52
C ALA A 975 27.10 -13.46 34.95
N SER A 976 28.28 -13.60 34.33
CA SER A 976 28.70 -14.89 33.77
C SER A 976 28.95 -15.92 34.86
N ARG A 977 29.54 -15.47 35.96
CA ARG A 977 29.81 -16.34 37.09
C ARG A 977 28.50 -16.80 37.75
N LYS A 978 27.53 -15.88 37.85
CA LYS A 978 26.20 -16.22 38.36
C LYS A 978 25.51 -17.21 37.42
N ALA A 979 25.70 -17.03 36.12
CA ALA A 979 25.12 -17.94 35.12
C ALA A 979 25.69 -19.35 35.30
N ASN A 980 27.00 -19.43 35.49
CA ASN A 980 27.65 -20.71 35.71
C ASN A 980 27.22 -21.35 37.04
N GLU A 981 26.98 -20.52 38.05
CA GLU A 981 26.39 -20.99 39.31
C GLU A 981 24.98 -21.54 39.10
N ALA A 982 24.20 -20.86 38.26
CA ALA A 982 22.83 -21.30 37.97
C ALA A 982 22.83 -22.62 37.21
N VAL A 983 23.80 -22.81 36.31
CA VAL A 983 24.00 -24.12 35.68
C VAL A 983 24.24 -25.18 36.75
N TYR A 984 25.17 -24.91 37.67
CA TYR A 984 25.47 -25.84 38.74
C TYR A 984 24.25 -26.20 39.56
N THR A 985 23.45 -25.18 39.90
CA THR A 985 22.20 -25.38 40.63
C THR A 985 21.25 -26.32 39.88
N SER A 986 21.06 -26.07 38.58
CA SER A 986 20.23 -26.94 37.75
C SER A 986 20.79 -28.36 37.72
N TRP A 987 22.11 -28.49 37.78
CA TRP A 987 22.75 -29.80 37.78
C TRP A 987 22.57 -30.61 39.07
N GLN A 988 21.90 -30.01 40.06
CA GLN A 988 21.52 -30.70 41.29
C GLN A 988 20.13 -31.31 41.14
N GLY A 989 19.51 -31.09 39.99
CA GLY A 989 18.20 -31.64 39.68
C GLY A 989 18.29 -33.14 39.41
N ASN A 990 17.12 -33.77 39.34
CA ASN A 990 17.02 -35.19 39.05
C ASN A 990 15.67 -35.44 38.37
N PRO A 991 15.56 -35.10 37.06
CA PRO A 991 14.29 -35.27 36.33
C PRO A 991 13.77 -36.71 36.32
N ILE A 992 14.66 -37.70 36.27
CA ILE A 992 14.21 -39.10 36.33
C ILE A 992 13.54 -39.41 37.67
N LYS A 993 14.10 -38.89 38.76
CA LYS A 993 13.47 -38.99 40.09
C LYS A 993 12.07 -38.38 40.11
N ASN A 994 11.95 -37.19 39.54
CA ASN A 994 10.64 -36.53 39.43
C ASN A 994 9.65 -37.37 38.63
N VAL A 995 10.12 -37.93 37.51
CA VAL A 995 9.29 -38.79 36.68
C VAL A 995 8.92 -40.07 37.45
N TYR A 996 9.91 -40.68 38.09
CA TYR A 996 9.68 -41.84 38.96
C TYR A 996 8.58 -41.62 40.00
N GLU A 997 8.65 -40.50 40.73
CA GLU A 997 7.69 -40.22 41.80
C GLU A 997 6.24 -40.15 41.30
N SER A 998 6.05 -39.54 40.13
CA SER A 998 4.75 -39.50 39.47
C SER A 998 4.33 -40.89 38.98
N TYR A 999 5.25 -41.60 38.32
CA TYR A 999 4.96 -42.93 37.75
C TYR A 999 4.66 -43.98 38.83
N ALA A 1000 5.30 -43.87 39.99
CA ALA A 1000 5.07 -44.78 41.11
C ALA A 1000 3.67 -44.60 41.69
N LYS A 1001 3.22 -43.35 41.81
CA LYS A 1001 1.86 -43.08 42.25
C LYS A 1001 0.87 -43.62 41.22
N PHE A 1002 1.14 -43.34 39.94
CA PHE A 1002 0.36 -43.89 38.82
C PHE A 1002 0.22 -45.41 38.93
N MET A 1003 1.34 -46.10 39.16
CA MET A 1003 1.36 -47.57 39.21
C MET A 1003 0.52 -48.14 40.37
N LYS A 1004 0.42 -47.36 41.44
CA LYS A 1004 -0.36 -47.71 42.62
C LYS A 1004 -1.87 -47.69 42.36
N ASN A 1005 -2.30 -46.88 41.39
CA ASN A 1005 -3.73 -46.62 41.17
C ASN A 1005 -4.29 -47.05 39.83
N VAL A 1006 -3.41 -47.36 38.88
CA VAL A 1006 -3.85 -47.79 37.56
C VAL A 1006 -4.48 -49.19 37.58
N ASP A 1007 -5.53 -49.36 36.77
CA ASP A 1007 -6.10 -50.66 36.51
C ASP A 1007 -6.06 -50.88 35.01
N PHE A 1008 -5.11 -51.70 34.56
CA PHE A 1008 -4.93 -51.96 33.14
C PHE A 1008 -6.11 -52.71 32.51
N SER A 1009 -6.88 -53.43 33.32
CA SER A 1009 -8.05 -54.16 32.83
C SER A 1009 -9.17 -53.25 32.31
N LYS A 1010 -9.12 -51.97 32.74
CA LYS A 1010 -10.12 -50.99 32.34
C LYS A 1010 -9.87 -50.39 30.95
N LEU A 1011 -8.63 -50.48 30.48
CA LEU A 1011 -8.25 -49.85 29.22
C LEU A 1011 -8.86 -50.54 28.00
N SER A 1012 -9.22 -49.72 27.01
CA SER A 1012 -9.67 -50.22 25.71
C SER A 1012 -8.53 -51.03 25.08
N PRO A 1013 -8.84 -51.98 24.17
CA PRO A 1013 -7.72 -52.72 23.61
C PRO A 1013 -6.76 -51.85 22.79
N GLU A 1014 -7.24 -50.69 22.34
CA GLU A 1014 -6.41 -49.68 21.67
C GLU A 1014 -5.35 -49.14 22.62
N ALA A 1015 -5.79 -48.69 23.79
CA ALA A 1015 -4.88 -48.17 24.82
C ALA A 1015 -3.93 -49.25 25.30
N LEU A 1016 -4.46 -50.47 25.44
CA LEU A 1016 -3.70 -51.61 25.91
C LEU A 1016 -2.62 -52.00 24.89
N GLU A 1017 -2.93 -51.85 23.60
CA GLU A 1017 -1.94 -52.06 22.55
C GLU A 1017 -0.86 -50.97 22.59
N ALA A 1018 -1.29 -49.72 22.71
CA ALA A 1018 -0.37 -48.58 22.81
C ALA A 1018 0.66 -48.80 23.92
N ILE A 1019 0.19 -49.28 25.08
CA ILE A 1019 1.09 -49.57 26.21
C ILE A 1019 2.01 -50.74 25.90
N GLY A 1020 1.48 -51.76 25.23
CA GLY A 1020 2.27 -52.93 24.83
C GLY A 1020 3.52 -52.58 24.06
N LYS A 1021 3.37 -51.66 23.09
CA LYS A 1021 4.50 -51.18 22.28
C LYS A 1021 5.63 -50.61 23.13
N SER A 1022 5.28 -49.82 24.14
CA SER A 1022 6.25 -49.20 25.04
C SER A 1022 6.85 -50.17 26.05
N ALA A 1023 6.01 -51.01 26.63
CA ALA A 1023 6.42 -51.87 27.73
C ALA A 1023 6.94 -53.24 27.30
N LEU A 1024 6.59 -53.67 26.09
CA LEU A 1024 6.91 -55.02 25.62
C LEU A 1024 7.80 -55.08 24.39
N GLU A 1025 8.66 -56.10 24.37
CA GLU A 1025 9.47 -56.47 23.22
C GLU A 1025 8.55 -56.90 22.08
N TYR A 1026 8.90 -56.50 20.85
CA TYR A 1026 8.05 -56.69 19.66
C TYR A 1026 7.31 -58.03 19.58
N ASP A 1027 8.03 -59.11 19.89
CA ASP A 1027 7.50 -60.47 19.78
C ASP A 1027 6.39 -60.76 20.79
N GLN A 1028 6.05 -59.77 21.60
CA GLN A 1028 5.13 -59.96 22.73
C GLN A 1028 3.87 -59.12 22.63
N ARG A 1029 3.85 -58.20 21.66
CA ARG A 1029 2.67 -57.38 21.41
C ARG A 1029 1.50 -58.25 20.99
N GLU A 1030 1.61 -58.88 19.82
CA GLU A 1030 0.57 -59.76 19.28
C GLU A 1030 -0.66 -59.82 20.18
N ASN A 1031 -0.62 -60.74 21.15
CA ASN A 1031 -1.72 -60.92 22.10
C ASN A 1031 -1.25 -61.33 23.48
N ALA A 1032 -0.64 -60.38 24.19
CA ALA A 1032 -0.26 -60.58 25.59
C ALA A 1032 -1.40 -60.19 26.51
N THR A 1033 -1.37 -60.69 27.75
CA THR A 1033 -2.47 -60.50 28.69
C THR A 1033 -2.40 -59.14 29.36
N VAL A 1034 -3.52 -58.72 29.96
CA VAL A 1034 -3.57 -57.52 30.78
C VAL A 1034 -2.53 -57.59 31.90
N ASP A 1035 -2.41 -58.78 32.51
CA ASP A 1035 -1.47 -59.00 33.61
C ASP A 1035 -0.02 -59.02 33.15
N ASP A 1036 0.19 -59.33 31.88
CA ASP A 1036 1.53 -59.27 31.28
C ASP A 1036 1.97 -57.82 31.16
N ILE A 1037 1.13 -56.98 30.56
CA ILE A 1037 1.46 -55.58 30.34
C ILE A 1037 1.49 -54.79 31.66
N ALA A 1038 0.71 -55.24 32.64
CA ALA A 1038 0.78 -54.71 34.00
C ALA A 1038 2.13 -55.01 34.64
N ASN A 1039 2.60 -56.25 34.51
CA ASN A 1039 3.89 -56.66 35.06
C ASN A 1039 5.06 -55.99 34.34
N ALA A 1040 4.90 -55.76 33.04
CA ALA A 1040 5.91 -55.06 32.23
C ALA A 1040 5.98 -53.57 32.56
N ALA A 1041 4.85 -52.98 32.91
CA ALA A 1041 4.79 -51.58 33.27
C ALA A 1041 5.42 -51.33 34.64
N SER A 1042 5.30 -52.32 35.53
CA SER A 1042 5.87 -52.19 36.88
C SER A 1042 7.38 -52.41 36.87
N LEU A 1043 7.88 -53.12 35.87
CA LEU A 1043 9.33 -53.28 35.67
C LEU A 1043 9.97 -51.94 35.32
N ILE A 1044 9.27 -51.14 34.52
CA ILE A 1044 9.73 -49.80 34.17
C ILE A 1044 9.85 -48.90 35.42
N GLU A 1045 8.92 -49.07 36.37
CA GLU A 1045 9.00 -48.38 37.65
C GLU A 1045 10.32 -48.67 38.39
N ARG A 1046 10.69 -49.96 38.44
CA ARG A 1046 11.95 -50.41 39.02
C ARG A 1046 13.15 -49.79 38.31
N ASN A 1047 13.12 -49.81 36.97
CA ASN A 1047 14.17 -49.23 36.14
C ASN A 1047 14.40 -47.75 36.49
N LEU A 1048 13.28 -47.01 36.60
CA LEU A 1048 13.30 -45.59 36.98
C LEU A 1048 13.89 -45.35 38.36
N ARG A 1049 13.46 -46.15 39.34
CA ARG A 1049 13.94 -46.02 40.72
C ARG A 1049 15.46 -46.17 40.80
N ASN A 1050 15.98 -47.17 40.09
CA ASN A 1050 17.42 -47.43 40.07
C ASN A 1050 18.21 -46.33 39.37
N ILE A 1051 17.66 -45.82 38.28
CA ILE A 1051 18.30 -44.71 37.57
C ILE A 1051 18.35 -43.47 38.47
N ALA A 1052 17.21 -43.14 39.09
CA ALA A 1052 17.08 -41.97 39.96
C ALA A 1052 18.07 -42.02 41.11
N LEU A 1053 18.25 -43.21 41.65
CA LEU A 1053 19.18 -43.45 42.73
C LEU A 1053 20.62 -43.17 42.30
N GLY A 1054 21.00 -43.70 41.14
CA GLY A 1054 22.35 -43.48 40.59
C GLY A 1054 22.66 -42.01 40.35
N VAL A 1055 21.68 -41.30 39.78
CA VAL A 1055 21.83 -39.87 39.50
C VAL A 1055 22.05 -39.09 40.79
N ASP A 1056 21.23 -39.38 41.80
CA ASP A 1056 21.35 -38.75 43.11
C ASP A 1056 22.76 -38.92 43.69
N ILE A 1057 23.26 -40.16 43.69
CA ILE A 1057 24.61 -40.47 44.18
C ILE A 1057 25.69 -39.72 43.38
N ARG A 1058 25.58 -39.75 42.05
CA ARG A 1058 26.53 -39.06 41.16
C ARG A 1058 26.62 -37.56 41.45
N HIS A 1059 25.48 -36.91 41.63
CA HIS A 1059 25.45 -35.48 41.95
C HIS A 1059 26.05 -35.19 43.32
N LYS A 1060 25.75 -36.04 44.31
CA LYS A 1060 26.32 -35.89 45.64
C LYS A 1060 27.83 -36.07 45.64
N VAL A 1061 28.30 -37.08 44.93
CA VAL A 1061 29.74 -37.38 44.84
C VAL A 1061 30.50 -36.27 44.09
N LEU A 1062 29.96 -35.85 42.95
CA LEU A 1062 30.53 -34.73 42.19
C LEU A 1062 30.66 -33.46 43.04
N ASP A 1063 29.67 -33.18 43.88
CA ASP A 1063 29.69 -31.98 44.71
C ASP A 1063 30.75 -32.01 45.83
N LYS A 1064 31.31 -33.18 46.10
CA LYS A 1064 32.37 -33.32 47.10
C LYS A 1064 33.75 -32.99 46.55
N VAL A 1065 33.84 -32.96 45.22
CA VAL A 1065 35.10 -32.85 44.50
C VAL A 1065 35.27 -31.41 43.98
N ASN A 1066 36.52 -31.02 43.66
CA ASN A 1066 36.78 -29.67 43.16
C ASN A 1066 36.38 -29.46 41.70
N LEU A 1067 35.33 -28.66 41.48
CA LEU A 1067 34.77 -28.39 40.16
C LEU A 1067 34.91 -26.93 39.74
N SER A 1068 35.19 -26.73 38.45
CA SER A 1068 35.14 -25.41 37.82
C SER A 1068 34.16 -25.53 36.67
N ILE A 1069 33.15 -24.66 36.67
CA ILE A 1069 32.04 -24.77 35.72
C ILE A 1069 32.01 -23.56 34.78
N ASP A 1070 32.19 -23.79 33.48
CA ASP A 1070 32.12 -22.72 32.50
C ASP A 1070 31.31 -23.19 31.27
N GLN A 1071 30.05 -23.53 31.52
CA GLN A 1071 29.12 -23.96 30.47
C GLN A 1071 28.51 -22.75 29.76
N MET A 1072 28.27 -21.68 30.51
CA MET A 1072 27.75 -20.42 29.95
C MET A 1072 28.93 -19.53 29.57
N ALA A 1073 29.57 -19.89 28.46
CA ALA A 1073 30.93 -19.43 28.17
C ALA A 1073 31.00 -18.19 27.28
N ALA A 1074 32.18 -17.57 27.29
CA ALA A 1074 32.56 -16.41 26.49
C ALA A 1074 33.56 -15.57 27.28
N VAL A 1075 33.19 -15.27 28.53
CA VAL A 1075 33.86 -14.27 29.35
C VAL A 1075 35.09 -14.82 30.10
N GLY A 1076 35.02 -16.10 30.43
CA GLY A 1076 36.06 -16.75 31.23
C GLY A 1076 35.88 -16.45 32.71
N ALA A 1077 34.63 -16.57 33.18
CA ALA A 1077 34.30 -16.39 34.59
C ALA A 1077 33.58 -17.64 35.15
N PRO A 1078 34.35 -18.72 35.38
CA PRO A 1078 33.76 -19.99 35.80
C PRO A 1078 33.33 -20.01 37.26
N TYR A 1079 32.26 -20.74 37.55
CA TYR A 1079 31.81 -20.93 38.91
C TYR A 1079 32.59 -22.05 39.56
N GLN A 1080 33.12 -21.79 40.75
CA GLN A 1080 33.82 -22.83 41.54
C GLN A 1080 32.92 -23.37 42.63
N ASN A 1081 32.78 -24.70 42.70
CA ASN A 1081 31.95 -25.32 43.74
C ASN A 1081 32.66 -25.45 45.09
N ASN A 1082 33.97 -25.27 45.08
CA ASN A 1082 34.84 -25.46 46.27
C ASN A 1082 34.63 -26.77 47.05
N GLY A 1083 34.38 -27.86 46.32
CA GLY A 1083 34.37 -29.21 46.90
C GLY A 1083 35.77 -29.49 47.43
N LYS A 1084 35.85 -30.20 48.55
CA LYS A 1084 37.10 -30.29 49.29
C LYS A 1084 38.04 -31.44 48.89
N ILE A 1085 37.52 -32.40 48.13
CA ILE A 1085 38.33 -33.49 47.61
C ILE A 1085 39.03 -32.98 46.34
N ASP A 1086 40.35 -33.01 46.36
CA ASP A 1086 41.16 -32.44 45.29
C ASP A 1086 41.52 -33.49 44.24
N LEU A 1087 40.92 -33.36 43.05
CA LEU A 1087 41.20 -34.31 41.97
C LEU A 1087 42.16 -33.75 40.90
N SER A 1088 42.99 -32.78 41.31
CA SER A 1088 44.00 -32.21 40.42
C SER A 1088 45.13 -33.20 40.17
N ASN A 1089 45.83 -32.98 39.06
CA ASN A 1089 46.98 -33.79 38.63
C ASN A 1089 46.67 -35.29 38.55
N MET A 1090 45.45 -35.59 38.08
CA MET A 1090 44.98 -36.96 37.85
C MET A 1090 44.46 -37.07 36.42
N THR A 1091 44.65 -38.23 35.81
CA THR A 1091 44.05 -38.55 34.51
C THR A 1091 42.55 -38.77 34.69
N PRO A 1092 41.75 -38.70 33.60
CA PRO A 1092 40.32 -39.03 33.75
C PRO A 1092 40.11 -40.44 34.30
N GLU A 1093 41.01 -41.37 33.95
CA GLU A 1093 40.94 -42.74 34.45
C GLU A 1093 41.09 -42.78 35.97
N GLN A 1094 42.06 -42.04 36.48
CA GLN A 1094 42.26 -41.87 37.92
C GLN A 1094 41.05 -41.20 38.58
N GLN A 1095 40.53 -40.18 37.91
CA GLN A 1095 39.39 -39.43 38.43
C GLN A 1095 38.14 -40.30 38.50
N ALA A 1096 37.91 -41.11 37.47
CA ALA A 1096 36.79 -42.04 37.45
C ALA A 1096 36.88 -43.03 38.61
N ASP A 1097 38.10 -43.51 38.88
CA ASP A 1097 38.35 -44.46 39.96
C ASP A 1097 38.01 -43.89 41.32
N GLU A 1098 38.46 -42.66 41.57
CA GLU A 1098 38.18 -41.98 42.84
C GLU A 1098 36.70 -41.63 43.00
N LEU A 1099 36.08 -41.18 41.91
CA LEU A 1099 34.64 -40.89 41.93
C LEU A 1099 33.82 -42.16 42.18
N ASN A 1100 34.23 -43.26 41.57
CA ASN A 1100 33.56 -44.55 41.78
C ASN A 1100 33.78 -45.13 43.17
N LYS A 1101 34.93 -44.83 43.76
CA LYS A 1101 35.19 -45.14 45.17
C LYS A 1101 34.20 -44.40 46.08
N LEU A 1102 34.02 -43.10 45.82
CA LEU A 1102 33.08 -42.28 46.57
C LEU A 1102 31.63 -42.73 46.35
N PHE A 1103 31.35 -43.18 45.12
CA PHE A 1103 30.03 -43.71 44.76
C PHE A 1103 29.69 -44.93 45.61
N ARG A 1104 30.56 -45.94 45.58
CA ARG A 1104 30.32 -47.19 46.31
C ARG A 1104 30.27 -46.96 47.82
N GLU A 1105 31.11 -46.02 48.29
CA GLU A 1105 31.06 -45.53 49.66
C GLU A 1105 29.66 -45.02 50.01
N GLU A 1106 29.09 -44.19 49.13
CA GLU A 1106 27.77 -43.60 49.34
C GLU A 1106 26.65 -44.64 49.25
N LEU A 1107 26.80 -45.56 48.28
CA LEU A 1107 25.89 -46.69 48.11
C LEU A 1107 25.84 -47.57 49.36
N GLU A 1108 26.98 -47.70 50.06
CA GLU A 1108 27.05 -48.46 51.30
C GLU A 1108 26.36 -47.78 52.47
N ALA A 1109 26.53 -46.47 52.59
CA ALA A 1109 25.81 -45.67 53.59
C ALA A 1109 24.31 -45.81 53.41
N ARG A 1110 23.86 -45.95 52.16
CA ARG A 1110 22.45 -46.14 51.83
C ARG A 1110 21.93 -47.51 52.31
N LYS A 1111 22.68 -48.56 52.01
CA LYS A 1111 22.34 -49.93 52.42
C LYS A 1111 22.37 -50.09 53.94
N GLN A 1112 23.33 -49.41 54.58
CA GLN A 1112 23.43 -49.39 56.04
C GLN A 1112 22.82 -48.11 56.60
N THR B 17 -47.11 2.74 -26.88
CA THR B 17 -47.49 3.58 -25.71
C THR B 17 -48.07 2.72 -24.58
N GLU B 18 -49.17 2.01 -24.87
CA GLU B 18 -49.65 0.94 -24.00
C GLU B 18 -48.70 -0.25 -24.13
N GLU B 19 -48.17 -0.46 -25.35
CA GLU B 19 -47.13 -1.45 -25.61
C GLU B 19 -45.88 -1.21 -24.75
N LEU B 20 -45.45 0.05 -24.67
CA LEU B 20 -44.31 0.45 -23.84
C LEU B 20 -44.58 0.22 -22.36
N LYS B 21 -45.79 0.58 -21.91
CA LYS B 21 -46.19 0.35 -20.52
C LYS B 21 -46.17 -1.14 -20.18
N GLU B 22 -46.84 -1.92 -21.02
CA GLU B 22 -46.95 -3.37 -20.83
C GLU B 22 -45.58 -4.07 -20.89
N GLY B 23 -44.69 -3.56 -21.74
CA GLY B 23 -43.34 -4.10 -21.90
C GLY B 23 -42.48 -4.00 -20.65
N ILE B 24 -42.37 -2.80 -20.09
CA ILE B 24 -41.59 -2.60 -18.87
C ILE B 24 -42.23 -3.26 -17.64
N ASP B 25 -43.57 -3.32 -17.62
CA ASP B 25 -44.27 -4.06 -16.56
C ASP B 25 -43.91 -5.56 -16.61
N ALA B 26 -43.79 -6.10 -17.82
CA ALA B 26 -43.41 -7.51 -17.98
C ALA B 26 -42.03 -7.84 -17.39
N VAL B 27 -41.12 -6.87 -17.43
CA VAL B 27 -39.75 -7.07 -16.94
C VAL B 27 -39.65 -6.84 -15.43
N TYR B 28 -40.45 -5.90 -14.92
CA TYR B 28 -40.48 -5.55 -13.49
C TYR B 28 -41.90 -5.65 -12.91
N PRO B 29 -42.46 -6.87 -12.90
CA PRO B 29 -43.89 -6.99 -12.58
C PRO B 29 -44.24 -6.80 -11.10
N SER B 30 -43.29 -7.02 -10.20
CA SER B 30 -43.59 -7.03 -8.75
C SER B 30 -43.19 -5.77 -7.97
N LEU B 31 -42.67 -4.76 -8.65
CA LEU B 31 -42.39 -3.47 -8.00
C LEU B 31 -43.66 -2.89 -7.37
N VAL B 32 -43.51 -2.25 -6.21
CA VAL B 32 -44.64 -1.73 -5.45
C VAL B 32 -45.35 -0.59 -6.19
N GLY B 33 -46.68 -0.59 -6.13
CA GLY B 33 -47.47 0.51 -6.66
C GLY B 33 -47.96 0.25 -8.06
N THR B 34 -48.70 1.20 -8.60
CA THR B 34 -49.23 1.05 -9.96
C THR B 34 -48.62 2.08 -10.88
N ALA B 35 -48.28 1.67 -12.11
CA ALA B 35 -47.69 2.57 -13.09
C ALA B 35 -48.74 3.42 -13.79
N ASP B 36 -49.38 4.30 -13.02
CA ASP B 36 -50.42 5.18 -13.52
C ASP B 36 -50.36 6.47 -12.73
N SER B 37 -50.02 7.57 -13.39
CA SER B 37 -49.86 8.86 -12.72
C SER B 37 -51.12 9.30 -11.99
N LYS B 38 -52.28 8.80 -12.43
CA LYS B 38 -53.57 9.22 -11.89
C LYS B 38 -54.16 8.30 -10.82
N ALA B 39 -53.48 7.18 -10.57
CA ALA B 39 -53.94 6.20 -9.59
C ALA B 39 -54.01 6.76 -8.18
N GLU B 40 -54.99 6.28 -7.41
CA GLU B 40 -55.04 6.52 -5.98
C GLU B 40 -54.06 5.54 -5.35
N GLY B 41 -53.40 5.97 -4.28
CA GLY B 41 -52.48 5.09 -3.58
C GLY B 41 -51.10 5.14 -4.21
N ILE B 42 -50.29 4.13 -3.93
CA ILE B 42 -48.88 4.16 -4.31
C ILE B 42 -48.70 4.04 -5.83
N LYS B 43 -47.94 4.96 -6.40
CA LYS B 43 -47.64 4.94 -7.82
C LYS B 43 -46.18 4.56 -8.03
N ASN B 44 -45.91 3.70 -8.99
CA ASN B 44 -44.52 3.32 -9.25
C ASN B 44 -43.85 4.24 -10.26
N TYR B 45 -42.94 5.07 -9.76
CA TYR B 45 -42.29 6.07 -10.62
C TYR B 45 -41.09 5.52 -11.40
N PHE B 46 -40.66 4.30 -11.12
CA PHE B 46 -39.66 3.67 -11.98
C PHE B 46 -40.30 3.31 -13.33
N LYS B 47 -41.39 2.56 -13.26
CA LYS B 47 -42.13 2.15 -14.45
C LYS B 47 -42.73 3.33 -15.21
N LEU B 48 -43.15 4.37 -14.50
CA LEU B 48 -43.63 5.58 -15.14
C LEU B 48 -42.51 6.38 -15.85
N SER B 49 -41.28 6.23 -15.37
CA SER B 49 -40.17 7.07 -15.86
C SER B 49 -39.30 6.45 -16.93
N PHE B 50 -39.34 5.13 -17.07
CA PHE B 50 -38.45 4.41 -17.98
C PHE B 50 -39.20 3.45 -18.89
N THR B 51 -38.65 3.23 -20.09
CA THR B 51 -39.21 2.27 -21.04
C THR B 51 -38.07 1.38 -21.56
N LEU B 52 -38.43 0.20 -22.04
CA LEU B 52 -37.46 -0.67 -22.72
C LEU B 52 -37.04 -0.03 -24.05
N PRO B 53 -35.74 -0.08 -24.39
CA PRO B 53 -35.30 0.47 -25.68
C PRO B 53 -35.66 -0.46 -26.84
N GLU B 54 -35.70 0.09 -28.06
CA GLU B 54 -35.97 -0.71 -29.28
C GLU B 54 -34.89 -1.76 -29.51
N GLU B 55 -33.64 -1.33 -29.39
CA GLU B 55 -32.49 -2.23 -29.45
C GLU B 55 -31.89 -2.31 -28.05
N GLN B 56 -31.60 -3.55 -27.63
CA GLN B 56 -30.97 -3.82 -26.34
C GLN B 56 -29.69 -3.00 -26.12
N LYS B 57 -29.58 -2.38 -24.96
CA LYS B 57 -28.40 -1.59 -24.58
C LYS B 57 -27.57 -2.28 -23.50
N SER B 58 -28.24 -2.99 -22.61
CA SER B 58 -27.58 -3.71 -21.53
C SER B 58 -27.96 -5.17 -21.54
N ARG B 59 -26.95 -6.03 -21.37
CA ARG B 59 -27.13 -7.47 -21.35
C ARG B 59 -27.65 -8.01 -20.01
N THR B 60 -27.82 -7.12 -19.04
CA THR B 60 -28.36 -7.52 -17.74
C THR B 60 -29.88 -7.37 -17.64
N VAL B 61 -30.49 -6.67 -18.59
CA VAL B 61 -31.94 -6.52 -18.63
C VAL B 61 -32.57 -7.91 -18.81
N GLY B 62 -33.48 -8.27 -17.91
CA GLY B 62 -34.11 -9.59 -17.90
C GLY B 62 -33.42 -10.63 -17.04
N SER B 63 -32.25 -10.31 -16.50
CA SER B 63 -31.50 -11.25 -15.67
C SER B 63 -31.99 -11.24 -14.21
N GLU B 64 -32.35 -12.41 -13.71
CA GLU B 64 -32.81 -12.54 -12.32
C GLU B 64 -31.70 -12.28 -11.29
N ALA B 65 -30.45 -12.53 -11.69
CA ALA B 65 -29.30 -12.35 -10.79
C ALA B 65 -28.08 -11.81 -11.55
N PRO B 66 -28.10 -10.52 -11.95
CA PRO B 66 -27.02 -9.94 -12.76
C PRO B 66 -25.60 -10.17 -12.20
N LEU B 67 -25.43 -10.08 -10.88
CA LEU B 67 -24.11 -10.32 -10.29
C LEU B 67 -23.59 -11.73 -10.54
N LYS B 68 -24.45 -12.74 -10.39
CA LYS B 68 -24.07 -14.12 -10.68
C LYS B 68 -23.88 -14.38 -12.17
N ASP B 69 -24.79 -13.83 -12.99
CA ASP B 69 -24.72 -13.96 -14.45
C ASP B 69 -23.42 -13.39 -15.02
N VAL B 70 -23.07 -12.19 -14.59
CA VAL B 70 -21.86 -11.51 -15.07
C VAL B 70 -20.59 -12.16 -14.51
N ALA B 71 -20.65 -12.59 -13.24
CA ALA B 71 -19.53 -13.33 -12.62
C ALA B 71 -19.25 -14.61 -13.41
N GLN B 72 -20.31 -15.28 -13.83
CA GLN B 72 -20.21 -16.49 -14.64
C GLN B 72 -19.60 -16.17 -16.01
N ALA B 73 -20.05 -15.09 -16.63
CA ALA B 73 -19.51 -14.63 -17.91
C ALA B 73 -18.03 -14.31 -17.82
N LEU B 74 -17.62 -13.76 -16.68
CA LEU B 74 -16.24 -13.37 -16.42
C LEU B 74 -15.34 -14.53 -16.00
N SER B 75 -15.93 -15.70 -15.74
CA SER B 75 -15.18 -16.84 -15.19
C SER B 75 -14.23 -17.53 -16.19
N SER B 76 -14.46 -17.34 -17.49
CA SER B 76 -13.56 -17.86 -18.52
C SER B 76 -13.68 -17.09 -19.82
N ARG B 77 -12.66 -17.21 -20.68
CA ARG B 77 -12.69 -16.57 -21.99
C ARG B 77 -13.87 -17.06 -22.85
N ALA B 78 -14.11 -18.37 -22.87
CA ALA B 78 -15.21 -18.96 -23.64
C ALA B 78 -16.57 -18.43 -23.21
N ARG B 79 -16.76 -18.32 -21.90
CA ARG B 79 -17.99 -17.82 -21.32
C ARG B 79 -18.22 -16.36 -21.68
N TYR B 80 -17.15 -15.58 -21.58
CA TYR B 80 -17.16 -14.16 -21.87
C TYR B 80 -17.52 -13.93 -23.34
N GLU B 81 -17.00 -14.77 -24.21
CA GLU B 81 -17.25 -14.68 -25.64
C GLU B 81 -18.70 -15.00 -25.99
N LEU B 82 -19.27 -15.99 -25.31
CA LEU B 82 -20.67 -16.37 -25.52
C LEU B 82 -21.62 -15.31 -24.96
N PHE B 83 -21.32 -14.80 -23.77
CA PHE B 83 -22.11 -13.74 -23.15
C PHE B 83 -22.14 -12.48 -24.03
N THR B 84 -20.98 -12.10 -24.55
CA THR B 84 -20.84 -10.88 -25.34
C THR B 84 -21.12 -11.06 -26.84
N GLU B 85 -21.34 -12.29 -27.27
CA GLU B 85 -21.60 -12.59 -28.70
C GLU B 85 -20.43 -12.20 -29.61
N LYS B 86 -19.23 -12.23 -29.06
CA LYS B 86 -18.03 -11.95 -29.83
C LYS B 86 -17.24 -13.23 -30.03
N GLU B 87 -16.54 -13.31 -31.15
CA GLU B 87 -15.73 -14.48 -31.47
C GLU B 87 -14.49 -14.57 -30.57
N THR B 88 -13.78 -13.47 -30.39
CA THR B 88 -12.55 -13.44 -29.59
C THR B 88 -12.55 -12.30 -28.58
N ALA B 89 -12.42 -12.63 -27.30
CA ALA B 89 -12.28 -11.61 -26.26
C ALA B 89 -10.92 -10.92 -26.36
N ASN B 90 -10.86 -9.67 -25.90
CA ASN B 90 -9.60 -8.96 -25.70
C ASN B 90 -8.54 -9.90 -25.10
N PRO B 91 -7.38 -10.07 -25.77
CA PRO B 91 -6.34 -10.98 -25.28
C PRO B 91 -5.81 -10.65 -23.88
N ALA B 92 -5.99 -9.41 -23.42
CA ALA B 92 -5.61 -9.04 -22.06
C ALA B 92 -6.46 -9.76 -21.00
N PHE B 93 -7.64 -10.24 -21.41
CA PHE B 93 -8.52 -10.99 -20.53
C PHE B 93 -8.02 -12.44 -20.41
N ASN B 94 -6.99 -12.61 -19.58
CA ASN B 94 -6.31 -13.89 -19.42
C ASN B 94 -6.57 -14.51 -18.04
N GLY B 95 -5.86 -15.61 -17.75
CA GLY B 95 -5.99 -16.31 -16.48
C GLY B 95 -5.78 -15.46 -15.23
N GLU B 96 -4.76 -14.61 -15.24
CA GLU B 96 -4.47 -13.75 -14.09
C GLU B 96 -5.55 -12.69 -13.87
N VAL B 97 -6.00 -12.08 -14.96
CA VAL B 97 -7.06 -11.08 -14.91
C VAL B 97 -8.39 -11.72 -14.47
N ILE B 98 -8.68 -12.91 -15.01
CA ILE B 98 -9.88 -13.67 -14.62
C ILE B 98 -9.93 -13.88 -13.10
N LYS B 99 -8.81 -14.27 -12.52
CA LYS B 99 -8.71 -14.45 -11.06
C LYS B 99 -9.08 -13.19 -10.29
N ARG B 100 -8.60 -12.04 -10.77
CA ARG B 100 -8.88 -10.74 -10.13
C ARG B 100 -10.35 -10.36 -10.21
N TYR B 101 -10.98 -10.62 -11.36
CA TYR B 101 -12.40 -10.32 -11.52
C TYR B 101 -13.27 -11.23 -10.67
N LYS B 102 -12.84 -12.49 -10.50
CA LYS B 102 -13.54 -13.39 -9.59
C LYS B 102 -13.55 -12.86 -8.15
N GLU B 103 -12.41 -12.31 -7.69
CA GLU B 103 -12.31 -11.65 -6.37
C GLU B 103 -13.23 -10.43 -6.31
N LEU B 104 -13.22 -9.62 -7.36
CA LEU B 104 -14.02 -8.40 -7.39
C LEU B 104 -15.53 -8.69 -7.35
N MET B 105 -15.94 -9.78 -8.01
CA MET B 105 -17.33 -10.21 -8.00
C MET B 105 -17.80 -10.61 -6.59
N GLU B 106 -16.95 -11.29 -5.81
CA GLU B 106 -17.28 -11.61 -4.41
C GLU B 106 -17.37 -10.32 -3.58
N HIS B 107 -16.47 -9.38 -3.84
CA HIS B 107 -16.53 -8.05 -3.22
C HIS B 107 -17.88 -7.37 -3.53
N GLY B 108 -18.34 -7.50 -4.78
CA GLY B 108 -19.66 -7.02 -5.19
C GLY B 108 -20.82 -7.59 -4.38
N GLU B 109 -20.74 -8.87 -4.04
CA GLU B 109 -21.74 -9.50 -3.14
C GLU B 109 -21.73 -8.86 -1.75
N GLY B 110 -20.55 -8.46 -1.27
CA GLY B 110 -20.43 -7.73 -0.02
C GLY B 110 -21.11 -6.37 -0.10
N ILE B 111 -20.92 -5.68 -1.23
CA ILE B 111 -21.55 -4.38 -1.46
C ILE B 111 -23.07 -4.51 -1.46
N ALA B 112 -23.58 -5.54 -2.15
CA ALA B 112 -25.02 -5.79 -2.22
C ALA B 112 -25.60 -6.05 -0.83
N ASP B 113 -24.86 -6.84 -0.03
CA ASP B 113 -25.23 -7.09 1.37
C ASP B 113 -25.33 -5.79 2.20
N ILE B 114 -24.35 -4.90 2.07
CA ILE B 114 -24.43 -3.61 2.76
C ILE B 114 -25.71 -2.86 2.37
N LEU B 115 -25.97 -2.81 1.07
CA LEU B 115 -27.14 -2.10 0.53
C LEU B 115 -28.47 -2.67 1.06
N ARG B 116 -28.58 -3.99 1.10
CA ARG B 116 -29.80 -4.62 1.58
C ARG B 116 -30.07 -4.23 3.04
N SER B 117 -29.01 -4.24 3.86
CA SER B 117 -29.13 -3.87 5.28
C SER B 117 -29.49 -2.40 5.47
N ARG B 118 -28.90 -1.52 4.65
CA ARG B 118 -29.18 -0.09 4.71
C ARG B 118 -30.67 0.17 4.42
N LEU B 119 -31.23 -0.57 3.45
CA LEU B 119 -32.66 -0.49 3.19
C LEU B 119 -33.49 -0.93 4.39
N ALA B 120 -33.13 -2.06 4.99
CA ALA B 120 -33.87 -2.60 6.13
C ALA B 120 -33.89 -1.59 7.27
N LYS B 121 -32.75 -0.94 7.53
CA LYS B 121 -32.67 0.06 8.58
C LYS B 121 -33.57 1.28 8.27
N PHE B 122 -33.53 1.73 7.01
CA PHE B 122 -34.38 2.85 6.58
C PHE B 122 -35.89 2.56 6.75
N LEU B 123 -36.30 1.33 6.45
CA LEU B 123 -37.70 0.94 6.54
C LEU B 123 -38.14 0.85 8.00
N ASN B 124 -37.20 0.45 8.86
CA ASN B 124 -37.49 0.31 10.30
C ASN B 124 -37.60 1.66 11.02
N THR B 125 -36.66 2.56 10.75
CA THR B 125 -36.54 3.85 11.42
C THR B 125 -37.76 4.73 11.14
N LYS B 126 -38.37 5.25 12.21
CA LYS B 126 -39.56 6.12 12.12
C LYS B 126 -40.76 5.43 11.45
N ASP B 127 -40.80 4.11 11.54
CA ASP B 127 -41.87 3.29 10.95
C ASP B 127 -42.10 3.58 9.47
N VAL B 128 -41.05 3.95 8.74
CA VAL B 128 -41.23 4.32 7.32
C VAL B 128 -41.86 3.19 6.51
N GLY B 129 -41.36 1.97 6.69
CA GLY B 129 -41.93 0.78 6.05
C GLY B 129 -43.41 0.61 6.31
N LYS B 130 -43.79 0.63 7.58
CA LYS B 130 -45.20 0.50 7.97
C LYS B 130 -46.08 1.58 7.33
N ARG B 131 -45.61 2.83 7.40
CA ARG B 131 -46.33 4.00 6.89
C ARG B 131 -46.47 3.95 5.35
N PHE B 132 -45.40 3.51 4.70
CA PHE B 132 -45.42 3.28 3.25
C PHE B 132 -46.48 2.24 2.86
N ALA B 133 -46.51 1.13 3.59
CA ALA B 133 -47.52 0.08 3.39
C ALA B 133 -48.94 0.61 3.62
N GLN B 134 -49.07 1.55 4.56
CA GLN B 134 -50.34 2.23 4.85
C GLN B 134 -50.76 3.23 3.76
N GLY B 135 -49.83 3.55 2.86
CA GLY B 135 -50.12 4.40 1.72
C GLY B 135 -49.53 5.80 1.76
N THR B 136 -48.66 6.09 2.72
CA THR B 136 -47.98 7.38 2.66
C THR B 136 -46.99 7.32 1.51
N GLU B 137 -46.90 8.40 0.73
CA GLU B 137 -46.13 8.37 -0.53
C GLU B 137 -44.64 8.64 -0.30
N ALA B 138 -44.04 7.79 0.54
CA ALA B 138 -42.63 7.85 0.89
C ALA B 138 -41.72 7.73 -0.34
N ASN B 139 -42.22 7.05 -1.37
CA ASN B 139 -41.49 6.88 -2.63
C ASN B 139 -41.31 8.18 -3.45
N ARG B 140 -41.91 9.27 -2.97
CA ARG B 140 -41.77 10.58 -3.61
C ARG B 140 -40.99 11.59 -2.77
N TRP B 141 -40.53 11.18 -1.58
CA TRP B 141 -39.65 12.00 -0.75
C TRP B 141 -38.24 12.04 -1.35
N VAL B 142 -37.46 13.07 -1.01
CA VAL B 142 -36.10 13.20 -1.52
C VAL B 142 -35.22 12.01 -1.11
N GLY B 143 -35.52 11.40 0.03
CA GLY B 143 -34.77 10.22 0.49
C GLY B 143 -35.45 8.87 0.28
N GLY B 144 -36.62 8.87 -0.36
CA GLY B 144 -37.39 7.63 -0.52
C GLY B 144 -37.59 7.14 -1.94
N LYS B 145 -36.89 7.74 -2.89
CA LYS B 145 -37.08 7.40 -4.31
C LYS B 145 -36.70 5.95 -4.64
N LEU B 146 -35.79 5.37 -3.86
CA LEU B 146 -35.47 3.95 -4.02
C LEU B 146 -36.65 3.01 -3.71
N LEU B 147 -37.65 3.48 -2.99
CA LEU B 147 -38.86 2.68 -2.75
C LEU B 147 -39.61 2.40 -4.05
N ASN B 148 -39.24 3.10 -5.12
CA ASN B 148 -39.77 2.77 -6.45
C ASN B 148 -39.16 1.51 -7.06
N ILE B 149 -38.06 1.02 -6.49
CA ILE B 149 -37.47 -0.23 -6.97
C ILE B 149 -37.50 -1.37 -5.95
N VAL B 150 -38.43 -1.27 -4.99
CA VAL B 150 -38.63 -2.36 -4.03
C VAL B 150 -39.91 -3.15 -4.31
N GLU B 151 -40.00 -4.32 -3.67
CA GLU B 151 -41.12 -5.24 -3.82
C GLU B 151 -41.57 -5.63 -2.42
N GLN B 152 -42.88 -5.83 -2.23
CA GLN B 152 -43.36 -6.28 -0.92
C GLN B 152 -42.81 -7.68 -0.58
N ASP B 153 -42.40 -7.82 0.68
CA ASP B 153 -41.85 -9.07 1.21
C ASP B 153 -42.43 -9.28 2.61
N GLY B 154 -43.47 -10.11 2.69
CA GLY B 154 -44.18 -10.32 3.96
C GLY B 154 -44.66 -9.00 4.50
N ASP B 155 -44.27 -8.69 5.74
CA ASP B 155 -44.65 -7.42 6.38
C ASP B 155 -43.66 -6.28 6.11
N THR B 156 -42.74 -6.48 5.16
CA THR B 156 -41.78 -5.43 4.82
C THR B 156 -41.56 -5.31 3.30
N PHE B 157 -40.40 -4.77 2.89
CA PHE B 157 -40.08 -4.60 1.47
C PHE B 157 -38.62 -4.98 1.23
N LYS B 158 -38.29 -5.32 -0.02
CA LYS B 158 -36.93 -5.72 -0.38
C LYS B 158 -36.60 -5.16 -1.74
N TYR B 159 -35.31 -4.93 -2.01
CA TYR B 159 -34.89 -4.50 -3.34
C TYR B 159 -35.31 -5.50 -4.40
N ASN B 160 -35.72 -5.01 -5.57
CA ASN B 160 -35.72 -5.83 -6.78
C ASN B 160 -34.26 -6.21 -7.04
N GLU B 161 -33.98 -7.51 -7.03
CA GLU B 161 -32.60 -7.99 -7.15
C GLU B 161 -31.94 -7.63 -8.48
N GLN B 162 -32.72 -7.68 -9.56
CA GLN B 162 -32.18 -7.33 -10.87
C GLN B 162 -31.63 -5.90 -10.90
N LEU B 163 -32.45 -4.94 -10.47
CA LEU B 163 -32.03 -3.54 -10.45
C LEU B 163 -30.89 -3.27 -9.45
N LEU B 164 -31.00 -3.86 -8.27
CA LEU B 164 -29.95 -3.70 -7.25
C LEU B 164 -28.60 -4.21 -7.74
N GLN B 165 -28.59 -5.42 -8.28
CA GLN B 165 -27.34 -6.08 -8.64
C GLN B 165 -26.71 -5.41 -9.86
N THR B 166 -27.53 -4.97 -10.81
CA THR B 166 -27.02 -4.22 -11.96
C THR B 166 -26.38 -2.90 -11.52
N ALA B 167 -27.03 -2.23 -10.57
CA ALA B 167 -26.44 -1.04 -9.96
C ALA B 167 -25.08 -1.33 -9.31
N VAL B 168 -24.95 -2.47 -8.61
CA VAL B 168 -23.68 -2.82 -7.98
C VAL B 168 -22.59 -3.03 -9.04
N LEU B 169 -22.94 -3.67 -10.15
CA LEU B 169 -21.98 -3.84 -11.25
C LEU B 169 -21.45 -2.49 -11.76
N ALA B 170 -22.36 -1.52 -11.90
CA ALA B 170 -21.98 -0.15 -12.28
C ALA B 170 -21.04 0.47 -11.25
N GLY B 171 -21.36 0.27 -9.98
CA GLY B 171 -20.50 0.72 -8.87
C GLY B 171 -19.10 0.14 -8.94
N LEU B 172 -19.00 -1.14 -9.26
CA LEU B 172 -17.71 -1.82 -9.38
C LEU B 172 -16.88 -1.25 -10.52
N GLN B 173 -17.51 -1.04 -11.67
CA GLN B 173 -16.82 -0.40 -12.79
C GLN B 173 -16.37 1.02 -12.45
N TRP B 174 -17.27 1.79 -11.84
CA TRP B 174 -16.95 3.14 -11.38
C TRP B 174 -15.74 3.13 -10.42
N ARG B 175 -15.75 2.21 -9.46
CA ARG B 175 -14.62 2.03 -8.52
C ARG B 175 -13.28 1.83 -9.25
N LEU B 176 -13.31 1.04 -10.32
CA LEU B 176 -12.10 0.70 -11.09
C LEU B 176 -11.53 1.86 -11.90
N THR B 177 -12.41 2.63 -12.54
CA THR B 177 -11.97 3.59 -13.56
C THR B 177 -12.42 5.05 -13.40
N ALA B 178 -13.26 5.35 -12.42
CA ALA B 178 -13.76 6.72 -12.26
C ALA B 178 -12.65 7.79 -12.20
N THR B 179 -11.60 7.52 -11.42
CA THR B 179 -10.53 8.49 -11.18
C THR B 179 -9.79 8.88 -12.46
N SER B 180 -9.58 7.91 -13.35
CA SER B 180 -8.89 8.14 -14.61
C SER B 180 -9.73 8.99 -15.58
N ASN B 181 -10.98 9.26 -15.20
CA ASN B 181 -11.89 10.01 -16.06
C ASN B 181 -12.36 11.36 -15.47
N THR B 182 -11.97 11.64 -14.22
CA THR B 182 -12.38 12.88 -13.55
C THR B 182 -11.69 14.12 -14.14
N ALA B 183 -12.39 15.25 -14.04
CA ALA B 183 -11.85 16.52 -14.50
C ALA B 183 -10.70 17.00 -13.61
N ILE B 184 -9.86 17.87 -14.16
CA ILE B 184 -8.81 18.51 -13.37
C ILE B 184 -9.37 19.80 -12.75
N LYS B 185 -9.13 19.97 -11.46
CA LYS B 185 -9.55 21.17 -10.73
C LYS B 185 -8.42 22.18 -10.65
N ASP B 186 -8.64 23.37 -11.21
CA ASP B 186 -7.70 24.47 -11.07
C ASP B 186 -8.03 25.31 -9.82
N ALA B 187 -7.37 26.46 -9.67
CA ALA B 187 -7.59 27.33 -8.51
C ALA B 187 -8.99 27.95 -8.51
N LYS B 188 -9.49 28.28 -9.70
CA LYS B 188 -10.82 28.83 -9.89
C LYS B 188 -11.88 27.83 -9.44
N ASP B 189 -11.70 26.57 -9.85
CA ASP B 189 -12.57 25.46 -9.47
C ASP B 189 -12.74 25.36 -7.97
N VAL B 190 -11.61 25.31 -7.27
CA VAL B 190 -11.58 25.17 -5.81
C VAL B 190 -12.14 26.43 -5.12
N ALA B 191 -11.83 27.59 -5.69
CA ALA B 191 -12.42 28.85 -5.22
C ALA B 191 -13.95 28.81 -5.29
N ALA B 192 -14.47 28.25 -6.39
CA ALA B 192 -15.91 28.06 -6.56
C ALA B 192 -16.48 27.06 -5.56
N ILE B 193 -15.84 25.89 -5.45
CA ILE B 193 -16.25 24.84 -4.50
C ILE B 193 -16.24 25.34 -3.05
N THR B 194 -15.12 25.93 -2.63
CA THR B 194 -14.92 26.37 -1.26
C THR B 194 -15.58 27.71 -0.94
N GLY B 195 -15.67 28.59 -1.94
CA GLY B 195 -16.15 29.95 -1.72
C GLY B 195 -15.09 30.82 -1.06
N ILE B 196 -13.82 30.42 -1.18
CA ILE B 196 -12.70 31.23 -0.72
C ILE B 196 -12.11 31.95 -1.93
N ASP B 197 -11.85 33.24 -1.78
CA ASP B 197 -11.24 34.01 -2.87
C ASP B 197 -10.02 33.27 -3.39
N GLN B 198 -9.94 33.18 -4.70
CA GLN B 198 -8.93 32.41 -5.39
C GLN B 198 -7.51 32.83 -5.01
N ALA B 199 -7.30 34.14 -4.83
CA ALA B 199 -5.99 34.65 -4.47
C ALA B 199 -5.61 34.31 -3.03
N LEU B 200 -6.56 33.81 -2.23
CA LEU B 200 -6.34 33.58 -0.81
C LEU B 200 -6.36 32.12 -0.37
N LEU B 201 -6.41 31.19 -1.34
CA LEU B 201 -6.41 29.77 -1.02
C LEU B 201 -5.06 29.38 -0.40
N PRO B 202 -5.09 28.74 0.79
CA PRO B 202 -3.84 28.29 1.39
C PRO B 202 -3.20 27.20 0.53
N GLU B 203 -1.88 27.24 0.39
CA GLU B 203 -1.16 26.28 -0.44
C GLU B 203 -1.52 24.85 -0.05
N GLY B 204 -1.78 24.01 -1.05
CA GLY B 204 -2.13 22.60 -0.81
C GLY B 204 -3.60 22.30 -0.72
N LEU B 205 -4.45 23.33 -0.83
CA LEU B 205 -5.90 23.15 -0.80
C LEU B 205 -6.44 22.78 -2.18
N VAL B 206 -5.86 23.38 -3.21
CA VAL B 206 -6.19 23.01 -4.60
C VAL B 206 -5.76 21.57 -4.85
N GLU B 207 -4.65 21.16 -4.22
CA GLU B 207 -4.21 19.78 -4.29
C GLU B 207 -5.12 18.83 -3.51
N GLN B 208 -5.43 19.17 -2.25
CA GLN B 208 -6.37 18.39 -1.46
C GLN B 208 -7.70 18.22 -2.22
N PHE B 209 -8.17 19.31 -2.82
CA PHE B 209 -9.44 19.26 -3.55
C PHE B 209 -9.36 18.67 -4.95
N ASP B 210 -8.18 18.69 -5.57
CA ASP B 210 -8.02 18.05 -6.88
C ASP B 210 -7.89 16.53 -6.73
N THR B 211 -7.49 16.09 -5.53
CA THR B 211 -7.28 14.66 -5.27
C THR B 211 -8.55 13.90 -4.83
N GLY B 212 -9.60 14.63 -4.46
CA GLY B 212 -10.88 14.03 -4.12
C GLY B 212 -11.96 14.49 -5.07
N MET B 213 -13.10 13.80 -5.04
CA MET B 213 -14.28 14.22 -5.78
C MET B 213 -15.22 14.90 -4.83
N THR B 214 -15.88 15.96 -5.27
CA THR B 214 -16.99 16.52 -4.48
C THR B 214 -18.17 15.55 -4.54
N LEU B 215 -19.16 15.78 -3.67
CA LEU B 215 -20.35 14.94 -3.63
C LEU B 215 -21.02 14.85 -4.99
N THR B 216 -21.29 16.00 -5.61
CA THR B 216 -21.98 16.04 -6.89
C THR B 216 -21.14 15.36 -7.97
N GLU B 217 -19.82 15.55 -7.93
CA GLU B 217 -18.90 14.94 -8.89
C GLU B 217 -18.97 13.41 -8.80
N ALA B 218 -18.90 12.88 -7.58
CA ALA B 218 -18.92 11.45 -7.33
C ALA B 218 -20.28 10.82 -7.66
N VAL B 219 -21.34 11.43 -7.14
CA VAL B 219 -22.69 10.88 -7.31
C VAL B 219 -23.15 10.95 -8.77
N SER B 220 -22.81 12.05 -9.44
CA SER B 220 -23.19 12.25 -10.85
C SER B 220 -22.57 11.20 -11.77
N SER B 221 -21.29 10.94 -11.55
CA SER B 221 -20.50 9.96 -12.30
C SER B 221 -21.07 8.57 -12.08
N LEU B 222 -21.30 8.23 -10.81
CA LEU B 222 -21.93 6.97 -10.45
C LEU B 222 -23.33 6.80 -11.04
N ALA B 223 -24.16 7.84 -10.92
CA ALA B 223 -25.54 7.78 -11.43
C ALA B 223 -25.57 7.56 -12.93
N GLN B 224 -24.65 8.18 -13.66
CA GLN B 224 -24.55 7.98 -15.11
C GLN B 224 -24.30 6.51 -15.44
N LYS B 225 -23.37 5.89 -14.73
CA LYS B 225 -23.03 4.47 -14.93
C LYS B 225 -24.21 3.57 -14.61
N ILE B 226 -24.85 3.81 -13.46
CA ILE B 226 -26.03 3.04 -13.05
C ILE B 226 -27.13 3.10 -14.10
N GLU B 227 -27.48 4.30 -14.55
CA GLU B 227 -28.55 4.46 -15.54
C GLU B 227 -28.19 3.75 -16.85
N SER B 228 -26.92 3.87 -17.23
CA SER B 228 -26.38 3.19 -18.40
C SER B 228 -26.58 1.67 -18.32
N TYR B 229 -26.15 1.08 -17.21
CA TYR B 229 -26.20 -0.37 -17.01
C TYR B 229 -27.62 -0.91 -16.87
N TRP B 230 -28.52 -0.11 -16.29
CA TRP B 230 -29.94 -0.45 -16.23
C TRP B 230 -30.53 -0.59 -17.64
N GLY B 231 -29.93 0.13 -18.59
CA GLY B 231 -30.16 -0.10 -20.03
C GLY B 231 -31.53 0.27 -20.54
N LEU B 232 -32.19 1.20 -19.86
CA LEU B 232 -33.52 1.63 -20.25
C LEU B 232 -33.48 3.01 -20.91
N SER B 233 -34.63 3.49 -21.37
CA SER B 233 -34.77 4.82 -21.95
C SER B 233 -35.67 5.69 -21.09
N ARG B 234 -35.28 6.96 -20.93
CA ARG B 234 -36.12 7.91 -20.19
C ARG B 234 -37.40 8.22 -20.95
N ASN B 235 -38.51 8.20 -20.22
CA ASN B 235 -39.80 8.63 -20.76
C ASN B 235 -39.81 10.15 -20.83
N PRO B 236 -39.92 10.73 -22.05
CA PRO B 236 -39.84 12.19 -22.16
C PRO B 236 -40.98 12.93 -21.46
N ASN B 237 -42.02 12.21 -21.05
CA ASN B 237 -43.16 12.82 -20.36
C ASN B 237 -43.20 12.52 -18.85
N ALA B 238 -42.08 12.02 -18.32
CA ALA B 238 -41.95 11.77 -16.88
C ALA B 238 -41.12 12.88 -16.19
N PRO B 239 -41.49 13.23 -14.94
CA PRO B 239 -40.79 14.27 -14.20
C PRO B 239 -39.32 13.93 -13.96
N LEU B 240 -38.45 14.90 -14.19
CA LEU B 240 -37.01 14.75 -13.95
C LEU B 240 -36.68 14.38 -12.51
N GLY B 241 -37.58 14.70 -11.59
CA GLY B 241 -37.44 14.29 -10.19
C GLY B 241 -37.31 12.77 -10.04
N TYR B 242 -37.83 12.04 -11.02
CA TYR B 242 -37.75 10.57 -11.02
C TYR B 242 -36.77 10.00 -12.04
N THR B 243 -36.79 10.51 -13.27
CA THR B 243 -35.86 10.04 -14.31
C THR B 243 -34.39 10.25 -13.90
N LYS B 244 -34.09 11.43 -13.33
CA LYS B 244 -32.78 11.70 -12.75
C LYS B 244 -32.70 11.22 -11.31
N GLY B 245 -33.79 11.39 -10.57
CA GLY B 245 -33.81 11.15 -9.12
C GLY B 245 -33.58 9.72 -8.69
N ILE B 246 -34.18 8.77 -9.40
CA ILE B 246 -34.05 7.35 -9.05
C ILE B 246 -32.58 6.83 -9.21
N PRO B 247 -31.97 7.00 -10.40
CA PRO B 247 -30.55 6.61 -10.52
C PRO B 247 -29.63 7.39 -9.58
N THR B 248 -29.95 8.66 -9.32
CA THR B 248 -29.17 9.47 -8.39
C THR B 248 -29.30 8.93 -6.95
N ALA B 249 -30.52 8.56 -6.56
CA ALA B 249 -30.75 7.96 -5.25
C ALA B 249 -29.95 6.67 -5.07
N MET B 250 -29.92 5.86 -6.12
CA MET B 250 -29.16 4.60 -6.13
C MET B 250 -27.66 4.88 -5.99
N ALA B 251 -27.17 5.89 -6.73
CA ALA B 251 -25.77 6.31 -6.66
C ALA B 251 -25.38 6.78 -5.25
N ALA B 252 -26.25 7.58 -4.63
CA ALA B 252 -26.03 8.06 -3.27
C ALA B 252 -25.86 6.89 -2.30
N GLU B 253 -26.72 5.88 -2.44
CA GLU B 253 -26.63 4.69 -1.58
C GLU B 253 -25.35 3.89 -1.82
N ILE B 254 -24.97 3.71 -3.08
CA ILE B 254 -23.73 2.99 -3.40
C ILE B 254 -22.47 3.72 -2.91
N LEU B 255 -22.47 5.05 -3.01
CA LEU B 255 -21.35 5.83 -2.49
C LEU B 255 -21.25 5.65 -0.97
N ALA B 256 -22.40 5.68 -0.30
CA ALA B 256 -22.48 5.40 1.14
C ALA B 256 -21.97 3.99 1.46
N ALA B 257 -22.35 3.01 0.63
CA ALA B 257 -21.87 1.63 0.82
C ALA B 257 -20.35 1.53 0.62
N PHE B 258 -19.84 2.27 -0.36
CA PHE B 258 -18.40 2.32 -0.61
C PHE B 258 -17.63 2.99 0.54
N VAL B 259 -18.25 3.96 1.22
CA VAL B 259 -17.65 4.54 2.43
C VAL B 259 -17.59 3.49 3.54
N GLU B 260 -18.65 2.70 3.69
CA GLU B 260 -18.66 1.61 4.66
C GLU B 260 -17.66 0.50 4.35
N SER B 261 -17.37 0.31 3.07
CA SER B 261 -16.52 -0.81 2.63
C SER B 261 -15.04 -0.44 2.57
N THR B 262 -14.76 0.86 2.69
CA THR B 262 -13.40 1.41 2.54
C THR B 262 -12.94 1.52 1.08
N ASP B 263 -13.82 1.21 0.12
CA ASP B 263 -13.51 1.46 -1.29
C ASP B 263 -13.37 2.95 -1.54
N VAL B 264 -14.09 3.74 -0.75
CA VAL B 264 -14.06 5.19 -0.83
C VAL B 264 -13.81 5.73 0.56
N VAL B 265 -13.01 6.80 0.67
CA VAL B 265 -12.83 7.49 1.94
C VAL B 265 -13.52 8.85 1.87
N GLU B 266 -14.32 9.16 2.89
CA GLU B 266 -15.04 10.42 2.97
C GLU B 266 -14.37 11.33 3.98
N ASN B 267 -14.05 12.55 3.57
CA ASN B 267 -13.55 13.57 4.50
C ASN B 267 -14.35 14.85 4.37
N ILE B 268 -14.99 15.26 5.45
CA ILE B 268 -15.72 16.52 5.48
C ILE B 268 -14.78 17.64 5.89
N VAL B 269 -14.47 18.51 4.93
CA VAL B 269 -13.49 19.58 5.14
C VAL B 269 -14.18 20.82 5.73
N ASP B 270 -13.77 21.16 6.95
CA ASP B 270 -14.31 22.31 7.67
C ASP B 270 -13.59 23.58 7.19
N MET B 271 -14.30 24.40 6.41
CA MET B 271 -13.72 25.62 5.84
C MET B 271 -13.40 26.69 6.88
N SER B 272 -14.03 26.60 8.05
CA SER B 272 -13.86 27.60 9.10
C SER B 272 -12.46 27.54 9.73
N GLU B 273 -11.77 26.41 9.57
CA GLU B 273 -10.37 26.29 9.96
C GLU B 273 -9.49 27.20 9.10
N ILE B 274 -9.87 27.36 7.84
CA ILE B 274 -9.17 28.26 6.92
C ILE B 274 -9.61 29.70 7.18
N ASP B 275 -10.83 30.04 6.75
CA ASP B 275 -11.43 31.34 7.07
C ASP B 275 -12.65 31.14 7.99
N PRO B 276 -12.60 31.70 9.22
CA PRO B 276 -13.71 31.48 10.17
C PRO B 276 -15.04 32.13 9.78
N ASP B 277 -15.02 33.03 8.79
CA ASP B 277 -16.25 33.60 8.26
C ASP B 277 -16.93 32.66 7.26
N ASN B 278 -16.25 31.58 6.91
CA ASN B 278 -16.80 30.56 6.02
C ASN B 278 -17.43 29.41 6.81
N LYS B 279 -18.75 29.25 6.69
CA LYS B 279 -19.47 28.21 7.41
C LYS B 279 -19.68 26.91 6.61
N LYS B 280 -19.16 26.85 5.39
CA LYS B 280 -19.28 25.64 4.57
C LYS B 280 -18.46 24.48 5.15
N THR B 281 -19.05 23.30 5.12
CA THR B 281 -18.35 22.06 5.41
C THR B 281 -18.55 21.22 4.15
N ILE B 282 -17.45 20.81 3.52
CA ILE B 282 -17.49 20.23 2.16
C ILE B 282 -16.93 18.81 2.12
N GLY B 283 -17.74 17.88 1.62
CA GLY B 283 -17.34 16.49 1.50
C GLY B 283 -16.41 16.28 0.32
N LEU B 284 -15.37 15.48 0.55
CA LEU B 284 -14.46 15.05 -0.49
C LEU B 284 -14.35 13.53 -0.45
N TYR B 285 -14.45 12.90 -1.62
CA TYR B 285 -14.49 11.44 -1.72
C TYR B 285 -13.31 10.95 -2.56
N THR B 286 -12.52 10.06 -1.97
CA THR B 286 -11.33 9.53 -2.65
C THR B 286 -11.44 8.02 -2.79
N ILE B 287 -11.45 7.55 -4.03
CA ILE B 287 -11.45 6.12 -4.32
C ILE B 287 -10.09 5.57 -3.91
N THR B 288 -10.12 4.46 -3.16
CA THR B 288 -8.92 3.73 -2.79
C THR B 288 -8.23 3.20 -4.05
N GLU B 289 -6.98 3.58 -4.23
CA GLU B 289 -6.16 3.16 -5.38
C GLU B 289 -5.87 1.66 -5.34
N LEU B 290 -5.95 1.02 -6.50
CA LEU B 290 -5.47 -0.36 -6.66
C LEU B 290 -3.96 -0.35 -6.70
N ASP B 291 -3.33 -1.45 -6.28
CA ASP B 291 -1.88 -1.59 -6.41
C ASP B 291 -1.52 -1.38 -7.88
N SER B 292 -0.38 -0.74 -8.11
CA SER B 292 0.14 -0.56 -9.46
C SER B 292 0.37 -1.92 -10.12
N PHE B 293 0.66 -2.93 -9.30
CA PHE B 293 0.93 -4.27 -9.80
C PHE B 293 -0.31 -5.18 -9.98
N ASP B 294 -1.50 -4.65 -9.68
CA ASP B 294 -2.74 -5.43 -9.82
C ASP B 294 -2.95 -5.80 -11.29
N PRO B 295 -3.04 -7.11 -11.60
CA PRO B 295 -3.27 -7.52 -12.99
C PRO B 295 -4.51 -6.89 -13.61
N ILE B 296 -5.49 -6.50 -12.78
CA ILE B 296 -6.74 -5.93 -13.29
C ILE B 296 -6.51 -4.60 -14.04
N ASN B 297 -5.41 -3.90 -13.72
CA ASN B 297 -5.02 -2.66 -14.39
C ASN B 297 -4.84 -2.83 -15.90
N SER B 298 -4.43 -4.03 -16.29
CA SER B 298 -4.20 -4.39 -17.70
C SER B 298 -5.48 -4.60 -18.51
N PHE B 299 -6.62 -4.74 -17.81
CA PHE B 299 -7.93 -4.78 -18.46
C PHE B 299 -9.03 -4.38 -17.46
N PRO B 300 -9.11 -3.08 -17.13
CA PRO B 300 -10.00 -2.57 -16.07
C PRO B 300 -11.46 -2.36 -16.50
N THR B 301 -11.81 -2.78 -17.72
CA THR B 301 -13.14 -2.52 -18.30
C THR B 301 -13.90 -3.79 -18.71
N ALA B 302 -13.55 -4.94 -18.14
CA ALA B 302 -14.22 -6.19 -18.47
C ALA B 302 -15.72 -6.19 -18.15
N ILE B 303 -16.11 -5.59 -17.02
CA ILE B 303 -17.53 -5.43 -16.68
C ILE B 303 -18.26 -4.57 -17.72
N GLU B 304 -17.73 -3.37 -17.97
CA GLU B 304 -18.30 -2.45 -18.95
C GLU B 304 -18.53 -3.14 -20.29
N GLU B 305 -17.50 -3.84 -20.77
CA GLU B 305 -17.51 -4.44 -22.09
C GLU B 305 -18.38 -5.70 -22.16
N ALA B 306 -18.71 -6.25 -20.99
CA ALA B 306 -19.67 -7.36 -20.88
C ALA B 306 -21.12 -6.86 -20.78
N VAL B 307 -21.35 -5.85 -19.94
CA VAL B 307 -22.70 -5.34 -19.69
C VAL B 307 -23.28 -4.54 -20.85
N LEU B 308 -22.50 -3.60 -21.37
CA LEU B 308 -22.99 -2.70 -22.42
C LEU B 308 -22.71 -3.23 -23.83
N VAL B 309 -23.73 -3.20 -24.67
CA VAL B 309 -23.64 -3.59 -26.08
C VAL B 309 -22.71 -2.61 -26.81
N ASN B 310 -22.82 -1.34 -26.43
CA ASN B 310 -21.93 -0.30 -26.92
C ASN B 310 -21.17 0.37 -25.78
N PRO B 311 -20.07 -0.24 -25.33
CA PRO B 311 -19.32 0.32 -24.21
C PRO B 311 -18.65 1.63 -24.61
N THR B 312 -18.49 2.54 -23.66
CA THR B 312 -17.71 3.74 -23.92
C THR B 312 -16.33 3.65 -23.28
N GLU B 313 -16.24 2.95 -22.15
CA GLU B 313 -14.96 2.75 -21.48
C GLU B 313 -14.25 1.53 -22.04
N LYS B 314 -13.18 1.77 -22.79
CA LYS B 314 -12.45 0.74 -23.50
C LYS B 314 -11.28 1.39 -24.25
N MET B 315 -10.31 0.56 -24.64
CA MET B 315 -9.27 1.01 -25.58
C MET B 315 -9.71 0.65 -27.00
N PHE B 316 -9.23 1.43 -27.97
CA PHE B 316 -9.61 1.24 -29.36
C PHE B 316 -8.38 0.77 -30.15
N PHE B 317 -8.33 -0.52 -30.44
CA PHE B 317 -7.20 -1.13 -31.15
C PHE B 317 -7.53 -1.44 -32.60
N GLY B 318 -6.55 -1.21 -33.48
CA GLY B 318 -6.65 -1.63 -34.88
C GLY B 318 -7.82 -1.05 -35.65
N ASP B 319 -8.64 -1.93 -36.23
CA ASP B 319 -9.82 -1.51 -36.99
C ASP B 319 -10.97 -0.94 -36.14
N ASP B 320 -10.87 -1.14 -34.82
CA ASP B 320 -11.91 -0.71 -33.89
C ASP B 320 -11.70 0.78 -33.61
N ILE B 321 -12.47 1.62 -34.29
CA ILE B 321 -12.31 3.06 -34.20
C ILE B 321 -13.44 3.67 -33.38
N PRO B 322 -13.14 4.67 -32.52
CA PRO B 322 -14.23 5.23 -31.73
C PRO B 322 -15.29 5.95 -32.60
N PRO B 323 -16.55 5.99 -32.12
CA PRO B 323 -17.60 6.69 -32.84
C PRO B 323 -17.39 8.20 -32.76
N VAL B 324 -18.06 8.96 -33.63
CA VAL B 324 -17.93 10.41 -33.62
C VAL B 324 -19.05 11.02 -32.78
N ALA B 325 -18.67 11.80 -31.77
CA ALA B 325 -19.64 12.47 -30.88
C ALA B 325 -20.56 13.40 -31.66
N ASN B 326 -21.85 13.34 -31.34
CA ASN B 326 -22.85 14.16 -32.02
C ASN B 326 -23.03 15.54 -31.41
N THR B 327 -22.80 15.68 -30.11
CA THR B 327 -23.00 16.96 -29.46
C THR B 327 -21.74 17.48 -28.77
N GLN B 328 -21.68 18.80 -28.65
CA GLN B 328 -20.59 19.49 -28.00
C GLN B 328 -20.52 19.04 -26.54
N LEU B 329 -19.30 18.86 -26.05
CA LEU B 329 -19.08 18.37 -24.68
C LEU B 329 -19.82 19.20 -23.64
N ARG B 330 -20.69 18.53 -22.89
CA ARG B 330 -21.50 19.12 -21.82
C ARG B 330 -22.41 20.29 -22.25
N ASN B 331 -22.70 20.36 -23.56
CA ASN B 331 -23.65 21.33 -24.13
C ASN B 331 -24.65 20.61 -25.05
N PRO B 332 -25.60 19.86 -24.46
CA PRO B 332 -26.55 19.04 -25.22
C PRO B 332 -27.38 19.77 -26.28
N ALA B 333 -27.58 21.08 -26.13
CA ALA B 333 -28.34 21.84 -27.14
C ALA B 333 -27.50 22.21 -28.36
N VAL B 334 -26.22 21.86 -28.32
CA VAL B 334 -25.27 22.23 -29.38
C VAL B 334 -24.77 21.00 -30.11
N ARG B 335 -25.25 20.83 -31.33
CA ARG B 335 -24.77 19.78 -32.21
C ARG B 335 -23.37 20.15 -32.71
N ASN B 336 -22.46 19.17 -32.76
CA ASN B 336 -21.19 19.36 -33.47
C ASN B 336 -21.54 19.56 -34.94
N THR B 337 -20.97 20.60 -35.55
CA THR B 337 -21.26 20.89 -36.96
C THR B 337 -20.71 19.78 -37.84
N PRO B 338 -21.19 19.68 -39.10
CA PRO B 338 -20.61 18.71 -40.03
C PRO B 338 -19.08 18.82 -40.15
N GLU B 339 -18.55 20.04 -40.21
CA GLU B 339 -17.10 20.21 -40.30
C GLU B 339 -16.40 19.79 -39.01
N GLN B 340 -17.03 20.07 -37.88
CA GLN B 340 -16.48 19.66 -36.58
C GLN B 340 -16.43 18.13 -36.45
N LYS B 341 -17.50 17.46 -36.87
CA LYS B 341 -17.53 16.00 -36.90
C LYS B 341 -16.47 15.41 -37.82
N ALA B 342 -16.25 16.03 -38.97
CA ALA B 342 -15.18 15.60 -39.90
C ALA B 342 -13.79 15.75 -39.29
N ALA B 343 -13.56 16.82 -38.53
CA ALA B 343 -12.29 17.02 -37.83
C ALA B 343 -12.09 15.94 -36.77
N LEU B 344 -13.12 15.71 -35.95
CA LEU B 344 -13.11 14.63 -34.95
C LEU B 344 -12.81 13.27 -35.56
N LYS B 345 -13.48 12.96 -36.67
CA LYS B 345 -13.27 11.69 -37.36
C LYS B 345 -11.80 11.55 -37.77
N ALA B 346 -11.25 12.61 -38.35
CA ALA B 346 -9.86 12.63 -38.82
C ALA B 346 -8.86 12.36 -37.69
N GLU B 347 -9.08 13.00 -36.55
CA GLU B 347 -8.20 12.84 -35.40
C GLU B 347 -8.34 11.47 -34.75
N GLN B 348 -9.56 10.93 -34.77
CA GLN B 348 -9.80 9.59 -34.25
C GLN B 348 -9.21 8.50 -35.16
N ALA B 349 -9.09 8.80 -36.46
CA ALA B 349 -8.54 7.82 -37.41
C ALA B 349 -7.03 7.63 -37.27
N THR B 350 -6.35 8.61 -36.69
CA THR B 350 -4.89 8.57 -36.53
C THR B 350 -4.45 7.38 -35.69
N GLU B 351 -3.48 6.63 -36.18
CA GLU B 351 -2.93 5.49 -35.44
C GLU B 351 -1.77 5.94 -34.56
N PHE B 352 -1.85 5.60 -33.27
CA PHE B 352 -0.76 5.84 -32.33
C PHE B 352 -0.05 4.53 -32.02
N TYR B 353 1.27 4.60 -31.86
CA TYR B 353 2.07 3.41 -31.56
C TYR B 353 3.03 3.61 -30.40
N VAL B 354 3.19 2.55 -29.61
CA VAL B 354 4.17 2.52 -28.54
C VAL B 354 5.59 2.62 -29.09
N HIS B 355 6.38 3.53 -28.52
CA HIS B 355 7.82 3.61 -28.77
C HIS B 355 8.58 2.81 -27.71
N THR B 356 8.92 1.56 -28.04
CA THR B 356 9.51 0.62 -27.08
C THR B 356 10.74 1.15 -26.29
N PRO B 357 11.71 1.79 -26.97
CA PRO B 357 12.88 2.30 -26.25
C PRO B 357 12.58 3.25 -25.07
N MET B 358 11.61 4.15 -25.24
CA MET B 358 11.22 5.06 -24.15
C MET B 358 10.50 4.33 -23.01
N VAL B 359 9.65 3.35 -23.36
CA VAL B 359 9.03 2.48 -22.36
C VAL B 359 10.11 1.75 -21.55
N GLN B 360 11.08 1.17 -22.25
CA GLN B 360 12.18 0.45 -21.61
C GLN B 360 13.02 1.37 -20.73
N PHE B 361 13.28 2.58 -21.23
CA PHE B 361 14.00 3.59 -20.46
C PHE B 361 13.27 3.95 -19.16
N TYR B 362 11.97 4.25 -19.27
CA TYR B 362 11.14 4.54 -18.11
C TYR B 362 11.15 3.38 -17.08
N GLU B 363 10.94 2.16 -17.58
CA GLU B 363 10.92 0.93 -16.75
C GLU B 363 12.23 0.75 -15.99
N THR B 364 13.34 0.96 -16.71
CA THR B 364 14.67 0.73 -16.17
C THR B 364 15.05 1.79 -15.13
N LEU B 365 14.73 3.06 -15.42
CA LEU B 365 14.84 4.10 -14.40
C LEU B 365 13.94 3.74 -13.21
N GLY B 366 12.68 3.40 -13.50
CA GLY B 366 11.71 3.02 -12.47
C GLY B 366 11.00 4.23 -11.90
N LYS B 367 9.83 4.00 -11.30
CA LYS B 367 9.00 5.08 -10.78
C LYS B 367 9.73 6.02 -9.80
N ASP B 368 10.43 5.43 -8.83
CA ASP B 368 11.17 6.20 -7.81
C ASP B 368 12.15 7.22 -8.42
N ARG B 369 12.96 6.78 -9.38
CA ARG B 369 13.93 7.67 -10.02
C ARG B 369 13.30 8.67 -10.99
N ILE B 370 12.18 8.29 -11.61
CA ILE B 370 11.39 9.20 -12.43
C ILE B 370 10.86 10.36 -11.56
N LEU B 371 10.37 10.02 -10.37
CA LEU B 371 9.92 11.02 -9.40
C LEU B 371 11.08 11.88 -8.92
N GLU B 372 12.25 11.27 -8.71
CA GLU B 372 13.44 12.02 -8.30
C GLU B 372 13.90 12.98 -9.40
N LEU B 373 13.86 12.52 -10.64
CA LEU B 373 14.33 13.32 -11.77
C LEU B 373 13.31 14.37 -12.19
N MET B 374 12.05 13.97 -12.33
CA MET B 374 11.00 14.79 -12.93
C MET B 374 9.95 15.31 -11.93
N GLY B 375 10.00 14.80 -10.71
CA GLY B 375 9.11 15.28 -9.65
C GLY B 375 9.92 15.93 -8.54
N ALA B 376 9.54 15.61 -7.31
CA ALA B 376 10.20 16.13 -6.11
C ALA B 376 10.99 15.06 -5.37
N GLY B 377 10.88 13.81 -5.82
CA GLY B 377 11.58 12.68 -5.18
C GLY B 377 11.06 12.36 -3.79
N THR B 378 11.95 11.85 -2.94
CA THR B 378 11.60 11.49 -1.55
C THR B 378 11.52 12.76 -0.69
N LEU B 379 10.38 12.93 0.00
CA LEU B 379 10.17 14.12 0.82
C LEU B 379 10.46 13.85 2.30
N ASN B 380 11.44 14.56 2.85
CA ASN B 380 11.66 14.56 4.29
C ASN B 380 10.99 15.77 4.92
N LYS B 381 9.83 15.54 5.55
CA LYS B 381 9.00 16.62 6.08
C LYS B 381 9.62 17.41 7.24
N GLU B 382 10.60 16.81 7.92
CA GLU B 382 11.35 17.50 8.97
C GLU B 382 12.26 18.60 8.42
N LEU B 383 12.58 18.51 7.14
CA LEU B 383 13.42 19.51 6.48
C LEU B 383 12.65 20.38 5.47
N LEU B 384 11.31 20.37 5.56
CA LEU B 384 10.48 21.13 4.63
C LEU B 384 9.45 22.01 5.32
N ASN B 385 9.26 23.21 4.79
CA ASN B 385 8.16 24.07 5.20
C ASN B 385 6.82 23.40 4.85
N ASP B 386 5.86 23.49 5.77
CA ASP B 386 4.56 22.83 5.63
C ASP B 386 3.82 23.13 4.33
N ASN B 387 3.93 24.37 3.86
CA ASN B 387 3.29 24.79 2.61
C ASN B 387 4.03 24.28 1.38
N HIS B 388 5.36 24.40 1.42
CA HIS B 388 6.25 23.90 0.37
C HIS B 388 6.08 22.39 0.18
N ALA B 389 5.96 21.66 1.29
CA ALA B 389 5.77 20.20 1.27
C ALA B 389 4.50 19.79 0.54
N LYS B 390 3.43 20.58 0.70
CA LYS B 390 2.15 20.35 0.02
C LYS B 390 2.27 20.51 -1.49
N SER B 391 3.06 21.50 -1.91
CA SER B 391 3.33 21.71 -3.34
C SER B 391 4.13 20.56 -3.92
N LEU B 392 5.15 20.11 -3.19
CA LEU B 392 5.98 18.98 -3.61
C LEU B 392 5.19 17.67 -3.70
N GLU B 393 4.27 17.45 -2.76
CA GLU B 393 3.34 16.33 -2.81
C GLU B 393 2.51 16.32 -4.09
N GLY B 394 2.03 17.50 -4.47
CA GLY B 394 1.24 17.67 -5.70
C GLY B 394 2.04 17.38 -6.95
N LYS B 395 3.27 17.88 -6.99
CA LYS B 395 4.20 17.62 -8.10
C LYS B 395 4.44 16.12 -8.28
N ASN B 396 4.67 15.43 -7.18
CA ASN B 396 4.89 13.97 -7.19
C ASN B 396 3.70 13.18 -7.67
N ARG B 397 2.50 13.52 -7.18
CA ARG B 397 1.33 12.72 -7.51
C ARG B 397 0.98 12.78 -9.00
N SER B 398 1.17 13.93 -9.63
CA SER B 398 0.91 14.10 -11.06
C SER B 398 1.86 13.27 -11.94
N VAL B 399 3.13 13.20 -11.54
CA VAL B 399 4.13 12.40 -12.25
C VAL B 399 3.88 10.92 -12.01
N GLU B 400 3.66 10.55 -10.74
CA GLU B 400 3.40 9.16 -10.36
C GLU B 400 2.16 8.60 -11.05
N ASP B 401 1.07 9.37 -11.05
CA ASP B 401 -0.18 8.95 -11.67
C ASP B 401 -0.06 8.80 -13.19
N SER B 402 0.69 9.67 -13.86
CA SER B 402 0.89 9.52 -15.30
C SER B 402 1.77 8.29 -15.61
N TYR B 403 2.80 8.09 -14.79
CA TYR B 403 3.62 6.88 -14.87
C TYR B 403 2.75 5.62 -14.76
N ASN B 404 1.94 5.53 -13.71
CA ASN B 404 1.04 4.38 -13.52
C ASN B 404 0.04 4.17 -14.63
N GLN B 405 -0.56 5.25 -15.13
CA GLN B 405 -1.49 5.16 -16.25
C GLN B 405 -0.79 4.64 -17.51
N LEU B 406 0.37 5.21 -17.84
CA LEU B 406 1.14 4.71 -19.00
C LEU B 406 1.33 3.20 -18.92
N PHE B 407 1.81 2.70 -17.79
CA PHE B 407 2.14 1.28 -17.72
C PHE B 407 0.94 0.34 -17.69
N SER B 408 -0.18 0.80 -17.16
CA SER B 408 -1.42 0.01 -17.23
C SER B 408 -1.90 -0.08 -18.69
N VAL B 409 -1.75 1.01 -19.44
CA VAL B 409 -2.01 1.04 -20.89
C VAL B 409 -1.05 0.10 -21.63
N ILE B 410 0.23 0.19 -21.31
CA ILE B 410 1.27 -0.64 -21.93
C ILE B 410 0.95 -2.13 -21.74
N GLU B 411 0.59 -2.52 -20.52
CA GLU B 411 0.19 -3.90 -20.23
C GLU B 411 -0.92 -4.42 -21.14
N GLN B 412 -1.93 -3.59 -21.39
CA GLN B 412 -3.03 -3.99 -22.28
C GLN B 412 -2.58 -4.06 -23.74
N VAL B 413 -1.83 -3.06 -24.20
CA VAL B 413 -1.30 -3.05 -25.57
C VAL B 413 -0.43 -4.28 -25.82
N ARG B 414 0.44 -4.59 -24.86
CA ARG B 414 1.38 -5.71 -24.97
C ARG B 414 0.66 -7.04 -25.21
N ALA B 415 -0.53 -7.19 -24.61
CA ALA B 415 -1.31 -8.42 -24.72
C ALA B 415 -1.91 -8.66 -26.11
N GLN B 416 -2.00 -7.62 -26.93
CA GLN B 416 -2.74 -7.67 -28.19
C GLN B 416 -2.06 -8.49 -29.28
N SER B 417 -0.73 -8.47 -29.29
CA SER B 417 0.04 -9.12 -30.34
C SER B 417 1.41 -9.44 -29.77
N GLU B 418 2.21 -10.20 -30.52
CA GLU B 418 3.56 -10.45 -30.03
C GLU B 418 4.55 -9.30 -30.32
N ASP B 419 4.14 -8.32 -31.12
CA ASP B 419 4.96 -7.14 -31.41
C ASP B 419 4.24 -5.82 -31.09
N ILE B 420 4.51 -5.30 -29.90
CA ILE B 420 3.81 -4.14 -29.34
C ILE B 420 3.90 -2.88 -30.21
N SER B 421 5.01 -2.74 -30.92
CA SER B 421 5.27 -1.55 -31.73
C SER B 421 4.37 -1.43 -32.97
N THR B 422 3.66 -2.51 -33.30
CA THR B 422 2.78 -2.53 -34.49
C THR B 422 1.29 -2.54 -34.15
N VAL B 423 0.96 -2.46 -32.86
CA VAL B 423 -0.42 -2.40 -32.40
C VAL B 423 -0.95 -0.97 -32.54
N PRO B 424 -1.89 -0.76 -33.48
CA PRO B 424 -2.41 0.60 -33.66
C PRO B 424 -3.39 0.96 -32.55
N ILE B 425 -3.20 2.14 -31.96
CA ILE B 425 -4.07 2.65 -30.91
C ILE B 425 -4.79 3.91 -31.40
N HIS B 426 -6.11 3.95 -31.21
CA HIS B 426 -6.91 5.13 -31.52
C HIS B 426 -7.41 5.77 -30.24
N TYR B 427 -7.54 7.10 -30.27
CA TYR B 427 -8.06 7.86 -29.16
C TYR B 427 -9.35 8.60 -29.51
N ALA B 428 -10.31 8.56 -28.59
CA ALA B 428 -11.53 9.34 -28.73
C ALA B 428 -11.27 10.80 -28.38
N TYR B 429 -11.97 11.69 -29.10
CA TYR B 429 -11.90 13.13 -28.91
C TYR B 429 -13.33 13.68 -28.83
N ASN B 430 -13.52 14.83 -28.20
CA ASN B 430 -14.75 15.60 -28.41
C ASN B 430 -14.42 17.08 -28.53
N MET B 431 -15.37 17.84 -29.06
CA MET B 431 -15.27 19.27 -29.18
C MET B 431 -15.77 19.90 -27.88
N THR B 432 -14.95 20.75 -27.27
CA THR B 432 -15.36 21.47 -26.06
C THR B 432 -16.17 22.70 -26.46
N ARG B 433 -16.72 23.40 -25.47
CA ARG B 433 -17.57 24.56 -25.79
C ARG B 433 -16.82 25.76 -26.34
N VAL B 434 -15.49 25.71 -26.27
CA VAL B 434 -14.65 26.73 -26.92
C VAL B 434 -14.05 26.23 -28.25
N GLY B 435 -14.56 25.10 -28.74
CA GLY B 435 -14.20 24.58 -30.07
C GLY B 435 -12.83 23.90 -30.17
N ARG B 436 -12.30 23.45 -29.04
CA ARG B 436 -11.04 22.70 -29.03
C ARG B 436 -11.31 21.21 -29.10
N MET B 437 -10.43 20.48 -29.81
CA MET B 437 -10.52 19.03 -29.94
C MET B 437 -9.72 18.36 -28.84
N GLN B 438 -10.42 17.95 -27.79
CA GLN B 438 -9.80 17.42 -26.59
C GLN B 438 -9.84 15.91 -26.60
N MET B 439 -8.69 15.30 -26.35
CA MET B 439 -8.57 13.86 -26.22
C MET B 439 -9.24 13.46 -24.91
N LEU B 440 -10.14 12.48 -24.96
CA LEU B 440 -10.84 12.07 -23.75
C LEU B 440 -9.86 11.40 -22.79
N GLY B 441 -10.07 11.60 -21.49
CA GLY B 441 -9.22 10.99 -20.48
C GLY B 441 -8.21 11.92 -19.84
N LYS B 442 -7.83 11.59 -18.62
CA LYS B 442 -6.97 12.44 -17.78
C LYS B 442 -5.52 12.52 -18.28
N TYR B 443 -4.89 11.35 -18.45
CA TYR B 443 -3.49 11.24 -18.88
C TYR B 443 -3.38 10.47 -20.19
N ASN B 444 -3.16 11.20 -21.27
CA ASN B 444 -3.04 10.62 -22.62
C ASN B 444 -1.95 11.40 -23.36
N PRO B 445 -1.61 11.04 -24.62
CA PRO B 445 -0.55 11.81 -25.29
C PRO B 445 -0.77 13.33 -25.37
N GLN B 446 -2.02 13.76 -25.51
CA GLN B 446 -2.30 15.19 -25.62
C GLN B 446 -2.11 15.92 -24.29
N SER B 447 -2.50 15.27 -23.19
CA SER B 447 -2.56 15.91 -21.87
C SER B 447 -1.35 15.69 -20.96
N ALA B 448 -0.60 14.61 -21.23
CA ALA B 448 0.46 14.18 -20.32
C ALA B 448 1.80 14.00 -21.03
N LYS B 449 2.76 14.84 -20.66
CA LYS B 449 4.08 14.86 -21.29
C LYS B 449 4.84 13.54 -21.18
N LEU B 450 4.70 12.85 -20.03
CA LEU B 450 5.33 11.54 -19.85
C LEU B 450 4.78 10.54 -20.89
N VAL B 451 3.47 10.54 -21.06
CA VAL B 451 2.80 9.63 -22.00
C VAL B 451 3.12 10.01 -23.46
N ARG B 452 3.20 11.31 -23.72
CA ARG B 452 3.47 11.85 -25.05
C ARG B 452 4.76 11.31 -25.69
N GLU B 453 5.73 10.96 -24.86
CA GLU B 453 7.02 10.48 -25.37
C GLU B 453 7.10 8.95 -25.49
N ALA B 454 6.02 8.25 -25.14
CA ALA B 454 5.98 6.79 -25.22
C ALA B 454 4.93 6.26 -26.19
N ILE B 455 3.90 7.06 -26.46
CA ILE B 455 2.84 6.68 -27.41
C ILE B 455 2.68 7.83 -28.41
N LEU B 456 3.06 7.58 -29.65
CA LEU B 456 3.18 8.65 -30.65
C LEU B 456 2.58 8.26 -32.00
N PRO B 457 1.98 9.23 -32.71
CA PRO B 457 1.49 8.99 -34.06
C PRO B 457 2.56 9.30 -35.10
N THR B 458 3.65 9.92 -34.66
CA THR B 458 4.68 10.42 -35.57
C THR B 458 5.66 9.31 -35.89
N LYS B 459 6.09 9.24 -37.14
CA LYS B 459 7.12 8.27 -37.57
C LYS B 459 7.84 8.77 -38.81
N ALA B 460 9.13 8.50 -38.90
CA ALA B 460 9.90 8.87 -40.08
C ALA B 460 11.00 7.85 -40.37
N THR B 461 11.36 7.71 -41.64
CA THR B 461 12.54 6.95 -42.06
C THR B 461 13.53 7.96 -42.63
N LEU B 462 14.72 7.99 -42.05
CA LEU B 462 15.70 9.03 -42.37
C LEU B 462 17.03 8.44 -42.81
N ASP B 463 17.62 9.01 -43.85
CA ASP B 463 18.97 8.68 -44.22
C ASP B 463 19.91 9.62 -43.49
N LEU B 464 20.45 9.11 -42.38
CA LEU B 464 21.35 9.88 -41.51
C LEU B 464 22.81 9.47 -41.72
N SER B 465 23.12 8.83 -42.85
CA SER B 465 24.49 8.40 -43.13
C SER B 465 25.39 9.59 -43.50
N ASN B 466 24.76 10.69 -43.91
CA ASN B 466 25.45 11.90 -44.32
C ASN B 466 24.89 13.11 -43.58
N GLN B 467 25.71 13.69 -42.70
CA GLN B 467 25.28 14.81 -41.87
C GLN B 467 25.02 16.13 -42.63
N ASN B 468 25.32 16.16 -43.93
CA ASN B 468 25.13 17.37 -44.74
C ASN B 468 23.81 17.46 -45.47
N ASN B 469 23.01 16.40 -45.41
CA ASN B 469 21.78 16.34 -46.19
C ASN B 469 20.52 16.69 -45.39
N GLU B 470 19.39 16.82 -46.08
CA GLU B 470 18.19 17.35 -45.44
C GLU B 470 17.57 16.48 -44.36
N ASP B 471 17.66 15.16 -44.49
CA ASP B 471 17.17 14.27 -43.44
C ASP B 471 17.87 14.52 -42.11
N PHE B 472 19.19 14.73 -42.16
CA PHE B 472 19.94 15.00 -40.92
C PHE B 472 19.60 16.37 -40.34
N SER B 473 19.32 17.35 -41.20
CA SER B 473 18.90 18.66 -40.72
C SER B 473 17.56 18.60 -39.97
N ALA B 474 16.65 17.74 -40.47
CA ALA B 474 15.34 17.55 -39.85
C ALA B 474 15.50 16.91 -38.48
N PHE B 475 16.37 15.90 -38.42
CA PHE B 475 16.73 15.22 -37.18
C PHE B 475 17.28 16.22 -36.15
N GLN B 476 18.24 17.03 -36.59
CA GLN B 476 18.79 18.10 -35.76
C GLN B 476 17.71 19.04 -35.23
N LEU B 477 16.81 19.47 -36.12
CA LEU B 477 15.72 20.37 -35.71
C LEU B 477 14.88 19.79 -34.57
N GLY B 478 14.49 18.52 -34.70
CA GLY B 478 13.73 17.81 -33.65
C GLY B 478 14.51 17.69 -32.35
N LEU B 479 15.79 17.35 -32.45
CA LEU B 479 16.64 17.25 -31.26
C LEU B 479 16.79 18.59 -30.56
N ALA B 480 17.10 19.62 -31.33
CA ALA B 480 17.34 20.97 -30.80
C ALA B 480 16.10 21.51 -30.09
N GLN B 481 14.94 21.39 -30.73
CA GLN B 481 13.69 21.85 -30.13
C GLN B 481 13.41 21.13 -28.80
N ALA B 482 13.61 19.81 -28.80
CA ALA B 482 13.38 18.98 -27.61
C ALA B 482 14.31 19.37 -26.47
N LEU B 483 15.51 19.83 -26.84
CA LEU B 483 16.54 20.23 -25.89
C LEU B 483 16.46 21.71 -25.49
N ASP B 484 15.35 22.36 -25.84
CA ASP B 484 15.08 23.75 -25.44
C ASP B 484 15.93 24.82 -26.12
N ILE B 485 16.57 24.47 -27.24
CA ILE B 485 17.11 25.48 -28.15
C ILE B 485 15.91 26.11 -28.85
N LYS B 486 15.86 27.44 -28.90
CA LYS B 486 14.71 28.13 -29.45
C LYS B 486 14.77 28.20 -30.97
N VAL B 487 14.36 27.10 -31.59
CA VAL B 487 14.59 26.84 -33.01
C VAL B 487 13.86 27.81 -33.96
N HIS B 488 12.75 28.39 -33.51
CA HIS B 488 12.01 29.33 -34.35
C HIS B 488 12.66 30.71 -34.39
N THR B 489 13.67 30.91 -33.55
CA THR B 489 14.34 32.21 -33.42
C THR B 489 15.65 32.33 -34.22
N MET B 490 16.03 31.25 -34.91
CA MET B 490 17.32 31.20 -35.61
C MET B 490 17.23 30.34 -36.86
N THR B 491 18.15 30.56 -37.80
CA THR B 491 18.21 29.76 -39.03
C THR B 491 18.66 28.33 -38.70
N ARG B 492 18.49 27.41 -39.65
CA ARG B 492 18.96 26.03 -39.47
C ARG B 492 20.44 25.98 -39.24
N GLU B 493 21.16 26.80 -40.00
CA GLU B 493 22.63 26.81 -39.96
C GLU B 493 23.11 27.18 -38.56
N VAL B 494 22.51 28.23 -37.99
CA VAL B 494 22.84 28.69 -36.64
C VAL B 494 22.37 27.66 -35.59
N MET B 495 21.19 27.08 -35.80
CA MET B 495 20.67 26.00 -34.94
C MET B 495 21.63 24.80 -34.92
N SER B 496 22.09 24.41 -36.09
CA SER B 496 23.03 23.28 -36.21
C SER B 496 24.29 23.47 -35.36
N ASP B 497 24.87 24.68 -35.41
CA ASP B 497 26.07 24.98 -34.63
C ASP B 497 25.78 24.93 -33.12
N GLU B 498 24.66 25.51 -32.72
CA GLU B 498 24.25 25.51 -31.31
C GLU B 498 24.02 24.09 -30.79
N LEU B 499 23.35 23.27 -31.59
CA LEU B 499 23.08 21.88 -31.20
C LEU B 499 24.36 21.07 -31.07
N THR B 500 25.24 21.18 -32.06
CA THR B 500 26.52 20.48 -32.05
C THR B 500 27.33 20.81 -30.77
N LYS B 501 27.38 22.09 -30.41
CA LYS B 501 28.10 22.53 -29.21
C LYS B 501 27.50 21.90 -27.95
N LEU B 502 26.18 21.82 -27.89
CA LEU B 502 25.48 21.22 -26.76
C LEU B 502 25.70 19.70 -26.64
N LEU B 503 25.61 18.99 -27.76
CA LEU B 503 25.78 17.54 -27.77
C LEU B 503 27.20 17.11 -27.39
N GLU B 504 28.19 17.89 -27.80
CA GLU B 504 29.59 17.58 -27.51
C GLU B 504 30.06 18.21 -26.20
N GLY B 505 29.22 19.07 -25.63
CA GLY B 505 29.52 19.75 -24.38
C GLY B 505 28.79 19.17 -23.19
N ASN B 506 27.92 19.98 -22.59
CA ASN B 506 27.13 19.59 -21.41
C ASN B 506 26.40 18.25 -21.49
N LEU B 507 25.88 17.93 -22.67
CA LEU B 507 25.05 16.73 -22.82
C LEU B 507 25.87 15.46 -22.99
N LYS B 508 27.15 15.61 -23.34
CA LYS B 508 28.01 14.50 -23.70
C LYS B 508 27.94 13.30 -22.72
N PRO B 509 28.13 13.54 -21.41
CA PRO B 509 28.07 12.43 -20.45
C PRO B 509 26.73 11.69 -20.44
N ALA B 510 25.62 12.42 -20.63
CA ALA B 510 24.29 11.82 -20.68
C ALA B 510 24.11 11.01 -21.94
N ILE B 511 24.62 11.53 -23.06
CA ILE B 511 24.60 10.79 -24.34
C ILE B 511 25.39 9.49 -24.23
N ASP B 512 26.59 9.57 -23.65
CA ASP B 512 27.42 8.40 -23.41
C ASP B 512 26.68 7.35 -22.57
N MET B 513 25.97 7.80 -21.54
CA MET B 513 25.15 6.91 -20.71
C MET B 513 24.05 6.24 -21.51
N MET B 514 23.38 7.02 -22.36
CA MET B 514 22.29 6.50 -23.17
C MET B 514 22.79 5.57 -24.28
N VAL B 515 23.98 5.84 -24.81
CA VAL B 515 24.64 4.92 -25.73
C VAL B 515 24.79 3.56 -25.04
N GLU B 516 25.30 3.56 -23.80
CA GLU B 516 25.44 2.33 -23.04
C GLU B 516 24.10 1.64 -22.78
N PHE B 517 23.08 2.42 -22.41
CA PHE B 517 21.74 1.87 -22.24
C PHE B 517 21.24 1.17 -23.52
N ASN B 518 21.46 1.81 -24.66
CA ASN B 518 21.01 1.25 -25.93
C ASN B 518 21.89 0.13 -26.47
N THR B 519 22.93 -0.22 -25.71
CA THR B 519 23.82 -1.32 -26.06
C THR B 519 23.58 -2.53 -25.15
N THR B 520 23.45 -2.27 -23.85
CA THR B 520 23.38 -3.33 -22.84
C THR B 520 22.04 -3.41 -22.11
N GLY B 521 21.26 -2.34 -22.16
CA GLY B 521 19.99 -2.28 -21.45
C GLY B 521 20.10 -1.82 -20.01
N SER B 522 21.31 -1.44 -19.59
CA SER B 522 21.53 -1.06 -18.20
C SER B 522 21.77 0.44 -18.00
N LEU B 523 21.39 0.93 -16.82
CA LEU B 523 21.70 2.30 -16.42
C LEU B 523 22.56 2.26 -15.16
N PRO B 524 23.43 3.26 -14.99
CA PRO B 524 24.23 3.33 -13.76
C PRO B 524 23.39 3.76 -12.56
N GLU B 525 23.88 3.48 -11.36
CA GLU B 525 23.20 3.88 -10.11
C GLU B 525 22.95 5.40 -10.06
N ASN B 526 23.90 6.17 -10.58
CA ASN B 526 23.82 7.64 -10.57
C ASN B 526 23.13 8.26 -11.79
N ALA B 527 22.32 7.47 -12.50
CA ALA B 527 21.64 7.93 -13.71
C ALA B 527 20.89 9.26 -13.54
N VAL B 528 20.23 9.45 -12.39
CA VAL B 528 19.52 10.71 -12.12
C VAL B 528 20.48 11.91 -12.10
N ASP B 529 21.61 11.79 -11.40
CA ASP B 529 22.60 12.86 -11.33
C ASP B 529 23.21 13.18 -12.70
N VAL B 530 23.54 12.14 -13.46
CA VAL B 530 24.06 12.31 -14.82
C VAL B 530 23.09 13.13 -15.67
N LEU B 531 21.81 12.74 -15.65
CA LEU B 531 20.79 13.43 -16.42
C LEU B 531 20.58 14.87 -15.94
N ASN B 532 20.42 15.03 -14.62
CA ASN B 532 20.25 16.34 -13.99
C ASN B 532 21.37 17.32 -14.33
N THR B 533 22.60 16.87 -14.18
CA THR B 533 23.78 17.70 -14.40
C THR B 533 23.92 18.08 -15.87
N ALA B 534 23.66 17.11 -16.75
CA ALA B 534 23.75 17.33 -18.19
C ALA B 534 22.69 18.31 -18.70
N LEU B 535 21.44 18.09 -18.29
CA LEU B 535 20.30 18.85 -18.82
C LEU B 535 20.13 20.22 -18.20
N GLY B 536 20.34 20.31 -16.89
CA GLY B 536 20.09 21.56 -16.16
C GLY B 536 18.66 22.01 -16.39
N ASP B 537 18.47 23.26 -16.78
CA ASP B 537 17.12 23.80 -16.98
C ASP B 537 16.43 23.34 -18.28
N ARG B 538 17.14 22.54 -19.09
CA ARG B 538 16.57 21.97 -20.31
C ARG B 538 15.77 20.70 -20.02
N LYS B 539 15.83 20.22 -18.78
CA LYS B 539 15.18 18.97 -18.39
C LYS B 539 13.67 18.95 -18.66
N SER B 540 13.22 17.91 -19.37
CA SER B 540 11.82 17.68 -19.70
C SER B 540 11.67 16.24 -20.22
N PHE B 541 10.44 15.77 -20.33
CA PHE B 541 10.20 14.46 -20.96
C PHE B 541 10.64 14.40 -22.43
N VAL B 542 10.33 15.44 -23.20
CA VAL B 542 10.78 15.48 -24.60
C VAL B 542 12.33 15.55 -24.72
N ALA B 543 12.99 16.20 -23.76
CA ALA B 543 14.47 16.19 -23.72
C ALA B 543 15.04 14.79 -23.55
N LEU B 544 14.35 13.95 -22.76
CA LEU B 544 14.74 12.56 -22.58
C LEU B 544 14.58 11.78 -23.89
N MET B 545 13.47 12.04 -24.60
CA MET B 545 13.27 11.49 -25.94
C MET B 545 14.43 11.86 -26.88
N ALA B 546 14.90 13.10 -26.80
CA ALA B 546 16.01 13.55 -27.65
C ALA B 546 17.31 12.81 -27.33
N LEU B 547 17.62 12.66 -26.04
CA LEU B 547 18.82 11.93 -25.65
C LEU B 547 18.73 10.48 -26.10
N MET B 548 17.55 9.89 -25.89
CA MET B 548 17.25 8.54 -26.35
C MET B 548 17.47 8.38 -27.86
N GLU B 549 16.84 9.24 -28.64
CA GLU B 549 16.89 9.10 -30.11
C GLU B 549 18.26 9.40 -30.69
N TYR B 550 18.97 10.40 -30.13
CA TYR B 550 20.32 10.68 -30.59
C TYR B 550 21.27 9.51 -30.32
N SER B 551 21.18 8.92 -29.13
CA SER B 551 22.00 7.76 -28.80
C SER B 551 21.63 6.53 -29.64
N ARG B 552 20.34 6.36 -29.93
CA ARG B 552 19.86 5.27 -30.79
C ARG B 552 20.46 5.41 -32.20
N TYR B 553 20.47 6.65 -32.71
CA TYR B 553 21.15 6.97 -33.96
C TYR B 553 22.65 6.61 -33.91
N LEU B 554 23.32 6.95 -32.82
CA LEU B 554 24.75 6.65 -32.69
C LEU B 554 25.08 5.15 -32.75
N VAL B 555 24.22 4.31 -32.16
CA VAL B 555 24.44 2.86 -32.14
C VAL B 555 23.77 2.11 -33.29
N ALA B 556 23.01 2.83 -34.12
CA ALA B 556 22.24 2.22 -35.20
C ALA B 556 23.12 1.51 -36.23
N GLU B 557 22.77 0.27 -36.55
CA GLU B 557 23.49 -0.51 -37.56
C GLU B 557 23.11 -0.10 -38.99
N ASP B 558 21.94 0.52 -39.14
CA ASP B 558 21.51 1.05 -40.44
C ASP B 558 21.12 2.54 -40.32
N LYS B 559 22.15 3.38 -40.23
CA LYS B 559 21.93 4.83 -40.18
C LYS B 559 21.33 5.36 -41.48
N SER B 560 21.47 4.60 -42.56
CA SER B 560 20.95 5.02 -43.87
C SER B 560 19.43 4.92 -43.99
N ALA B 561 18.81 4.22 -43.05
CA ALA B 561 17.34 4.10 -43.00
C ALA B 561 16.88 4.01 -41.53
N PHE B 562 17.23 5.05 -40.78
CA PHE B 562 16.93 5.12 -39.35
C PHE B 562 15.48 5.51 -39.13
N VAL B 563 14.76 4.68 -38.35
CA VAL B 563 13.33 4.88 -38.10
C VAL B 563 13.10 5.48 -36.71
N THR B 564 12.36 6.59 -36.66
CA THR B 564 12.21 7.35 -35.41
C THR B 564 10.87 8.07 -35.31
N PRO B 565 10.28 8.11 -34.08
CA PRO B 565 9.09 8.90 -33.83
C PRO B 565 9.37 10.34 -33.37
N LEU B 566 10.65 10.69 -33.23
CA LEU B 566 11.06 12.05 -32.86
C LEU B 566 10.32 13.07 -33.72
N TYR B 567 9.79 14.11 -33.10
CA TYR B 567 8.96 15.04 -33.85
C TYR B 567 9.48 16.47 -33.78
N VAL B 568 8.95 17.32 -34.67
CA VAL B 568 9.07 18.76 -34.52
C VAL B 568 7.67 19.31 -34.32
N GLU B 569 7.53 20.19 -33.32
CA GLU B 569 6.27 20.89 -33.11
C GLU B 569 6.26 22.18 -33.90
N ALA B 570 5.32 22.29 -34.82
CA ALA B 570 4.99 23.57 -35.40
C ALA B 570 4.20 24.28 -34.33
N ASP B 571 4.78 25.33 -33.76
CA ASP B 571 4.24 25.85 -32.50
C ASP B 571 3.88 27.31 -32.64
N GLY B 572 2.65 27.63 -32.27
CA GLY B 572 2.15 29.01 -32.35
C GLY B 572 2.99 29.98 -31.56
N VAL B 573 3.25 31.14 -32.14
CA VAL B 573 4.00 32.19 -31.46
C VAL B 573 3.02 33.20 -30.86
N THR B 574 2.99 33.29 -29.53
CA THR B 574 2.00 34.11 -28.78
C THR B 574 0.63 34.00 -29.45
N ASN B 575 0.18 32.76 -29.58
CA ASN B 575 -0.94 32.41 -30.44
C ASN B 575 -2.26 33.13 -30.11
N GLY B 576 -2.70 33.04 -28.86
CA GLY B 576 -3.95 33.67 -28.42
C GLY B 576 -4.00 35.16 -28.71
N PRO B 577 -3.03 35.93 -28.17
CA PRO B 577 -2.99 37.37 -28.42
C PRO B 577 -2.95 37.77 -29.91
N ILE B 578 -2.16 37.07 -30.72
CA ILE B 578 -2.05 37.37 -32.14
C ILE B 578 -3.37 37.11 -32.87
N ASN B 579 -3.97 35.95 -32.60
CA ASN B 579 -5.30 35.63 -33.12
C ASN B 579 -6.31 36.72 -32.81
N ALA B 580 -6.36 37.14 -31.54
CA ALA B 580 -7.24 38.23 -31.11
C ALA B 580 -7.00 39.49 -31.94
N MET B 581 -5.73 39.88 -32.07
CA MET B 581 -5.36 41.09 -32.80
C MET B 581 -5.77 41.00 -34.27
N MET B 582 -5.55 39.85 -34.89
CA MET B 582 -5.95 39.70 -36.30
C MET B 582 -7.45 39.59 -36.47
N LEU B 583 -8.12 38.86 -35.58
CA LEU B 583 -9.56 38.62 -35.72
C LEU B 583 -10.43 39.80 -35.33
N MET B 584 -9.95 40.65 -34.42
CA MET B 584 -10.83 41.64 -33.79
C MET B 584 -10.36 43.09 -33.76
N THR B 585 -9.22 43.38 -34.39
CA THR B 585 -8.82 44.78 -34.58
C THR B 585 -9.70 45.40 -35.66
N GLY B 586 -10.34 46.52 -35.34
CA GLY B 586 -11.35 47.08 -36.24
C GLY B 586 -11.06 48.39 -36.96
N GLY B 587 -9.90 49.00 -36.73
CA GLY B 587 -9.70 50.34 -37.29
C GLY B 587 -9.16 50.39 -38.71
N LEU B 588 -8.70 51.57 -39.09
CA LEU B 588 -7.77 51.68 -40.21
C LEU B 588 -6.46 51.06 -39.74
N PHE B 589 -5.60 50.73 -40.69
CA PHE B 589 -4.29 50.15 -40.39
C PHE B 589 -3.36 51.19 -39.76
N THR B 590 -2.56 50.75 -38.80
CA THR B 590 -1.56 51.60 -38.17
C THR B 590 -0.20 50.91 -38.24
N PRO B 591 0.88 51.70 -38.35
CA PRO B 591 2.23 51.11 -38.41
C PRO B 591 2.64 50.31 -37.16
N ASP B 592 2.20 50.73 -35.97
CA ASP B 592 2.50 49.97 -34.76
C ASP B 592 1.86 48.58 -34.79
N TRP B 593 0.64 48.50 -35.34
CA TRP B 593 -0.06 47.21 -35.50
C TRP B 593 0.70 46.32 -36.48
N ILE B 594 1.17 46.90 -37.58
CA ILE B 594 1.96 46.15 -38.57
C ILE B 594 3.22 45.57 -37.92
N ARG B 595 3.93 46.38 -37.15
CA ARG B 595 5.10 45.91 -36.39
C ARG B 595 4.74 44.81 -35.39
N ASN B 596 3.68 45.02 -34.63
CA ASN B 596 3.31 44.09 -33.57
C ASN B 596 2.74 42.76 -34.07
N ILE B 597 1.98 42.79 -35.17
CA ILE B 597 1.43 41.56 -35.74
C ILE B 597 2.50 40.70 -36.42
N ALA B 598 3.55 41.34 -36.94
CA ALA B 598 4.71 40.63 -37.47
C ALA B 598 5.38 39.77 -36.39
N LYS B 599 5.25 40.18 -35.12
CA LYS B 599 5.77 39.39 -34.01
C LYS B 599 5.09 38.02 -33.93
N GLY B 600 3.89 37.94 -34.51
CA GLY B 600 3.13 36.69 -34.57
C GLY B 600 3.17 36.01 -35.93
N GLY B 601 4.04 36.50 -36.81
CA GLY B 601 4.28 35.82 -38.09
C GLY B 601 3.40 36.21 -39.27
N LEU B 602 2.69 37.32 -39.17
CA LEU B 602 2.04 37.91 -40.34
C LEU B 602 3.00 38.93 -40.98
N PHE B 603 3.61 38.54 -42.10
CA PHE B 603 4.63 39.37 -42.76
C PHE B 603 4.07 40.01 -44.02
N ILE B 604 4.19 41.33 -44.08
CA ILE B 604 3.66 42.11 -45.20
C ILE B 604 4.80 42.58 -46.10
N GLY B 605 4.70 42.27 -47.39
CA GLY B 605 5.71 42.67 -48.38
C GLY B 605 7.09 42.05 -48.18
N SER B 606 7.11 40.79 -47.75
CA SER B 606 8.35 40.05 -47.58
C SER B 606 8.12 38.61 -48.05
N PRO B 607 8.14 38.40 -49.39
CA PRO B 607 7.84 37.09 -49.93
C PRO B 607 8.73 36.00 -49.33
N ASN B 608 8.09 34.92 -48.86
CA ASN B 608 8.80 33.75 -48.32
C ASN B 608 9.53 33.97 -47.01
N LYS B 609 9.26 35.11 -46.36
CA LYS B 609 9.85 35.39 -45.05
C LYS B 609 9.36 34.38 -44.00
N THR B 610 10.30 33.93 -43.17
CA THR B 610 10.02 32.98 -42.09
C THR B 610 10.14 33.66 -40.72
N MET B 611 9.59 33.04 -39.69
CA MET B 611 9.78 33.50 -38.31
C MET B 611 11.26 33.49 -37.94
N ASN B 612 11.97 32.48 -38.43
CA ASN B 612 13.39 32.33 -38.17
C ASN B 612 14.15 33.56 -38.62
N GLU B 613 13.82 34.04 -39.82
CA GLU B 613 14.43 35.23 -40.38
C GLU B 613 13.96 36.48 -39.66
N HIS B 614 12.67 36.55 -39.33
CA HIS B 614 12.14 37.68 -38.57
C HIS B 614 12.90 37.88 -37.26
N ARG B 615 13.01 36.81 -36.48
CA ARG B 615 13.65 36.89 -35.18
C ARG B 615 15.15 37.17 -35.25
N SER B 616 15.79 36.69 -36.31
CA SER B 616 17.24 36.82 -36.43
C SER B 616 17.70 38.16 -37.04
N THR B 617 16.85 38.80 -37.83
CA THR B 617 17.25 40.01 -38.56
C THR B 617 16.31 41.22 -38.45
N ALA B 618 15.07 41.02 -38.02
CA ALA B 618 14.09 42.13 -38.01
C ALA B 618 13.66 42.60 -36.63
N ASP B 619 13.34 41.65 -35.75
CA ASP B 619 12.74 41.96 -34.46
C ASP B 619 12.81 40.72 -33.58
N ASN B 620 13.70 40.76 -32.59
CA ASN B 620 13.89 39.65 -31.66
C ASN B 620 12.99 39.72 -30.42
N ASN B 621 12.13 40.73 -30.36
CA ASN B 621 11.19 40.88 -29.25
C ASN B 621 9.81 40.29 -29.59
N ASP B 622 9.38 39.27 -28.85
CA ASP B 622 8.01 38.76 -29.00
C ASP B 622 7.01 39.69 -28.29
N LEU B 623 5.72 39.35 -28.38
CA LEU B 623 4.67 40.19 -27.79
C LEU B 623 4.79 40.27 -26.26
N TYR B 624 5.36 39.22 -25.66
CA TYR B 624 5.65 39.22 -24.22
C TYR B 624 6.73 40.24 -23.85
N GLN B 625 7.82 40.25 -24.63
CA GLN B 625 8.90 41.21 -24.43
C GLN B 625 8.41 42.63 -24.66
N ALA B 626 7.61 42.82 -25.71
CA ALA B 626 7.01 44.11 -26.01
C ALA B 626 6.15 44.63 -24.86
N SER B 627 5.35 43.75 -24.28
CA SER B 627 4.45 44.15 -23.17
C SER B 627 5.25 44.40 -21.89
N THR B 628 6.32 43.63 -21.71
CA THR B 628 7.30 43.86 -20.65
C THR B 628 7.98 45.22 -20.82
N ASN B 629 8.38 45.56 -22.05
CA ASN B 629 8.98 46.87 -22.33
C ASN B 629 8.01 48.02 -22.06
N ALA B 630 6.75 47.81 -22.38
CA ALA B 630 5.70 48.80 -22.12
C ALA B 630 5.37 48.91 -20.62
N LEU B 631 5.47 47.79 -19.91
CA LEU B 631 5.34 47.80 -18.44
C LEU B 631 6.39 48.74 -17.84
N MET B 632 7.65 48.57 -18.27
CA MET B 632 8.74 49.40 -17.76
C MET B 632 8.47 50.90 -17.94
N GLU B 633 7.95 51.25 -19.10
CA GLU B 633 7.63 52.64 -19.41
C GLU B 633 6.45 53.17 -18.56
N SER B 634 5.44 52.32 -18.34
CA SER B 634 4.28 52.70 -17.52
C SER B 634 4.62 52.79 -16.03
N LEU B 635 5.47 51.88 -15.56
CA LEU B 635 5.93 51.90 -14.17
C LEU B 635 6.77 53.15 -13.92
N GLY B 636 7.63 53.47 -14.90
CA GLY B 636 8.44 54.69 -14.85
C GLY B 636 7.58 55.93 -14.75
N LYS B 637 6.50 55.95 -15.53
CA LYS B 637 5.53 57.04 -15.48
C LYS B 637 4.84 57.15 -14.12
N LEU B 638 4.44 56.00 -13.56
CA LEU B 638 3.76 55.98 -12.27
C LEU B 638 4.66 56.53 -11.16
N ARG B 639 5.89 56.02 -11.10
CA ARG B 639 6.89 56.48 -10.15
C ARG B 639 7.14 57.98 -10.23
N SER B 640 7.28 58.49 -11.46
CA SER B 640 7.48 59.90 -11.73
C SER B 640 6.28 60.76 -11.34
N ASN B 641 5.08 60.19 -11.48
CA ASN B 641 3.83 60.85 -11.06
C ASN B 641 3.79 61.12 -9.55
N TYR B 642 4.49 60.27 -8.79
CA TYR B 642 4.55 60.38 -7.33
C TYR B 642 5.99 60.60 -6.86
N ALA B 643 6.77 61.29 -7.69
CA ALA B 643 8.21 61.47 -7.47
C ALA B 643 8.56 62.08 -6.11
N SER B 644 7.71 63.00 -5.65
CA SER B 644 7.97 63.73 -4.41
C SER B 644 7.25 63.11 -3.22
N ASN B 645 6.59 61.98 -3.46
CA ASN B 645 5.87 61.27 -2.43
C ASN B 645 6.74 60.14 -1.89
N MET B 646 7.49 60.43 -0.82
CA MET B 646 8.49 59.50 -0.29
C MET B 646 7.95 58.16 0.27
N PRO B 647 6.81 58.17 1.00
CA PRO B 647 6.23 56.87 1.39
C PRO B 647 5.83 55.97 0.21
N ILE B 648 5.25 56.55 -0.85
CA ILE B 648 4.86 55.78 -2.04
C ILE B 648 6.07 55.23 -2.79
N GLN B 649 7.10 56.05 -2.96
CA GLN B 649 8.36 55.60 -3.55
C GLN B 649 8.92 54.41 -2.77
N SER B 650 8.79 54.46 -1.44
CA SER B 650 9.29 53.42 -0.56
C SER B 650 8.44 52.15 -0.61
N GLN B 651 7.13 52.31 -0.79
CA GLN B 651 6.23 51.18 -0.95
C GLN B 651 6.56 50.43 -2.24
N ILE B 652 6.74 51.19 -3.32
CA ILE B 652 7.12 50.63 -4.64
C ILE B 652 8.47 49.93 -4.57
N ASP B 653 9.47 50.60 -3.99
CA ASP B 653 10.81 50.04 -3.86
C ASP B 653 10.78 48.70 -3.13
N SER B 654 9.95 48.64 -2.08
CA SER B 654 9.80 47.44 -1.27
C SER B 654 9.17 46.29 -2.05
N LEU B 655 8.14 46.60 -2.85
CA LEU B 655 7.50 45.58 -3.70
C LEU B 655 8.50 44.99 -4.69
N LEU B 656 9.22 45.88 -5.40
CA LEU B 656 10.24 45.47 -6.36
C LEU B 656 11.40 44.70 -5.71
N SER B 657 11.78 45.09 -4.51
CA SER B 657 12.81 44.38 -3.74
C SER B 657 12.39 42.96 -3.36
N LEU B 658 11.16 42.82 -2.88
CA LEU B 658 10.62 41.50 -2.53
C LEU B 658 10.57 40.58 -3.75
N MET B 659 10.10 41.11 -4.87
CA MET B 659 10.02 40.36 -6.13
C MET B 659 11.42 39.94 -6.59
N ASP B 660 12.36 40.89 -6.58
CA ASP B 660 13.76 40.66 -6.93
C ASP B 660 14.42 39.56 -6.09
N LEU B 661 14.08 39.51 -4.81
CA LEU B 661 14.58 38.48 -3.90
C LEU B 661 14.19 37.07 -4.31
N PHE B 662 13.01 36.91 -4.90
CA PHE B 662 12.40 35.59 -5.06
C PHE B 662 12.00 35.16 -6.47
N LEU B 663 11.91 36.12 -7.39
CA LEU B 663 11.50 35.82 -8.77
C LEU B 663 12.65 36.09 -9.75
N PRO B 664 13.02 35.08 -10.56
CA PRO B 664 14.09 35.25 -11.56
C PRO B 664 13.81 36.36 -12.59
N ASP B 665 12.54 36.58 -12.92
CA ASP B 665 12.16 37.53 -13.97
C ASP B 665 12.20 39.01 -13.55
N ILE B 666 12.52 39.25 -12.28
CA ILE B 666 12.66 40.62 -11.77
C ILE B 666 14.07 40.81 -11.23
N ASN B 667 14.81 41.71 -11.84
CA ASN B 667 16.16 42.02 -11.39
C ASN B 667 16.31 43.50 -11.04
N LEU B 668 16.34 43.76 -9.74
CA LEU B 668 16.65 45.08 -9.23
C LEU B 668 18.16 45.26 -9.19
N GLY B 669 18.64 46.33 -9.79
CA GLY B 669 20.05 46.68 -9.72
C GLY B 669 20.31 47.56 -8.52
N GLU B 670 21.57 47.64 -8.09
CA GLU B 670 22.00 48.57 -7.05
C GLU B 670 21.47 49.95 -7.43
N ASN B 671 21.69 50.29 -8.70
CA ASN B 671 21.10 51.44 -9.38
C ASN B 671 19.68 51.80 -8.96
N GLY B 672 18.90 50.78 -8.63
CA GLY B 672 17.45 50.90 -8.60
C GLY B 672 16.95 50.71 -10.02
N ALA B 673 17.90 50.47 -10.93
CA ALA B 673 17.60 50.13 -12.31
C ALA B 673 16.85 48.82 -12.32
N LEU B 674 15.70 48.82 -12.99
CA LEU B 674 14.91 47.62 -13.11
C LEU B 674 15.23 46.89 -14.38
N GLU B 675 15.42 45.58 -14.26
CA GLU B 675 15.42 44.70 -15.41
C GLU B 675 14.27 43.73 -15.24
N LEU B 676 13.39 43.69 -16.23
CA LEU B 676 12.29 42.75 -16.23
C LEU B 676 12.48 41.80 -17.40
N LYS B 677 12.29 40.52 -17.12
CA LYS B 677 12.38 39.50 -18.15
C LYS B 677 10.98 39.17 -18.67
N ARG B 678 10.89 38.97 -19.98
CA ARG B 678 9.62 38.71 -20.68
C ARG B 678 8.69 37.70 -20.02
N GLY B 679 9.26 36.78 -19.24
CA GLY B 679 8.50 35.76 -18.53
C GLY B 679 7.37 36.26 -17.64
N ILE B 680 7.55 37.41 -17.00
CA ILE B 680 6.52 37.93 -16.08
C ILE B 680 5.24 38.41 -16.77
N ALA B 681 5.32 38.65 -18.08
CA ALA B 681 4.16 39.12 -18.85
C ALA B 681 3.43 38.01 -19.59
N LYS B 682 4.06 36.83 -19.72
CA LYS B 682 3.50 35.71 -20.47
C LYS B 682 2.07 35.42 -20.06
N ASN B 683 1.87 35.02 -18.80
CA ASN B 683 0.54 34.66 -18.34
C ASN B 683 -0.41 35.84 -18.23
N PRO B 684 0.05 36.97 -17.63
CA PRO B 684 -0.81 38.16 -17.62
C PRO B 684 -1.30 38.57 -19.01
N LEU B 685 -0.45 38.53 -20.03
CA LEU B 685 -0.91 38.81 -21.40
C LEU B 685 -1.88 37.74 -21.86
N THR B 686 -1.49 36.47 -21.73
CA THR B 686 -2.32 35.34 -22.16
C THR B 686 -3.73 35.46 -21.59
N ILE B 687 -3.84 35.72 -20.29
CA ILE B 687 -5.16 35.75 -19.64
C ILE B 687 -5.92 37.08 -19.72
N THR B 688 -5.21 38.20 -19.96
CA THR B 688 -5.80 39.56 -19.92
C THR B 688 -6.87 39.90 -20.97
N ILE B 689 -6.60 39.60 -22.24
CA ILE B 689 -7.54 39.97 -23.31
C ILE B 689 -8.88 39.28 -23.05
N TYR B 690 -8.83 38.14 -22.35
CA TYR B 690 -10.00 37.30 -22.02
C TYR B 690 -10.90 37.90 -20.96
N GLY B 691 -10.60 39.13 -20.58
CA GLY B 691 -11.36 39.77 -19.56
C GLY B 691 -11.04 39.15 -18.21
N SER B 692 -9.85 38.58 -18.07
CA SER B 692 -9.32 38.40 -16.71
C SER B 692 -9.18 39.82 -16.18
N GLY B 693 -9.65 40.03 -14.97
CA GLY B 693 -9.45 41.30 -14.27
C GLY B 693 -8.04 41.41 -13.72
N ALA B 694 -7.68 42.63 -13.32
CA ALA B 694 -6.36 42.92 -12.78
C ALA B 694 -6.09 42.26 -11.43
N ARG B 695 -7.12 42.13 -10.60
CA ARG B 695 -6.99 41.53 -9.27
C ARG B 695 -6.51 40.07 -9.31
N GLY B 696 -7.03 39.30 -10.27
CA GLY B 696 -6.63 37.89 -10.44
C GLY B 696 -5.17 37.75 -10.78
N ILE B 697 -4.68 38.62 -11.67
CA ILE B 697 -3.27 38.67 -12.04
C ILE B 697 -2.39 38.99 -10.82
N ALA B 698 -2.84 39.94 -10.00
CA ALA B 698 -2.13 40.32 -8.79
C ALA B 698 -1.99 39.14 -7.83
N GLY B 699 -3.08 38.39 -7.67
CA GLY B 699 -3.08 37.20 -6.83
C GLY B 699 -2.11 36.14 -7.33
N LYS B 700 -2.09 35.96 -8.65
CA LYS B 700 -1.19 34.99 -9.30
C LYS B 700 0.27 35.34 -9.05
N LEU B 701 0.62 36.61 -9.20
CA LEU B 701 1.99 37.07 -8.97
C LEU B 701 2.40 36.94 -7.51
N VAL B 702 1.52 37.31 -6.59
CA VAL B 702 1.77 37.10 -5.15
C VAL B 702 2.04 35.63 -4.83
N SER B 703 1.21 34.75 -5.40
CA SER B 703 1.38 33.30 -5.26
C SER B 703 2.77 32.82 -5.67
N SER B 704 3.28 33.36 -6.78
CA SER B 704 4.63 33.04 -7.25
C SER B 704 5.68 33.44 -6.21
N VAL B 705 5.48 34.62 -5.61
CA VAL B 705 6.41 35.14 -4.61
C VAL B 705 6.38 34.27 -3.34
N THR B 706 5.18 34.01 -2.84
CA THR B 706 5.01 33.22 -1.62
C THR B 706 5.45 31.76 -1.80
N ASP B 707 5.21 31.20 -2.99
CA ASP B 707 5.74 29.89 -3.36
C ASP B 707 7.24 29.86 -3.17
N ALA B 708 7.91 30.89 -3.68
CA ALA B 708 9.37 31.00 -3.63
C ALA B 708 9.87 31.24 -2.20
N ILE B 709 9.07 31.94 -1.41
CA ILE B 709 9.39 32.18 -0.01
C ILE B 709 9.33 30.88 0.81
N TYR B 710 8.27 30.09 0.60
CA TYR B 710 8.15 28.80 1.28
C TYR B 710 9.24 27.82 0.86
N GLU B 711 9.66 27.90 -0.41
CA GLU B 711 10.81 27.14 -0.90
C GLU B 711 12.10 27.51 -0.15
N ARG B 712 12.29 28.82 0.08
CA ARG B 712 13.45 29.31 0.84
C ARG B 712 13.44 28.85 2.29
N MET B 713 12.25 28.68 2.86
CA MET B 713 12.08 28.23 4.24
C MET B 713 12.49 26.77 4.41
N SER B 714 12.34 25.99 3.35
CA SER B 714 12.86 24.63 3.33
C SER B 714 14.38 24.65 3.24
N ASP B 715 14.90 25.58 2.44
CA ASP B 715 16.35 25.77 2.30
C ASP B 715 17.02 26.06 3.65
N VAL B 716 16.39 26.91 4.45
CA VAL B 716 16.87 27.24 5.80
C VAL B 716 17.07 26.00 6.64
N LEU B 717 16.05 25.14 6.67
CA LEU B 717 16.06 23.92 7.47
C LEU B 717 17.16 22.95 7.03
N LYS B 718 17.39 22.87 5.72
CA LYS B 718 18.41 22.01 5.14
C LYS B 718 19.82 22.50 5.47
N ALA B 719 19.93 23.80 5.75
CA ALA B 719 21.20 24.40 6.16
C ALA B 719 21.44 24.27 7.67
N ARG B 720 20.37 24.41 8.46
CA ARG B 720 20.47 24.29 9.92
C ARG B 720 20.46 22.84 10.39
N ALA B 721 20.00 21.92 9.55
CA ALA B 721 20.10 20.49 9.84
C ALA B 721 21.55 20.05 9.63
N LYS B 722 22.10 20.43 8.48
CA LYS B 722 23.51 20.18 8.15
C LYS B 722 24.46 20.85 9.15
N ASP B 723 24.14 22.08 9.54
CA ASP B 723 24.98 22.88 10.42
C ASP B 723 24.12 23.68 11.39
N PRO B 724 23.90 23.14 12.62
CA PRO B 724 23.04 23.81 13.60
C PRO B 724 23.53 25.21 14.01
N ASN B 725 24.78 25.51 13.67
CA ASN B 725 25.40 26.80 13.99
C ASN B 725 25.35 27.83 12.86
N ILE B 726 24.63 27.50 11.79
CA ILE B 726 24.54 28.38 10.61
C ILE B 726 23.90 29.72 10.96
N SER B 727 24.22 30.74 10.17
CA SER B 727 23.80 32.11 10.44
C SER B 727 22.28 32.26 10.61
N ALA B 728 21.58 32.15 9.49
CA ALA B 728 20.24 32.75 9.30
C ALA B 728 20.28 33.51 7.97
N ALA B 729 20.94 34.67 7.98
CA ALA B 729 21.20 35.41 6.76
C ALA B 729 21.89 34.48 5.78
N MET B 730 22.84 33.70 6.29
CA MET B 730 23.50 32.69 5.49
C MET B 730 22.63 31.44 5.31
N ALA B 731 21.77 31.15 6.29
CA ALA B 731 20.86 30.00 6.20
C ALA B 731 19.77 30.20 5.14
N MET B 732 19.25 31.42 5.04
CA MET B 732 18.16 31.75 4.12
C MET B 732 18.67 32.28 2.78
N PHE B 733 19.80 32.98 2.81
CA PHE B 733 20.37 33.60 1.61
C PHE B 733 21.78 33.10 1.31
N GLY B 734 22.05 31.86 1.69
CA GLY B 734 23.22 31.13 1.18
C GLY B 734 23.05 30.97 -0.31
N LYS B 735 21.82 30.62 -0.72
CA LYS B 735 21.35 30.84 -2.10
C LYS B 735 22.40 31.47 -2.99
N GLN B 736 22.52 32.80 -2.88
CA GLN B 736 23.66 33.51 -3.42
C GLN B 736 23.88 34.84 -2.70
N ALA B 737 25.12 35.03 -2.24
CA ALA B 737 25.58 36.30 -1.68
C ALA B 737 27.11 36.35 -1.71
N ALA B 738 27.68 37.24 -0.90
CA ALA B 738 29.12 37.25 -0.66
C ALA B 738 29.35 37.00 0.83
N SER B 739 28.45 36.22 1.43
CA SER B 739 28.51 35.88 2.85
C SER B 739 28.21 37.05 3.79
N GLU B 740 28.47 36.81 5.07
CA GLU B 740 27.69 37.41 6.18
C GLU B 740 27.17 38.81 5.93
N ALA B 741 28.10 39.78 5.88
CA ALA B 741 27.74 41.19 5.70
C ALA B 741 26.69 41.38 4.60
N HIS B 742 26.92 40.73 3.46
CA HIS B 742 26.00 40.81 2.32
C HIS B 742 24.69 40.04 2.56
N ALA B 743 24.81 38.88 3.19
CA ALA B 743 23.65 38.04 3.49
C ALA B 743 22.73 38.68 4.53
N GLU B 744 23.32 39.28 5.57
CA GLU B 744 22.56 39.92 6.65
C GLU B 744 21.70 41.06 6.13
N GLU B 745 22.20 41.72 5.08
CA GLU B 745 21.54 42.87 4.48
C GLU B 745 20.50 42.47 3.42
N LEU B 746 20.64 41.27 2.86
CA LEU B 746 19.60 40.65 2.05
C LEU B 746 18.43 40.24 2.93
N LEU B 747 18.74 39.65 4.09
CA LEU B 747 17.74 39.29 5.09
C LEU B 747 17.04 40.52 5.66
N ALA B 748 17.81 41.59 5.91
CA ALA B 748 17.25 42.85 6.40
C ALA B 748 16.23 43.41 5.41
N ARG B 749 16.58 43.39 4.13
CA ARG B 749 15.68 43.74 3.03
C ARG B 749 14.40 42.93 3.10
N PHE B 750 14.55 41.61 3.19
CA PHE B 750 13.40 40.71 3.27
C PHE B 750 12.46 41.06 4.41
N LEU B 751 13.02 41.25 5.61
CA LEU B 751 12.23 41.55 6.80
C LEU B 751 11.56 42.92 6.70
N LYS B 752 12.30 43.89 6.15
CA LYS B 752 11.79 45.26 5.97
C LYS B 752 10.72 45.31 4.88
N ASP B 753 10.98 44.64 3.74
CA ASP B 753 10.01 44.51 2.65
C ASP B 753 8.68 43.93 3.13
N MET B 754 8.75 42.80 3.85
CA MET B 754 7.56 42.14 4.36
C MET B 754 6.78 43.02 5.33
N GLU B 755 7.48 43.71 6.23
CA GLU B 755 6.87 44.66 7.15
C GLU B 755 6.14 45.78 6.39
N THR B 756 6.85 46.40 5.47
CA THR B 756 6.36 47.53 4.68
C THR B 756 5.10 47.17 3.89
N LEU B 757 5.14 46.03 3.21
CA LEU B 757 4.07 45.60 2.32
C LEU B 757 2.85 45.00 3.03
N THR B 758 3.02 44.58 4.29
CA THR B 758 1.90 44.02 5.04
C THR B 758 1.26 45.04 5.99
N SER B 759 2.02 46.05 6.40
CA SER B 759 1.48 47.04 7.35
C SER B 759 0.77 48.20 6.64
N THR B 760 1.03 48.36 5.34
CA THR B 760 0.55 49.51 4.57
C THR B 760 0.09 49.05 3.17
N VAL B 761 -1.06 49.55 2.73
CA VAL B 761 -1.59 49.26 1.39
C VAL B 761 -1.96 50.52 0.60
N PRO B 762 -1.78 50.49 -0.73
CA PRO B 762 -2.33 51.58 -1.53
C PRO B 762 -3.82 51.44 -1.74
N VAL B 763 -4.54 52.55 -1.58
CA VAL B 763 -5.92 52.64 -2.02
C VAL B 763 -6.02 53.77 -3.04
N LYS B 764 -7.03 53.69 -3.89
CA LYS B 764 -7.26 54.73 -4.88
C LYS B 764 -8.40 55.62 -4.41
N ARG B 765 -8.09 56.89 -4.19
CA ARG B 765 -9.10 57.88 -3.79
C ARG B 765 -9.11 59.05 -4.77
N LYS B 766 -10.14 59.06 -5.64
CA LYS B 766 -10.33 60.08 -6.68
C LYS B 766 -9.24 60.00 -7.77
N GLY B 767 -8.98 58.79 -8.25
CA GLY B 767 -7.98 58.56 -9.30
C GLY B 767 -6.53 58.74 -8.85
N VAL B 768 -6.34 58.98 -7.55
CA VAL B 768 -5.03 59.21 -6.96
C VAL B 768 -4.71 58.12 -5.93
N LEU B 769 -3.47 57.65 -5.92
CA LEU B 769 -3.05 56.62 -4.97
C LEU B 769 -2.67 57.20 -3.60
N GLU B 770 -3.14 56.54 -2.55
CA GLU B 770 -2.87 56.93 -1.15
C GLU B 770 -2.53 55.72 -0.31
N LEU B 771 -1.75 55.92 0.75
CA LEU B 771 -1.37 54.82 1.63
C LEU B 771 -2.20 54.78 2.90
N GLN B 772 -2.51 53.56 3.35
CA GLN B 772 -3.42 53.33 4.45
C GLN B 772 -2.91 52.15 5.28
N SER B 773 -2.94 52.28 6.61
CA SER B 773 -2.53 51.20 7.50
C SER B 773 -3.50 50.02 7.37
N THR B 774 -2.99 48.82 7.58
CA THR B 774 -3.80 47.60 7.50
C THR B 774 -4.20 47.14 8.91
N GLY B 775 -3.32 47.42 9.87
CA GLY B 775 -3.49 46.98 11.24
C GLY B 775 -3.01 45.56 11.46
N THR B 776 -2.21 45.05 10.52
CA THR B 776 -1.80 43.64 10.55
C THR B 776 -0.45 43.34 9.87
N GLY B 777 0.55 44.19 10.14
CA GLY B 777 1.91 44.00 9.62
C GLY B 777 2.58 42.71 10.09
N ALA B 778 3.76 42.42 9.53
CA ALA B 778 4.49 41.18 9.86
C ALA B 778 5.01 41.16 11.30
N LYS B 779 4.71 40.08 12.02
CA LYS B 779 5.12 39.92 13.43
C LYS B 779 6.64 39.76 13.63
N GLY B 780 7.04 39.12 14.73
CA GLY B 780 8.45 38.87 15.04
C GLY B 780 8.84 37.42 14.93
N LYS B 781 10.15 37.14 15.09
CA LYS B 781 10.78 35.83 14.85
C LYS B 781 10.34 35.16 13.53
N ILE B 782 11.04 34.09 13.16
CA ILE B 782 10.63 33.25 12.03
C ILE B 782 10.91 31.77 12.34
N ASN B 783 9.86 30.97 12.29
CA ASN B 783 9.97 29.51 12.33
C ASN B 783 9.79 28.97 10.91
N PRO B 784 10.90 28.67 10.21
CA PRO B 784 10.85 28.30 8.78
C PRO B 784 10.02 27.05 8.47
N LYS B 785 9.80 26.19 9.48
CA LYS B 785 9.02 24.97 9.32
C LYS B 785 7.52 25.24 9.19
N THR B 786 7.02 26.20 9.96
CA THR B 786 5.59 26.50 9.98
C THR B 786 5.28 27.84 9.32
N TYR B 787 6.32 28.59 8.96
CA TYR B 787 6.16 29.93 8.39
C TYR B 787 5.12 29.95 7.28
N THR B 788 4.08 30.76 7.49
CA THR B 788 2.99 30.92 6.54
C THR B 788 2.62 32.39 6.45
N ILE B 789 2.49 32.91 5.23
CA ILE B 789 1.97 34.26 5.03
C ILE B 789 0.43 34.19 5.07
N LYS B 790 -0.15 34.68 6.17
CA LYS B 790 -1.60 34.57 6.42
C LYS B 790 -2.46 35.49 5.57
N GLY B 791 -3.73 35.13 5.43
CA GLY B 791 -4.69 35.79 4.53
C GLY B 791 -4.73 37.31 4.53
N GLU B 792 -4.70 37.92 5.71
CA GLU B 792 -4.72 39.38 5.85
C GLU B 792 -3.44 40.01 5.34
N GLN B 793 -2.32 39.32 5.59
CA GLN B 793 -1.04 39.70 5.02
C GLN B 793 -1.01 39.45 3.51
N LEU B 794 -1.59 38.32 3.09
CA LEU B 794 -1.71 37.99 1.67
C LEU B 794 -2.51 39.05 0.92
N LYS B 795 -3.57 39.52 1.55
CA LYS B 795 -4.46 40.53 0.98
C LYS B 795 -3.68 41.83 0.76
N ALA B 796 -2.87 42.20 1.75
CA ALA B 796 -2.04 43.40 1.70
C ALA B 796 -0.97 43.30 0.61
N LEU B 797 -0.33 42.14 0.50
CA LEU B 797 0.61 41.88 -0.59
C LEU B 797 -0.08 42.10 -1.94
N GLN B 798 -1.30 41.56 -2.08
CA GLN B 798 -2.04 41.66 -3.34
C GLN B 798 -2.38 43.10 -3.69
N GLU B 799 -2.74 43.89 -2.70
CA GLU B 799 -3.12 45.30 -2.92
C GLU B 799 -1.93 46.12 -3.42
N ASN B 800 -0.75 45.88 -2.83
CA ASN B 800 0.47 46.52 -3.29
C ASN B 800 0.84 46.08 -4.70
N MET B 801 0.75 44.77 -4.94
CA MET B 801 1.03 44.19 -6.25
C MET B 801 0.11 44.79 -7.31
N LEU B 802 -1.17 44.90 -6.97
CA LEU B 802 -2.18 45.41 -7.89
C LEU B 802 -1.87 46.83 -8.38
N HIS B 803 -1.70 47.76 -7.43
CA HIS B 803 -1.61 49.17 -7.78
C HIS B 803 -0.21 49.60 -8.21
N PHE B 804 0.81 48.85 -7.81
CA PHE B 804 2.17 49.26 -8.14
C PHE B 804 2.84 48.43 -9.24
N PHE B 805 2.22 47.33 -9.63
CA PHE B 805 2.84 46.48 -10.64
C PHE B 805 1.88 46.05 -11.73
N VAL B 806 0.73 45.52 -11.34
CA VAL B 806 -0.25 45.02 -12.30
C VAL B 806 -0.91 46.12 -13.13
N GLU B 807 -1.33 47.21 -12.49
CA GLU B 807 -1.92 48.35 -13.20
C GLU B 807 -1.01 48.90 -14.32
N PRO B 808 0.28 49.18 -14.02
CA PRO B 808 1.27 49.45 -15.07
C PRO B 808 1.36 48.36 -16.16
N LEU B 809 1.33 47.09 -15.75
CA LEU B 809 1.41 45.97 -16.71
C LEU B 809 0.21 45.97 -17.68
N ARG B 810 -0.98 46.23 -17.13
CA ARG B 810 -2.22 46.28 -17.91
C ARG B 810 -2.21 47.42 -18.93
N ASN B 811 -1.69 48.57 -18.52
CA ASN B 811 -1.48 49.69 -19.44
C ASN B 811 -0.54 49.32 -20.59
N GLY B 812 0.56 48.64 -20.25
CA GLY B 812 1.53 48.17 -21.23
C GLY B 812 0.97 47.16 -22.21
N ILE B 813 0.14 46.24 -21.71
CA ILE B 813 -0.55 45.25 -22.57
C ILE B 813 -1.47 45.93 -23.59
N THR B 814 -2.29 46.88 -23.12
CA THR B 814 -3.20 47.63 -23.97
C THR B 814 -2.43 48.38 -25.08
N GLN B 815 -1.33 49.02 -24.71
CA GLN B 815 -0.47 49.71 -25.68
C GLN B 815 0.09 48.74 -26.74
N THR B 816 0.36 47.51 -26.31
CA THR B 816 0.96 46.49 -27.17
C THR B 816 -0.05 45.84 -28.14
N VAL B 817 -1.20 45.41 -27.61
CA VAL B 817 -2.21 44.73 -28.43
C VAL B 817 -3.12 45.71 -29.15
N GLY B 818 -3.21 46.93 -28.64
CA GLY B 818 -3.97 48.00 -29.28
C GLY B 818 -5.31 48.32 -28.64
N GLU B 819 -5.59 49.62 -28.49
CA GLU B 819 -6.87 50.11 -27.97
C GLU B 819 -8.07 49.65 -28.80
N SER B 820 -7.89 49.52 -30.12
CA SER B 820 -8.94 49.06 -31.02
C SER B 820 -9.42 47.65 -30.65
N LEU B 821 -8.47 46.73 -30.43
CA LEU B 821 -8.81 45.38 -29.99
C LEU B 821 -9.56 45.40 -28.66
N VAL B 822 -9.07 46.20 -27.71
CA VAL B 822 -9.70 46.31 -26.39
C VAL B 822 -11.16 46.75 -26.53
N TYR B 823 -11.39 47.76 -27.38
CA TYR B 823 -12.74 48.23 -27.68
C TYR B 823 -13.64 47.12 -28.21
N SER B 824 -13.13 46.35 -29.18
CA SER B 824 -13.87 45.20 -29.73
C SER B 824 -14.29 44.20 -28.66
N THR B 825 -13.33 43.80 -27.82
CA THR B 825 -13.59 42.81 -26.77
C THR B 825 -14.59 43.32 -25.74
N GLU B 826 -14.53 44.62 -25.46
CA GLU B 826 -15.50 45.28 -24.57
C GLU B 826 -16.92 45.21 -25.15
N GLN B 827 -17.06 45.53 -26.43
CA GLN B 827 -18.34 45.44 -27.11
C GLN B 827 -18.83 43.99 -27.19
N LEU B 828 -17.92 43.08 -27.50
CA LEU B 828 -18.21 41.64 -27.52
C LEU B 828 -18.75 41.14 -26.18
N GLN B 829 -18.08 41.54 -25.09
CA GLN B 829 -18.48 41.17 -23.74
C GLN B 829 -19.87 41.71 -23.40
N LYS B 830 -20.08 43.01 -23.61
CA LYS B 830 -21.36 43.66 -23.31
C LYS B 830 -22.52 42.96 -24.02
N ALA B 831 -22.35 42.74 -25.32
CA ALA B 831 -23.41 42.18 -26.15
C ALA B 831 -23.79 40.77 -25.70
N THR B 832 -22.78 39.92 -25.47
CA THR B 832 -23.03 38.53 -25.07
C THR B 832 -23.54 38.42 -23.64
N GLN B 833 -23.06 39.30 -22.77
CA GLN B 833 -23.58 39.41 -21.40
C GLN B 833 -25.06 39.83 -21.43
N ILE B 834 -25.37 40.92 -22.14
CA ILE B 834 -26.77 41.39 -22.26
C ILE B 834 -27.71 40.30 -22.78
N GLN B 835 -27.32 39.64 -23.87
CA GLN B 835 -28.12 38.54 -24.40
C GLN B 835 -28.33 37.42 -23.37
N SER B 836 -27.26 37.06 -22.64
CA SER B 836 -27.33 35.97 -21.67
C SER B 836 -28.25 36.29 -20.48
N VAL B 837 -28.26 37.54 -20.04
CA VAL B 837 -29.16 38.01 -18.99
C VAL B 837 -30.62 37.75 -19.39
N VAL B 838 -30.97 38.10 -20.63
CA VAL B 838 -32.33 37.88 -21.16
C VAL B 838 -32.67 36.40 -21.29
N LEU B 839 -31.76 35.62 -21.87
CA LEU B 839 -31.92 34.17 -21.99
C LEU B 839 -32.20 33.52 -20.62
N GLU B 840 -31.34 33.83 -19.65
CA GLU B 840 -31.48 33.33 -18.28
C GLU B 840 -32.84 33.69 -17.68
N ASP B 841 -33.22 34.96 -17.80
CA ASP B 841 -34.46 35.47 -17.20
C ASP B 841 -35.71 34.90 -17.87
N MET B 842 -35.68 34.75 -19.19
CA MET B 842 -36.80 34.19 -19.93
C MET B 842 -36.99 32.70 -19.61
N PHE B 843 -35.88 31.96 -19.55
CA PHE B 843 -35.91 30.55 -19.15
C PHE B 843 -36.51 30.42 -17.75
N LYS B 844 -36.01 31.23 -16.81
CA LYS B 844 -36.46 31.23 -15.41
C LYS B 844 -37.96 31.50 -15.31
N GLN B 845 -38.42 32.53 -16.01
CA GLN B 845 -39.83 32.90 -15.99
C GLN B 845 -40.72 31.81 -16.57
N ARG B 846 -40.29 31.19 -17.66
CA ARG B 846 -41.06 30.13 -18.28
C ARG B 846 -41.11 28.87 -17.42
N VAL B 847 -40.02 28.60 -16.69
CA VAL B 847 -40.03 27.49 -15.74
C VAL B 847 -41.03 27.75 -14.62
N GLN B 848 -40.99 28.95 -14.04
CA GLN B 848 -41.90 29.30 -12.96
C GLN B 848 -43.36 29.28 -13.39
N GLU B 849 -43.63 29.78 -14.60
CA GLU B 849 -44.97 29.73 -15.19
C GLU B 849 -45.48 28.29 -15.34
N LYS B 850 -44.62 27.41 -15.83
CA LYS B 850 -44.97 26.00 -15.98
C LYS B 850 -45.17 25.30 -14.63
N LEU B 851 -44.30 25.61 -13.65
CA LEU B 851 -44.44 25.08 -12.29
C LEU B 851 -45.75 25.52 -11.63
N ALA B 852 -46.16 26.75 -11.93
CA ALA B 852 -47.44 27.28 -11.44
C ALA B 852 -48.63 26.50 -12.03
N GLU B 853 -48.55 26.13 -13.31
CA GLU B 853 -49.52 25.23 -13.93
C GLU B 853 -49.54 23.87 -13.24
N LYS B 854 -48.37 23.27 -13.06
CA LYS B 854 -48.26 21.94 -12.46
C LYS B 854 -48.81 21.89 -11.03
N ALA B 855 -48.72 23.02 -10.33
CA ALA B 855 -49.27 23.15 -8.97
C ALA B 855 -50.76 22.78 -8.92
N LYS B 856 -51.44 22.95 -10.07
CA LYS B 856 -52.87 22.66 -10.19
C LYS B 856 -53.16 21.24 -10.63
N ASP B 857 -52.13 20.55 -11.13
CA ASP B 857 -52.24 19.17 -11.60
C ASP B 857 -52.21 18.23 -10.40
N PRO B 858 -53.31 17.49 -10.15
CA PRO B 858 -53.36 16.68 -8.92
C PRO B 858 -52.39 15.49 -8.89
N THR B 859 -51.87 15.09 -10.05
CA THR B 859 -50.89 14.00 -10.13
C THR B 859 -49.47 14.43 -9.74
N TRP B 860 -49.24 15.74 -9.73
CA TRP B 860 -47.92 16.34 -9.54
C TRP B 860 -47.67 16.76 -8.10
N LYS B 861 -46.42 16.61 -7.67
CA LYS B 861 -45.96 16.95 -6.34
C LYS B 861 -44.71 17.83 -6.48
N LYS B 862 -44.61 18.88 -5.68
CA LYS B 862 -43.60 19.96 -5.85
C LYS B 862 -42.16 19.58 -6.30
N GLY B 863 -41.52 18.65 -5.60
CA GLY B 863 -40.17 18.18 -5.96
C GLY B 863 -40.05 17.29 -7.20
N ASP B 864 -41.16 17.08 -7.91
CA ASP B 864 -41.16 16.30 -9.15
C ASP B 864 -40.47 17.08 -10.27
N PHE B 865 -40.61 18.41 -10.23
CA PHE B 865 -40.09 19.32 -11.24
C PHE B 865 -40.73 19.05 -12.62
N LEU B 866 -40.03 19.41 -13.69
CA LEU B 866 -40.57 19.34 -15.05
C LEU B 866 -40.15 18.06 -15.78
N THR B 867 -40.87 17.72 -16.84
CA THR B 867 -40.49 16.61 -17.72
C THR B 867 -39.44 17.11 -18.72
N GLN B 868 -38.76 16.17 -19.40
CA GLN B 868 -37.78 16.53 -20.41
C GLN B 868 -38.46 17.25 -21.59
N LYS B 869 -39.65 16.78 -21.98
CA LYS B 869 -40.45 17.45 -23.02
C LYS B 869 -40.74 18.93 -22.66
N GLU B 870 -41.17 19.15 -21.43
CA GLU B 870 -41.43 20.51 -20.93
C GLU B 870 -40.17 21.37 -20.96
N LEU B 871 -39.04 20.78 -20.56
CA LEU B 871 -37.77 21.50 -20.54
C LEU B 871 -37.29 21.81 -21.95
N ASN B 872 -37.42 20.83 -22.86
CA ASN B 872 -37.12 21.00 -24.29
C ASN B 872 -37.94 22.12 -24.93
N ASP B 873 -39.23 22.16 -24.60
CA ASP B 873 -40.12 23.22 -25.10
C ASP B 873 -39.68 24.60 -24.64
N ILE B 874 -39.30 24.72 -23.38
CA ILE B 874 -38.82 26.00 -22.84
C ILE B 874 -37.51 26.43 -23.50
N GLN B 875 -36.56 25.50 -23.66
CA GLN B 875 -35.33 25.79 -24.41
C GLN B 875 -35.64 26.28 -25.84
N ALA B 876 -36.57 25.61 -26.52
CA ALA B 876 -36.93 25.96 -27.90
C ALA B 876 -37.58 27.35 -28.00
N SER B 877 -38.28 27.74 -26.94
CA SER B 877 -38.92 29.06 -26.86
C SER B 877 -37.92 30.22 -26.90
N LEU B 878 -36.64 29.91 -26.65
CA LEU B 878 -35.56 30.90 -26.67
C LEU B 878 -34.94 31.06 -28.05
N ASN B 879 -35.26 30.15 -28.96
CA ASN B 879 -34.59 30.15 -30.27
C ASN B 879 -34.75 31.46 -31.05
N ASN B 880 -35.86 32.15 -30.83
CA ASN B 880 -36.08 33.46 -31.48
C ASN B 880 -35.14 34.57 -30.96
N LEU B 881 -34.44 34.31 -29.86
CA LEU B 881 -33.46 35.22 -29.29
C LEU B 881 -32.02 34.97 -29.77
N ALA B 882 -31.86 34.01 -30.69
CA ALA B 882 -30.56 33.63 -31.26
C ALA B 882 -29.48 33.25 -30.22
N PRO B 883 -29.76 32.27 -29.35
CA PRO B 883 -28.81 31.91 -28.28
C PRO B 883 -27.46 31.40 -28.81
N MET B 884 -27.47 30.89 -30.05
CA MET B 884 -26.28 30.31 -30.66
C MET B 884 -25.58 31.30 -31.58
N ILE B 885 -24.26 31.33 -31.48
CA ILE B 885 -23.43 32.06 -32.43
C ILE B 885 -22.93 31.06 -33.48
N GLU B 886 -23.20 31.38 -34.75
CA GLU B 886 -22.84 30.52 -35.88
C GLU B 886 -21.80 31.18 -36.75
N THR B 887 -20.77 30.42 -37.14
CA THR B 887 -19.71 30.96 -37.99
C THR B 887 -19.80 30.41 -39.41
N GLY B 888 -20.64 29.40 -39.60
CA GLY B 888 -20.68 28.63 -40.84
C GLY B 888 -19.98 27.28 -40.70
N SER B 889 -19.10 27.15 -39.71
CA SER B 889 -18.37 25.90 -39.51
C SER B 889 -18.25 25.50 -38.04
N GLN B 890 -18.62 26.41 -37.14
CA GLN B 890 -18.61 26.16 -35.70
C GLN B 890 -19.85 26.80 -35.09
N THR B 891 -20.26 26.28 -33.94
CA THR B 891 -21.38 26.85 -33.19
C THR B 891 -20.96 27.08 -31.74
N PHE B 892 -21.28 28.27 -31.23
CA PHE B 892 -20.97 28.61 -29.83
C PHE B 892 -22.23 28.99 -29.07
N TYR B 893 -22.34 28.49 -27.84
CA TYR B 893 -23.48 28.77 -26.97
C TYR B 893 -22.91 29.34 -25.68
N ILE B 894 -22.65 30.65 -25.69
CA ILE B 894 -21.96 31.31 -24.58
C ILE B 894 -22.69 31.18 -23.23
N ALA B 895 -24.02 31.32 -23.25
CA ALA B 895 -24.80 31.25 -22.02
C ALA B 895 -25.01 29.85 -21.46
N GLY B 896 -24.72 28.82 -22.25
CA GLY B 896 -24.98 27.43 -21.85
C GLY B 896 -24.32 27.04 -20.54
N SER B 897 -25.14 26.55 -19.60
CA SER B 897 -24.64 26.11 -18.28
C SER B 897 -25.42 24.90 -17.76
N GLU B 898 -24.93 24.30 -16.68
CA GLU B 898 -25.75 23.42 -15.86
C GLU B 898 -25.69 24.00 -14.47
N ASN B 899 -26.85 24.29 -13.87
CA ASN B 899 -26.84 24.95 -12.56
C ASN B 899 -27.96 24.50 -11.65
N ALA B 900 -27.74 24.69 -10.34
CA ALA B 900 -28.70 24.29 -9.32
C ALA B 900 -29.77 25.37 -9.06
N GLU B 901 -29.57 26.55 -9.65
CA GLU B 901 -30.47 27.68 -9.38
C GLU B 901 -31.86 27.56 -10.02
N VAL B 902 -31.95 26.93 -11.17
CA VAL B 902 -33.24 26.79 -11.88
C VAL B 902 -34.28 26.06 -11.04
N ALA B 903 -33.92 24.90 -10.51
CA ALA B 903 -34.84 24.04 -9.77
C ALA B 903 -34.85 24.36 -8.28
N ASN B 904 -33.73 24.86 -7.77
CA ASN B 904 -33.56 25.20 -6.35
C ASN B 904 -34.16 24.16 -5.39
N GLN B 905 -33.75 22.91 -5.57
CA GLN B 905 -34.27 21.80 -4.75
C GLN B 905 -33.26 20.66 -4.71
N VAL B 906 -33.38 19.83 -3.68
CA VAL B 906 -32.63 18.57 -3.60
C VAL B 906 -33.21 17.59 -4.63
N LEU B 907 -32.33 16.88 -5.32
CA LEU B 907 -32.72 15.82 -6.25
C LEU B 907 -32.92 14.51 -5.49
N ALA B 908 -31.95 14.14 -4.66
CA ALA B 908 -32.03 12.93 -3.86
C ALA B 908 -31.02 12.96 -2.72
N THR B 909 -31.28 12.16 -1.68
CA THR B 909 -30.35 11.93 -0.58
C THR B 909 -30.09 10.42 -0.50
N ASN B 910 -29.11 10.02 0.30
CA ASN B 910 -28.99 8.63 0.68
C ASN B 910 -30.00 8.28 1.78
N LEU B 911 -30.06 7.00 2.16
CA LEU B 911 -31.04 6.54 3.13
C LEU B 911 -30.73 6.95 4.58
N ASP B 912 -29.62 7.65 4.77
CA ASP B 912 -29.31 8.25 6.07
C ASP B 912 -29.64 9.74 6.11
N ASP B 913 -30.37 10.22 5.10
CA ASP B 913 -30.71 11.64 5.00
C ASP B 913 -29.44 12.48 4.85
N ARG B 914 -28.39 11.89 4.27
CA ARG B 914 -27.16 12.63 3.96
C ARG B 914 -26.87 12.52 2.45
N MET B 915 -25.71 13.01 2.02
CA MET B 915 -25.35 13.04 0.60
C MET B 915 -26.48 13.66 -0.23
N ARG B 916 -26.85 14.88 0.13
CA ARG B 916 -27.97 15.59 -0.48
C ARG B 916 -27.53 16.29 -1.75
N VAL B 917 -27.86 15.67 -2.87
CA VAL B 917 -27.42 16.11 -4.18
C VAL B 917 -28.43 17.13 -4.73
N PRO B 918 -27.96 18.34 -5.11
CA PRO B 918 -28.90 19.32 -5.68
C PRO B 918 -29.38 18.90 -7.07
N MET B 919 -30.59 19.32 -7.43
CA MET B 919 -31.09 19.11 -8.78
C MET B 919 -30.50 20.17 -9.72
N SER B 920 -29.61 19.73 -10.61
CA SER B 920 -28.97 20.61 -11.59
C SER B 920 -29.60 20.38 -12.95
N ILE B 921 -29.85 21.47 -13.67
CA ILE B 921 -30.45 21.35 -15.00
C ILE B 921 -29.72 22.23 -16.01
N TYR B 922 -29.73 21.77 -17.26
CA TYR B 922 -29.10 22.48 -18.38
C TYR B 922 -29.93 23.72 -18.72
N ALA B 923 -29.31 24.90 -18.61
CA ALA B 923 -30.03 26.17 -18.78
C ALA B 923 -29.09 27.32 -19.10
N PRO B 924 -29.61 28.39 -19.75
CA PRO B 924 -28.76 29.57 -19.91
C PRO B 924 -28.53 30.30 -18.59
N ALA B 925 -27.30 30.75 -18.39
CA ALA B 925 -26.94 31.58 -17.25
C ALA B 925 -26.12 32.74 -17.77
N GLN B 926 -25.90 33.76 -16.95
CA GLN B 926 -25.16 34.94 -17.40
C GLN B 926 -23.74 34.59 -17.87
N ALA B 927 -23.31 35.26 -18.93
CA ALA B 927 -22.01 35.01 -19.55
C ALA B 927 -20.83 35.57 -18.77
N GLY B 928 -21.05 36.70 -18.09
CA GLY B 928 -19.94 37.46 -17.50
C GLY B 928 -19.00 37.89 -18.61
N VAL B 929 -17.73 37.50 -18.50
CA VAL B 929 -16.74 37.84 -19.54
C VAL B 929 -16.51 36.71 -20.55
N ALA B 930 -17.23 35.59 -20.38
CA ALA B 930 -16.93 34.36 -21.14
C ALA B 930 -16.99 34.51 -22.67
N GLY B 931 -17.77 35.46 -23.17
CA GLY B 931 -17.84 35.70 -24.62
C GLY B 931 -16.48 35.94 -25.25
N ILE B 932 -15.61 36.66 -24.54
CA ILE B 932 -14.25 36.94 -25.04
C ILE B 932 -13.41 35.67 -25.30
N PRO B 933 -13.13 34.85 -24.26
CA PRO B 933 -12.40 33.60 -24.52
C PRO B 933 -13.10 32.64 -25.48
N PHE B 934 -14.41 32.50 -25.37
CA PHE B 934 -15.17 31.61 -26.27
C PHE B 934 -14.88 31.94 -27.72
N MET B 935 -15.04 33.22 -28.08
CA MET B 935 -14.87 33.62 -29.49
C MET B 935 -13.40 33.66 -29.93
N THR B 936 -12.50 34.08 -29.05
CA THR B 936 -11.07 34.18 -29.37
C THR B 936 -10.42 32.82 -29.51
N ILE B 937 -10.64 31.94 -28.54
CA ILE B 937 -10.17 30.55 -28.63
C ILE B 937 -10.85 29.84 -29.81
N GLY B 938 -12.18 29.94 -29.85
CA GLY B 938 -13.00 29.26 -30.84
C GLY B 938 -12.64 29.57 -32.28
N THR B 939 -12.68 30.85 -32.65
CA THR B 939 -12.39 31.24 -34.03
C THR B 939 -10.90 31.39 -34.33
N GLY B 940 -10.08 31.36 -33.27
CA GLY B 940 -8.63 31.39 -33.41
C GLY B 940 -8.08 29.98 -33.53
N ASP B 941 -7.49 29.48 -32.44
CA ASP B 941 -6.86 28.17 -32.48
C ASP B 941 -7.84 27.03 -32.77
N GLY B 942 -9.08 27.16 -32.29
CA GLY B 942 -10.10 26.12 -32.52
C GLY B 942 -10.37 25.92 -34.00
N MET B 943 -10.63 27.02 -34.69
CA MET B 943 -10.87 26.99 -36.12
C MET B 943 -9.61 26.58 -36.89
N MET B 944 -8.42 27.02 -36.44
CA MET B 944 -7.15 26.60 -37.06
C MET B 944 -7.03 25.09 -37.09
N MET B 945 -7.21 24.45 -35.94
CA MET B 945 -7.00 23.01 -35.82
C MET B 945 -8.05 22.18 -36.58
N GLN B 946 -9.30 22.61 -36.48
CA GLN B 946 -10.39 22.02 -37.25
C GLN B 946 -10.12 22.07 -38.76
N THR B 947 -9.65 23.22 -39.23
CA THR B 947 -9.28 23.39 -40.64
C THR B 947 -8.11 22.49 -41.01
N LEU B 948 -7.09 22.49 -40.15
CA LEU B 948 -5.91 21.62 -40.34
C LEU B 948 -6.27 20.14 -40.48
N SER B 949 -7.28 19.69 -39.71
CA SER B 949 -7.74 18.30 -39.77
C SER B 949 -8.49 17.93 -41.06
N THR B 950 -9.12 18.91 -41.69
CA THR B 950 -10.12 18.64 -42.73
C THR B 950 -9.77 19.23 -44.09
N MET B 951 -8.79 20.12 -44.13
CA MET B 951 -8.42 20.82 -45.37
C MET B 951 -7.86 19.88 -46.44
N LYS B 952 -7.89 20.34 -47.68
CA LYS B 952 -7.21 19.65 -48.78
C LYS B 952 -5.74 19.45 -48.42
N GLY B 953 -5.28 18.20 -48.50
CA GLY B 953 -3.91 17.86 -48.14
C GLY B 953 -3.63 17.94 -46.64
N ALA B 954 -4.67 17.77 -45.83
CA ALA B 954 -4.53 17.73 -44.36
C ALA B 954 -3.43 16.76 -43.92
N PRO B 955 -2.48 17.25 -43.10
CA PRO B 955 -1.35 16.42 -42.68
C PRO B 955 -1.83 15.25 -41.83
N LYS B 956 -1.34 14.05 -42.12
CA LYS B 956 -1.71 12.88 -41.33
C LYS B 956 -0.63 12.58 -40.29
N ASN B 957 -0.97 11.68 -39.36
CA ASN B 957 -0.03 11.17 -38.38
C ASN B 957 0.59 12.26 -37.51
N THR B 958 -0.26 13.20 -37.09
CA THR B 958 0.15 14.30 -36.22
C THR B 958 -0.51 14.16 -34.85
N LEU B 959 0.00 14.90 -33.87
CA LEU B 959 -0.72 15.16 -32.62
C LEU B 959 -0.95 16.67 -32.48
N LYS B 960 -2.22 17.05 -32.39
CA LYS B 960 -2.58 18.46 -32.24
C LYS B 960 -2.81 18.79 -30.76
N ILE B 961 -2.15 19.84 -30.28
CA ILE B 961 -2.26 20.25 -28.87
C ILE B 961 -2.66 21.72 -28.81
N PHE B 962 -3.76 22.04 -29.50
CA PHE B 962 -4.45 23.33 -29.42
C PHE B 962 -3.78 24.46 -30.21
N ASP B 963 -2.59 24.87 -29.81
CA ASP B 963 -1.86 25.91 -30.54
C ASP B 963 -0.48 25.44 -30.98
N GLY B 964 -0.30 24.13 -31.02
CA GLY B 964 0.90 23.49 -31.55
C GLY B 964 0.56 22.12 -32.09
N MET B 965 1.30 21.68 -33.10
CA MET B 965 1.08 20.35 -33.67
C MET B 965 2.41 19.62 -33.88
N ASN B 966 2.51 18.41 -33.34
CA ASN B 966 3.71 17.58 -33.47
C ASN B 966 3.67 16.86 -34.83
N ILE B 967 4.77 16.98 -35.58
CA ILE B 967 4.88 16.46 -36.94
C ILE B 967 6.08 15.50 -37.05
N GLY B 968 5.89 14.38 -37.74
CA GLY B 968 6.97 13.44 -38.05
C GLY B 968 8.01 14.04 -38.99
N LEU B 969 9.24 13.53 -38.91
CA LEU B 969 10.38 14.23 -39.51
C LEU B 969 10.43 14.25 -41.04
N ASN B 970 9.74 13.32 -41.70
CA ASN B 970 9.61 13.37 -43.16
C ASN B 970 8.58 14.40 -43.65
N ASP B 971 7.80 14.96 -42.74
CA ASP B 971 6.65 15.77 -43.14
C ASP B 971 6.70 17.22 -42.64
N ILE B 972 7.82 17.60 -42.03
CA ILE B 972 7.93 18.88 -41.33
C ILE B 972 7.70 20.13 -42.20
N THR B 973 8.14 20.10 -43.45
CA THR B 973 7.94 21.23 -44.35
C THR B 973 6.48 21.37 -44.80
N ASP B 974 5.93 20.30 -45.39
CA ASP B 974 4.57 20.33 -45.91
C ASP B 974 3.52 20.52 -44.81
N ALA B 975 3.69 19.84 -43.68
CA ALA B 975 2.73 19.95 -42.58
C ALA B 975 2.75 21.34 -41.93
N SER B 976 3.93 21.95 -41.85
CA SER B 976 4.06 23.31 -41.31
C SER B 976 3.43 24.33 -42.24
N ARG B 977 3.62 24.16 -43.54
CA ARG B 977 3.00 25.07 -44.50
C ARG B 977 1.47 24.98 -44.44
N LYS B 978 0.96 23.76 -44.34
CA LYS B 978 -0.47 23.54 -44.17
C LYS B 978 -0.99 24.18 -42.89
N ALA B 979 -0.23 24.04 -41.80
CA ALA B 979 -0.59 24.66 -40.53
C ALA B 979 -0.70 26.18 -40.68
N ASN B 980 0.26 26.78 -41.38
CA ASN B 980 0.25 28.21 -41.65
C ASN B 980 -0.88 28.61 -42.59
N GLU B 981 -1.19 27.74 -43.55
CA GLU B 981 -2.36 27.91 -44.40
C GLU B 981 -3.66 27.92 -43.56
N ALA B 982 -3.72 27.04 -42.57
CA ALA B 982 -4.91 26.93 -41.71
C ALA B 982 -5.06 28.18 -40.83
N VAL B 983 -3.93 28.69 -40.37
CA VAL B 983 -3.89 29.98 -39.68
C VAL B 983 -4.52 31.06 -40.56
N TYR B 984 -4.04 31.15 -41.80
CA TYR B 984 -4.53 32.16 -42.71
C TYR B 984 -6.05 32.03 -42.92
N THR B 985 -6.52 30.80 -43.05
CA THR B 985 -7.95 30.51 -43.19
C THR B 985 -8.75 31.04 -41.98
N SER B 986 -8.26 30.72 -40.79
CA SER B 986 -8.91 31.18 -39.56
C SER B 986 -8.91 32.71 -39.45
N TRP B 987 -7.84 33.35 -39.93
CA TRP B 987 -7.74 34.82 -39.93
C TRP B 987 -8.69 35.52 -40.92
N GLN B 988 -9.39 34.74 -41.74
CA GLN B 988 -10.45 35.24 -42.61
C GLN B 988 -11.79 35.25 -41.89
N GLY B 989 -11.79 34.77 -40.65
CA GLY B 989 -12.98 34.76 -39.81
C GLY B 989 -13.33 36.17 -39.34
N ASN B 990 -14.46 36.28 -38.66
CA ASN B 990 -14.95 37.56 -38.17
C ASN B 990 -15.90 37.28 -37.00
N PRO B 991 -15.35 36.95 -35.82
CA PRO B 991 -16.18 36.63 -34.66
C PRO B 991 -17.19 37.72 -34.30
N ILE B 992 -16.78 38.99 -34.38
CA ILE B 992 -17.68 40.12 -34.08
C ILE B 992 -18.89 40.15 -35.03
N LYS B 993 -18.66 39.88 -36.32
CA LYS B 993 -19.78 39.73 -37.26
C LYS B 993 -20.73 38.61 -36.85
N ASN B 994 -20.18 37.47 -36.42
CA ASN B 994 -21.01 36.34 -35.97
C ASN B 994 -21.85 36.72 -34.75
N VAL B 995 -21.21 37.39 -33.80
CA VAL B 995 -21.89 37.89 -32.60
C VAL B 995 -22.94 38.92 -33.02
N TYR B 996 -22.55 39.83 -33.91
CA TYR B 996 -23.48 40.85 -34.43
C TYR B 996 -24.76 40.24 -34.99
N GLU B 997 -24.63 39.21 -35.84
CA GLU B 997 -25.79 38.57 -36.46
C GLU B 997 -26.74 37.96 -35.44
N SER B 998 -26.17 37.34 -34.40
CA SER B 998 -26.96 36.83 -33.29
C SER B 998 -27.63 37.98 -32.52
N TYR B 999 -26.83 38.99 -32.16
CA TYR B 999 -27.33 40.13 -31.37
C TYR B 999 -28.43 40.90 -32.12
N ALA B 1000 -28.29 41.04 -33.43
CA ALA B 1000 -29.28 41.70 -34.29
C ALA B 1000 -30.65 41.01 -34.24
N LYS B 1001 -30.65 39.69 -34.40
CA LYS B 1001 -31.85 38.89 -34.26
C LYS B 1001 -32.45 39.02 -32.85
N PHE B 1002 -31.58 38.90 -31.84
CA PHE B 1002 -31.96 39.11 -30.45
C PHE B 1002 -32.75 40.42 -30.27
N MET B 1003 -32.19 41.52 -30.76
CA MET B 1003 -32.82 42.85 -30.61
C MET B 1003 -34.23 42.97 -31.24
N LYS B 1004 -34.53 42.11 -32.22
CA LYS B 1004 -35.84 42.08 -32.91
C LYS B 1004 -36.90 41.22 -32.20
N ASN B 1005 -36.47 40.48 -31.20
CA ASN B 1005 -37.33 39.50 -30.58
C ASN B 1005 -37.41 39.63 -29.07
N VAL B 1006 -36.48 40.39 -28.52
CA VAL B 1006 -36.46 40.66 -27.08
C VAL B 1006 -37.68 41.50 -26.70
N ASP B 1007 -38.23 41.22 -25.51
CA ASP B 1007 -39.35 41.96 -24.97
C ASP B 1007 -38.88 42.49 -23.62
N PHE B 1008 -38.38 43.73 -23.62
CA PHE B 1008 -37.81 44.33 -22.42
C PHE B 1008 -38.87 44.55 -21.35
N SER B 1009 -40.13 44.70 -21.77
CA SER B 1009 -41.24 44.87 -20.83
C SER B 1009 -41.55 43.62 -19.99
N LYS B 1010 -41.14 42.45 -20.50
CA LYS B 1010 -41.38 41.19 -19.82
C LYS B 1010 -40.30 40.84 -18.78
N LEU B 1011 -39.15 41.51 -18.87
CA LEU B 1011 -37.99 41.22 -18.03
C LEU B 1011 -38.23 41.60 -16.58
N SER B 1012 -37.68 40.79 -15.67
CA SER B 1012 -37.70 41.10 -14.24
C SER B 1012 -36.85 42.35 -13.93
N PRO B 1013 -37.16 43.06 -12.83
CA PRO B 1013 -36.34 44.19 -12.38
C PRO B 1013 -34.85 43.85 -12.27
N GLU B 1014 -34.53 42.65 -11.77
CA GLU B 1014 -33.15 42.18 -11.65
C GLU B 1014 -32.46 42.10 -13.02
N ALA B 1015 -33.15 41.50 -13.99
CA ALA B 1015 -32.64 41.39 -15.36
C ALA B 1015 -32.39 42.76 -16.00
N LEU B 1016 -33.34 43.68 -15.84
CA LEU B 1016 -33.20 45.03 -16.37
C LEU B 1016 -32.00 45.74 -15.75
N GLU B 1017 -31.84 45.60 -14.44
CA GLU B 1017 -30.70 46.17 -13.74
C GLU B 1017 -29.37 45.60 -14.25
N ALA B 1018 -29.33 44.28 -14.48
CA ALA B 1018 -28.13 43.64 -15.02
C ALA B 1018 -27.81 44.12 -16.43
N ILE B 1019 -28.83 44.33 -17.26
CA ILE B 1019 -28.62 44.88 -18.60
C ILE B 1019 -28.07 46.31 -18.53
N GLY B 1020 -28.63 47.14 -17.64
CA GLY B 1020 -28.14 48.50 -17.42
C GLY B 1020 -26.65 48.58 -17.07
N LYS B 1021 -26.18 47.63 -16.27
CA LYS B 1021 -24.77 47.58 -15.87
C LYS B 1021 -23.80 47.37 -17.04
N SER B 1022 -24.28 46.72 -18.11
CA SER B 1022 -23.48 46.49 -19.31
C SER B 1022 -23.66 47.57 -20.37
N ALA B 1023 -24.84 48.17 -20.42
CA ALA B 1023 -25.20 49.05 -21.55
C ALA B 1023 -25.13 50.55 -21.24
N LEU B 1024 -25.20 50.91 -19.96
CA LEU B 1024 -25.20 52.30 -19.54
C LEU B 1024 -23.99 52.63 -18.65
N GLU B 1025 -23.57 53.89 -18.67
CA GLU B 1025 -22.53 54.36 -17.75
C GLU B 1025 -23.12 54.45 -16.35
N TYR B 1026 -22.25 54.38 -15.34
CA TYR B 1026 -22.66 54.40 -13.94
C TYR B 1026 -23.68 55.50 -13.63
N ASP B 1027 -23.44 56.69 -14.18
CA ASP B 1027 -24.35 57.84 -14.09
C ASP B 1027 -25.80 57.47 -14.38
N GLN B 1028 -26.02 56.82 -15.53
CA GLN B 1028 -27.34 56.70 -16.13
C GLN B 1028 -28.21 55.56 -15.57
N ARG B 1029 -27.61 54.69 -14.76
CA ARG B 1029 -28.28 53.48 -14.29
C ARG B 1029 -29.40 53.72 -13.28
N GLU B 1030 -29.12 54.54 -12.26
CA GLU B 1030 -30.05 54.77 -11.14
C GLU B 1030 -31.49 55.03 -11.60
N ASN B 1031 -31.64 55.98 -12.50
CA ASN B 1031 -32.95 56.46 -12.92
C ASN B 1031 -33.33 56.04 -14.33
N ALA B 1032 -32.60 55.07 -14.88
CA ALA B 1032 -32.86 54.55 -16.21
C ALA B 1032 -34.27 53.95 -16.29
N THR B 1033 -35.02 54.35 -17.31
CA THR B 1033 -36.29 53.72 -17.62
C THR B 1033 -36.04 52.48 -18.48
N VAL B 1034 -37.08 51.68 -18.69
CA VAL B 1034 -37.01 50.54 -19.60
C VAL B 1034 -36.60 50.99 -21.02
N ASP B 1035 -37.15 52.12 -21.48
CA ASP B 1035 -36.79 52.67 -22.79
C ASP B 1035 -35.32 53.08 -22.86
N ASP B 1036 -34.81 53.69 -21.79
CA ASP B 1036 -33.39 54.04 -21.69
C ASP B 1036 -32.52 52.80 -21.89
N ILE B 1037 -32.89 51.71 -21.22
CA ILE B 1037 -32.12 50.48 -21.25
C ILE B 1037 -32.19 49.84 -22.65
N ALA B 1038 -33.39 49.76 -23.19
CA ALA B 1038 -33.59 49.25 -24.56
C ALA B 1038 -32.79 50.05 -25.59
N ASN B 1039 -32.83 51.38 -25.51
CA ASN B 1039 -32.08 52.25 -26.41
C ASN B 1039 -30.57 52.04 -26.32
N ALA B 1040 -30.10 51.83 -25.10
CA ALA B 1040 -28.68 51.58 -24.83
C ALA B 1040 -28.23 50.23 -25.38
N ALA B 1041 -29.07 49.21 -25.22
CA ALA B 1041 -28.81 47.89 -25.77
C ALA B 1041 -28.81 47.94 -27.30
N SER B 1042 -29.70 48.78 -27.85
CA SER B 1042 -29.76 48.98 -29.30
C SER B 1042 -28.50 49.62 -29.86
N LEU B 1043 -27.89 50.54 -29.11
CA LEU B 1043 -26.66 51.22 -29.54
C LEU B 1043 -25.49 50.26 -29.67
N ILE B 1044 -25.44 49.26 -28.78
CA ILE B 1044 -24.41 48.23 -28.83
C ILE B 1044 -24.48 47.44 -30.14
N GLU B 1045 -25.70 47.18 -30.63
CA GLU B 1045 -25.86 46.54 -31.94
C GLU B 1045 -25.19 47.35 -33.04
N ARG B 1046 -25.39 48.67 -33.01
CA ARG B 1046 -24.76 49.56 -33.99
C ARG B 1046 -23.23 49.52 -33.86
N ASN B 1047 -22.73 49.53 -32.61
CA ASN B 1047 -21.28 49.43 -32.35
C ASN B 1047 -20.70 48.15 -32.97
N LEU B 1048 -21.35 47.03 -32.67
CA LEU B 1048 -21.01 45.71 -33.25
C LEU B 1048 -20.97 45.74 -34.78
N ARG B 1049 -22.00 46.32 -35.40
CA ARG B 1049 -22.11 46.35 -36.85
C ARG B 1049 -20.90 47.03 -37.50
N ASN B 1050 -20.47 48.14 -36.89
CA ASN B 1050 -19.38 48.94 -37.42
C ASN B 1050 -18.01 48.29 -37.23
N ILE B 1051 -17.80 47.62 -36.09
CA ILE B 1051 -16.58 46.82 -35.89
C ILE B 1051 -16.50 45.71 -36.94
N ALA B 1052 -17.62 45.02 -37.13
CA ALA B 1052 -17.72 43.89 -38.05
C ALA B 1052 -17.41 44.29 -39.49
N LEU B 1053 -17.93 45.44 -39.91
CA LEU B 1053 -17.68 45.95 -41.25
C LEU B 1053 -16.19 46.24 -41.43
N GLY B 1054 -15.60 46.92 -40.45
CA GLY B 1054 -14.17 47.22 -40.43
C GLY B 1054 -13.31 45.98 -40.52
N VAL B 1055 -13.63 44.95 -39.73
CA VAL B 1055 -12.88 43.69 -39.76
C VAL B 1055 -12.94 43.06 -41.15
N ASP B 1056 -14.15 42.99 -41.72
CA ASP B 1056 -14.37 42.43 -43.06
C ASP B 1056 -13.47 43.09 -44.11
N ILE B 1057 -13.45 44.43 -44.11
CA ILE B 1057 -12.67 45.22 -45.08
C ILE B 1057 -11.16 44.99 -44.90
N ARG B 1058 -10.71 45.07 -43.64
CA ARG B 1058 -9.31 44.82 -43.30
C ARG B 1058 -8.84 43.47 -43.83
N HIS B 1059 -9.66 42.43 -43.63
CA HIS B 1059 -9.31 41.09 -44.10
C HIS B 1059 -9.29 41.00 -45.63
N LYS B 1060 -10.24 41.67 -46.28
CA LYS B 1060 -10.30 41.69 -47.75
C LYS B 1060 -9.11 42.41 -48.37
N VAL B 1061 -8.77 43.55 -47.78
CA VAL B 1061 -7.60 44.36 -48.16
C VAL B 1061 -6.30 43.56 -48.03
N LEU B 1062 -6.09 42.97 -46.85
CA LEU B 1062 -4.90 42.14 -46.59
C LEU B 1062 -4.74 41.01 -47.61
N ASP B 1063 -5.84 40.40 -48.01
CA ASP B 1063 -5.80 39.29 -48.96
C ASP B 1063 -5.36 39.72 -50.36
N LYS B 1064 -5.44 41.02 -50.64
CA LYS B 1064 -5.03 41.59 -51.92
C LYS B 1064 -3.54 41.86 -52.00
N VAL B 1065 -2.87 41.93 -50.85
CA VAL B 1065 -1.44 42.22 -50.81
C VAL B 1065 -0.60 40.95 -50.55
N ASN B 1066 0.69 41.04 -50.88
CA ASN B 1066 1.62 39.92 -50.75
C ASN B 1066 1.98 39.63 -49.29
N LEU B 1067 1.50 38.49 -48.80
CA LEU B 1067 1.69 38.08 -47.41
C LEU B 1067 2.42 36.76 -47.28
N SER B 1068 3.23 36.65 -46.23
CA SER B 1068 3.89 35.39 -45.85
C SER B 1068 3.53 35.12 -44.40
N ILE B 1069 2.99 33.93 -44.14
CA ILE B 1069 2.48 33.61 -42.80
C ILE B 1069 3.29 32.49 -42.14
N ASP B 1070 3.93 32.81 -41.01
CA ASP B 1070 4.70 31.83 -40.24
C ASP B 1070 4.40 31.99 -38.75
N GLN B 1071 3.14 31.78 -38.40
CA GLN B 1071 2.66 31.77 -37.01
C GLN B 1071 2.94 30.43 -36.33
N MET B 1072 2.77 29.33 -37.07
CA MET B 1072 3.03 27.99 -36.56
C MET B 1072 4.49 27.65 -36.84
N ALA B 1073 5.37 28.26 -36.05
CA ALA B 1073 6.78 28.37 -36.38
C ALA B 1073 7.67 27.25 -35.85
N ALA B 1074 8.84 27.15 -36.48
CA ALA B 1074 9.94 26.26 -36.12
C ALA B 1074 10.72 25.88 -37.38
N VAL B 1075 10.00 25.39 -38.38
CA VAL B 1075 10.58 24.73 -39.56
C VAL B 1075 11.06 25.74 -40.61
N GLY B 1076 10.39 26.90 -40.65
CA GLY B 1076 10.64 27.90 -41.68
C GLY B 1076 9.94 27.54 -42.98
N ALA B 1077 8.66 27.20 -42.88
CA ALA B 1077 7.83 26.84 -44.03
C ALA B 1077 6.56 27.68 -44.07
N PRO B 1078 6.71 28.97 -44.44
CA PRO B 1078 5.59 29.90 -44.37
C PRO B 1078 4.58 29.73 -45.50
N TYR B 1079 3.32 30.02 -45.22
CA TYR B 1079 2.29 30.00 -46.27
C TYR B 1079 2.24 31.34 -47.01
N GLN B 1080 2.25 31.28 -48.34
CA GLN B 1080 2.13 32.50 -49.17
C GLN B 1080 0.69 32.66 -49.68
N ASN B 1081 0.08 33.82 -49.45
CA ASN B 1081 -1.31 34.04 -49.89
C ASN B 1081 -1.40 34.43 -51.37
N ASN B 1082 -0.26 34.59 -52.02
CA ASN B 1082 -0.19 35.00 -53.43
C ASN B 1082 -1.10 36.18 -53.78
N GLY B 1083 -1.21 37.14 -52.87
CA GLY B 1083 -1.85 38.43 -53.15
C GLY B 1083 -0.94 39.20 -54.10
N LYS B 1084 -1.54 39.93 -55.03
CA LYS B 1084 -0.77 40.53 -56.14
C LYS B 1084 -0.21 41.93 -55.88
N ILE B 1085 -0.80 42.66 -54.94
CA ILE B 1085 -0.30 44.00 -54.63
C ILE B 1085 0.99 43.92 -53.82
N ASP B 1086 2.05 44.46 -54.40
CA ASP B 1086 3.40 44.32 -53.86
C ASP B 1086 3.76 45.47 -52.90
N LEU B 1087 3.87 45.13 -51.61
CA LEU B 1087 4.22 46.12 -50.58
C LEU B 1087 5.65 45.95 -50.02
N SER B 1088 6.53 45.32 -50.80
CA SER B 1088 7.94 45.18 -50.41
C SER B 1088 8.67 46.51 -50.54
N ASN B 1089 9.81 46.64 -49.86
CA ASN B 1089 10.62 47.86 -49.92
C ASN B 1089 9.83 49.12 -49.49
N MET B 1090 8.96 48.91 -48.50
CA MET B 1090 8.17 49.99 -47.88
C MET B 1090 8.30 49.88 -46.38
N THR B 1091 8.29 51.03 -45.70
CA THR B 1091 8.27 51.07 -44.24
C THR B 1091 6.86 50.71 -43.75
N PRO B 1092 6.73 50.33 -42.46
CA PRO B 1092 5.39 50.14 -41.86
C PRO B 1092 4.47 51.33 -42.06
N GLU B 1093 5.03 52.54 -41.99
CA GLU B 1093 4.28 53.79 -42.23
C GLU B 1093 3.71 53.85 -43.65
N GLN B 1094 4.54 53.52 -44.64
CA GLN B 1094 4.13 53.53 -46.05
C GLN B 1094 3.16 52.40 -46.34
N GLN B 1095 3.37 51.26 -45.68
CA GLN B 1095 2.49 50.12 -45.84
C GLN B 1095 1.09 50.45 -45.33
N ALA B 1096 1.04 51.04 -44.13
CA ALA B 1096 -0.22 51.53 -43.56
C ALA B 1096 -0.97 52.47 -44.50
N ASP B 1097 -0.26 53.44 -45.07
CA ASP B 1097 -0.87 54.38 -46.02
C ASP B 1097 -1.50 53.67 -47.21
N GLU B 1098 -0.76 52.74 -47.81
CA GLU B 1098 -1.26 51.98 -48.95
C GLU B 1098 -2.44 51.09 -48.57
N LEU B 1099 -2.36 50.42 -47.43
CA LEU B 1099 -3.45 49.58 -46.95
C LEU B 1099 -4.73 50.39 -46.69
N ASN B 1100 -4.57 51.59 -46.13
CA ASN B 1100 -5.72 52.46 -45.90
C ASN B 1100 -6.33 53.04 -47.19
N LYS B 1101 -5.50 53.25 -48.20
CA LYS B 1101 -6.01 53.63 -49.52
C LYS B 1101 -6.91 52.51 -50.06
N LEU B 1102 -6.42 51.28 -49.96
CA LEU B 1102 -7.19 50.09 -50.33
C LEU B 1102 -8.45 49.92 -49.47
N PHE B 1103 -8.35 50.26 -48.19
CA PHE B 1103 -9.49 50.23 -47.25
C PHE B 1103 -10.58 51.16 -47.76
N ARG B 1104 -10.19 52.40 -48.07
CA ARG B 1104 -11.12 53.40 -48.61
C ARG B 1104 -11.71 52.98 -49.95
N GLU B 1105 -10.87 52.40 -50.80
CA GLU B 1105 -11.31 51.86 -52.08
C GLU B 1105 -12.37 50.79 -51.89
N GLU B 1106 -12.10 49.86 -50.97
CA GLU B 1106 -12.96 48.71 -50.74
C GLU B 1106 -14.34 49.12 -50.24
N LEU B 1107 -14.37 50.06 -49.31
CA LEU B 1107 -15.60 50.61 -48.76
C LEU B 1107 -16.41 51.33 -49.83
N GLU B 1108 -15.71 51.95 -50.77
CA GLU B 1108 -16.34 52.66 -51.89
C GLU B 1108 -16.89 51.69 -52.93
N ALA B 1109 -16.14 50.62 -53.20
CA ALA B 1109 -16.59 49.55 -54.09
C ALA B 1109 -17.90 48.91 -53.60
N ARG B 1110 -18.26 49.21 -52.35
CA ARG B 1110 -19.50 48.73 -51.74
C ARG B 1110 -20.61 49.77 -51.89
#